data_8YA2
#
_entry.id   8YA2
#
_cell.length_a   1.00
_cell.length_b   1.00
_cell.length_c   1.00
_cell.angle_alpha   90.00
_cell.angle_beta   90.00
_cell.angle_gamma   90.00
#
_symmetry.space_group_name_H-M   'P 1'
#
loop_
_entity.id
_entity.type
_entity.pdbx_description
1 polymer 'Protein translocase subunit SecA'
2 polymer 'Protein translocase subunit SecY'
3 polymer 'Protein translocase subunit SecE'
4 polymer 'Cell division protein FtsQ,Lactose permease'
5 polymer Nanobody
6 polymer 'Green fluorescent protein'
7 non-polymer 'MAGNESIUM ION'
8 non-polymer 'BERYLLIUM TRIFLUORIDE ION'
9 non-polymer "ADENOSINE-5'-DIPHOSPHATE"
#
loop_
_entity_poly.entity_id
_entity_poly.type
_entity_poly.pdbx_seq_one_letter_code
_entity_poly.pdbx_strand_id
1 'polypeptide(L)'
;MLGILNKMFDPTKRTLNRYEKIANDIDAIRGDYENLSDDALKHKTIEFKERLEKGATTDDLLVEAFAVVREASRRVTGMF
PFKVQLMGGVALHDGNIAEMKTGEGKTLTSTLPVYLNALTGKGVHVVTVNEYLASRDAEQMGKIFEFLGLTVGLNLNSMS
KDEKREAYAADITYSTNNELGFDYLRDNMVLYKEQMVQRPLHFAVIDEVDSILIDEARTPLIISGQAAKSTKLYVQANAF
VRTLKAEKDYTYDIKTKAVQLTEEGMTKAEKAFGIDNLFDVKHVALNHHINQALKAHVAMQKDVDYVVEDGQVVIVDSFT
GRLMKGRRYSEGLHQAIEAKEGLEIQNESMTLATITFQNYFRMYEKLAGMTGTAKTEEEEFRNIYNMQVVTIPTNRPVVR
DDRPDLIYRTMEGKFKAVAEDVAQRYMTGQPVLVGTVAVETSELISKLLKNKGIPHQVLNAKNHEREAQIIEEAGQKGAV
TIATNMAGRGTDIKLGEGVKELGGLAVVGTERHESRRIDNQLRGRSGRQGDPGITQFYLSMEDELMRRFGAERTMAMLDR
FGMDDSTPIQSKMVSRAVESSQKRVEGNNFDSRKQLLQYDDVLRQQREVIYKQRFEVIDSENLREIVENMIKSSLERAIA
AYTPREELPEEWKLDGLVDLINTTYLDEGALEKSDIFGKEPDEMLELIMDRIITKYNEKEEQFGKEQMREFEKVIVLRAV
DSKWMDHIDAMDQLRQGIHLRAYAQTNPLREYQMEGFAMFEHMIESIEDEVAKFVMKA
;
A
2 'polypeptide(L)'
;MFRTISNFMRVSDIRNKIIFTLLMLIVFRIGTFIPVPSVNTDVLKLQDQLNAFGVLNIFCGGALQNFSIFAMGVMPYITA
SIIVQLLQMDVVPKFAEWSKQGEMGRRKLAQFTRYFTIVLGFIQALGMSYGFNNLAGGMLIQNPGIGTYLLIAVVLTAGT
AFLMWLGEQITAKGVGNGISIIIFAGIVSGIPTILNQIYAQTFENVGEDLTLNIVRLLLVALAVVAVIVGVIYIQQAFRK
IPIQYAKRLEGRNPVGGHSTHLPLKVNPAGVIPVIFAVSFLIAPPTIASFFGTNDVTLWIRRTFDYTHPVGMTIYVVLII
AFTYFYAFVQVNPEQMADNLKKQGGYIPGIRPGKNTQEYVTRILYRLTLVGSLFLAFIAVLPVFFVNFANLPPSAQIGGT
SLLIVVGVALETMKQLESQLVKRHYRGFIK
;
Y
3 'polypeptide(L)' MQRVTNFFKEVVRELKKVSWPNRKELVNYTAVVLATVAFFTVFFAVIDLGISQLIRLVFEGGHHHHHHHH E
4 'polypeptide(L)'
;MAKKTILFLLTVLTTVLVSGWVVLGAQYEDGSSGVVILKTLHMFCVPFLLVGAFSNADTSISGDGDSPHSYHSGDGDKLP
EGV
;
B
5 'polypeptide(L)'
;VALVESGGALVQPGGSLRLSCAASGFPVNRYSMRWYRQAPGKEREWVAGMSSAGDRSSYEDSVKGRFTISRDDARNTVYL
QMNSLKPEDTAVYYCNVNVGFEYWGQGTQVTVSS
;
C
6 'polypeptide(L)'
;KGEELFTGVVPILVELDGDVNGHKFSVSGEGEGDATYGKLTLKFICTTGKLPVPWPTLVTTF(GYS)VQCFSRYPDHMKR
HDFFKSAMPEGYVQERTISFKDDGNYKTRAEVKFEGDTLVNRIELKGIDFKEDGNILGHKLEYNYNSHNVYITADKQKNG
IKANFKIRHNIEDGSVQLADHYQQNTPIGDGPVLLPDNHYLSTQSALSKDPNEKRDHMVLLEFVTAAGI
;
G
#
loop_
_chem_comp.id
_chem_comp.type
_chem_comp.name
_chem_comp.formula
ADP non-polymer ADENOSINE-5'-DIPHOSPHATE 'C10 H15 N5 O10 P2'
BEF non-polymer 'BERYLLIUM TRIFLUORIDE ION' 'Be F3 -1'
MG non-polymer 'MAGNESIUM ION' 'Mg 2'
#
# COMPACT_ATOMS: atom_id res chain seq x y z
N ARG A 14 -24.71 -3.43 -35.86
CA ARG A 14 -25.42 -3.61 -34.60
C ARG A 14 -25.56 -5.09 -34.26
N THR A 15 -25.02 -5.47 -33.10
CA THR A 15 -25.00 -6.88 -32.69
C THR A 15 -26.36 -7.38 -32.24
N LEU A 16 -27.32 -6.48 -32.00
CA LEU A 16 -28.65 -6.90 -31.55
C LEU A 16 -29.37 -7.71 -32.62
N ASN A 17 -29.17 -7.36 -33.89
CA ASN A 17 -29.77 -8.16 -34.97
C ASN A 17 -29.12 -9.53 -35.06
N ARG A 18 -27.82 -9.62 -34.78
CA ARG A 18 -27.15 -10.91 -34.72
C ARG A 18 -27.71 -11.77 -33.60
N TYR A 19 -27.93 -11.17 -32.44
CA TYR A 19 -28.50 -11.91 -31.31
C TYR A 19 -29.95 -12.31 -31.61
N GLU A 20 -30.68 -11.45 -32.33
CA GLU A 20 -32.07 -11.75 -32.66
C GLU A 20 -32.18 -12.90 -33.65
N LYS A 21 -31.33 -12.91 -34.68
CA LYS A 21 -31.37 -14.02 -35.63
C LYS A 21 -30.85 -15.31 -35.00
N ILE A 22 -29.93 -15.19 -34.04
CA ILE A 22 -29.53 -16.36 -33.24
C ILE A 22 -30.71 -16.92 -32.47
N ALA A 23 -31.50 -16.03 -31.84
CA ALA A 23 -32.69 -16.47 -31.11
C ALA A 23 -33.75 -17.08 -32.04
N ASN A 24 -33.85 -16.57 -33.26
CA ASN A 24 -34.75 -17.17 -34.25
C ASN A 24 -34.30 -18.59 -34.60
N ASP A 25 -32.98 -18.78 -34.72
CA ASP A 25 -32.45 -20.14 -34.91
C ASP A 25 -32.73 -21.03 -33.71
N ILE A 26 -32.68 -20.45 -32.50
CA ILE A 26 -32.98 -21.20 -31.28
C ILE A 26 -34.44 -21.68 -31.30
N ASP A 27 -35.36 -20.81 -31.71
CA ASP A 27 -36.75 -21.20 -31.83
C ASP A 27 -36.95 -22.24 -32.94
N ALA A 28 -36.17 -22.14 -34.02
CA ALA A 28 -36.25 -23.12 -35.10
C ALA A 28 -35.85 -24.51 -34.63
N ILE A 29 -34.76 -24.61 -33.86
CA ILE A 29 -34.36 -25.92 -33.35
C ILE A 29 -35.22 -26.32 -32.15
N ARG A 30 -35.91 -25.36 -31.51
CA ARG A 30 -36.93 -25.70 -30.53
C ARG A 30 -38.12 -26.37 -31.20
N GLY A 31 -38.37 -26.03 -32.46
CA GLY A 31 -39.52 -26.59 -33.18
C GLY A 31 -39.53 -28.10 -33.31
N ASP A 32 -38.36 -28.74 -33.29
CA ASP A 32 -38.30 -30.18 -33.40
C ASP A 32 -37.70 -30.90 -32.19
N TYR A 33 -37.14 -30.17 -31.22
CA TYR A 33 -36.60 -30.80 -30.03
C TYR A 33 -37.66 -31.19 -29.02
N GLU A 34 -38.91 -30.81 -29.23
CA GLU A 34 -39.95 -31.03 -28.23
C GLU A 34 -40.34 -32.50 -28.12
N ASN A 35 -40.33 -33.23 -29.23
CA ASN A 35 -40.78 -34.62 -29.23
C ASN A 35 -39.72 -35.59 -28.73
N LEU A 36 -38.59 -35.11 -28.24
CA LEU A 36 -37.55 -35.98 -27.71
C LEU A 36 -37.97 -36.49 -26.33
N SER A 37 -37.82 -37.79 -26.12
CA SER A 37 -38.14 -38.41 -24.86
C SER A 37 -37.00 -38.20 -23.87
N ASP A 38 -37.19 -38.68 -22.65
CA ASP A 38 -36.18 -38.54 -21.62
C ASP A 38 -35.04 -39.53 -21.86
N ASP A 39 -33.95 -39.32 -21.11
CA ASP A 39 -32.69 -40.06 -21.06
C ASP A 39 -31.86 -39.91 -22.32
N ALA A 40 -32.35 -39.24 -23.36
CA ALA A 40 -31.52 -38.82 -24.46
C ALA A 40 -30.91 -37.44 -24.22
N LEU A 41 -31.48 -36.67 -23.29
CA LEU A 41 -30.94 -35.37 -22.94
C LEU A 41 -29.58 -35.52 -22.28
N LYS A 42 -29.47 -36.42 -21.30
CA LYS A 42 -28.18 -36.74 -20.69
C LYS A 42 -27.27 -37.39 -21.71
N HIS A 43 -27.84 -38.22 -22.60
CA HIS A 43 -27.08 -38.75 -23.72
C HIS A 43 -26.65 -37.65 -24.68
N LYS A 44 -27.47 -36.60 -24.84
CA LYS A 44 -27.04 -35.45 -25.63
C LYS A 44 -25.90 -34.69 -24.97
N THR A 45 -25.90 -34.61 -23.64
CA THR A 45 -24.78 -34.00 -22.92
C THR A 45 -23.49 -34.80 -23.12
N ILE A 46 -23.60 -36.12 -23.04
CA ILE A 46 -22.45 -37.00 -23.28
C ILE A 46 -21.97 -36.86 -24.73
N GLU A 47 -22.91 -36.76 -25.67
CA GLU A 47 -22.59 -36.57 -27.08
C GLU A 47 -21.89 -35.24 -27.32
N PHE A 48 -22.34 -34.18 -26.63
CA PHE A 48 -21.68 -32.89 -26.73
C PHE A 48 -20.27 -32.94 -26.16
N LYS A 49 -20.09 -33.66 -25.05
CA LYS A 49 -18.77 -33.76 -24.44
C LYS A 49 -17.79 -34.52 -25.34
N GLU A 50 -18.25 -35.58 -25.99
CA GLU A 50 -17.34 -36.29 -26.89
C GLU A 50 -17.15 -35.55 -28.22
N ARG A 51 -18.18 -34.87 -28.72
CA ARG A 51 -18.06 -34.13 -29.96
C ARG A 51 -17.26 -32.85 -29.81
N LEU A 52 -17.10 -32.36 -28.59
CA LEU A 52 -16.42 -31.09 -28.38
C LEU A 52 -14.94 -31.19 -28.69
N GLU A 53 -14.27 -32.22 -28.17
CA GLU A 53 -12.82 -32.28 -28.29
C GLU A 53 -12.33 -32.77 -29.63
N LYS A 54 -13.22 -33.25 -30.51
CA LYS A 54 -12.82 -33.72 -31.83
C LYS A 54 -12.29 -32.57 -32.68
N GLY A 55 -13.16 -31.65 -33.07
CA GLY A 55 -12.74 -30.46 -33.78
C GLY A 55 -13.58 -29.24 -33.46
N ALA A 56 -14.56 -29.40 -32.57
CA ALA A 56 -15.57 -28.39 -32.36
C ALA A 56 -15.11 -27.35 -31.34
N THR A 57 -15.65 -26.15 -31.47
CA THR A 57 -15.46 -25.07 -30.52
C THR A 57 -16.75 -24.82 -29.77
N THR A 58 -16.73 -23.81 -28.91
CA THR A 58 -17.92 -23.46 -28.14
C THR A 58 -18.97 -22.83 -29.04
N ASP A 59 -18.55 -21.99 -30.00
CA ASP A 59 -19.51 -21.32 -30.86
C ASP A 59 -20.11 -22.24 -31.90
N ASP A 60 -19.46 -23.37 -32.19
CA ASP A 60 -20.04 -24.32 -33.13
C ASP A 60 -21.22 -25.06 -32.52
N LEU A 61 -21.14 -25.38 -31.22
CA LEU A 61 -22.18 -26.10 -30.52
C LEU A 61 -23.13 -25.15 -29.78
N LEU A 62 -23.35 -23.95 -30.32
CA LEU A 62 -24.12 -22.95 -29.60
C LEU A 62 -25.62 -23.25 -29.65
N VAL A 63 -26.14 -23.45 -30.85
CA VAL A 63 -27.59 -23.48 -31.06
C VAL A 63 -28.21 -24.72 -30.46
N GLU A 64 -27.57 -25.88 -30.67
CA GLU A 64 -28.12 -27.13 -30.16
C GLU A 64 -28.07 -27.18 -28.64
N ALA A 65 -27.02 -26.61 -28.04
CA ALA A 65 -26.92 -26.59 -26.59
C ALA A 65 -27.95 -25.67 -25.96
N PHE A 66 -28.17 -24.48 -26.56
CA PHE A 66 -29.20 -23.60 -26.03
C PHE A 66 -30.59 -24.19 -26.21
N ALA A 67 -30.83 -24.87 -27.33
CA ALA A 67 -32.13 -25.51 -27.54
C ALA A 67 -32.34 -26.67 -26.56
N VAL A 68 -31.31 -27.45 -26.28
CA VAL A 68 -31.50 -28.60 -25.40
C VAL A 68 -31.61 -28.14 -23.94
N VAL A 69 -30.96 -27.03 -23.58
CA VAL A 69 -31.15 -26.56 -22.21
C VAL A 69 -32.50 -25.85 -22.07
N ARG A 70 -33.03 -25.30 -23.16
CA ARG A 70 -34.40 -24.78 -23.16
C ARG A 70 -35.40 -25.92 -22.97
N GLU A 71 -35.18 -27.04 -23.67
CA GLU A 71 -36.03 -28.20 -23.53
C GLU A 71 -35.94 -28.81 -22.13
N ALA A 72 -34.73 -28.80 -21.56
CA ALA A 72 -34.54 -29.30 -20.20
C ALA A 72 -35.25 -28.42 -19.18
N SER A 73 -35.23 -27.10 -19.39
CA SER A 73 -35.93 -26.19 -18.51
C SER A 73 -37.44 -26.41 -18.57
N ARG A 74 -37.97 -26.66 -19.77
CA ARG A 74 -39.38 -27.00 -19.93
C ARG A 74 -39.72 -28.29 -19.21
N ARG A 75 -38.87 -29.30 -19.32
CA ARG A 75 -39.18 -30.59 -18.70
C ARG A 75 -39.01 -30.56 -17.19
N VAL A 76 -38.11 -29.73 -16.66
CA VAL A 76 -37.83 -29.76 -15.23
C VAL A 76 -38.65 -28.71 -14.49
N THR A 77 -38.46 -27.43 -14.82
CA THR A 77 -39.05 -26.39 -13.98
C THR A 77 -40.29 -25.75 -14.58
N GLY A 78 -40.61 -26.02 -15.84
CA GLY A 78 -41.80 -25.48 -16.45
C GLY A 78 -41.71 -24.02 -16.84
N MET A 79 -40.57 -23.37 -16.64
CA MET A 79 -40.39 -21.97 -17.02
C MET A 79 -39.70 -21.95 -18.38
N PHE A 80 -40.50 -21.80 -19.42
CA PHE A 80 -39.99 -21.73 -20.79
C PHE A 80 -39.30 -20.38 -20.99
N PRO A 81 -38.02 -20.36 -21.35
CA PRO A 81 -37.35 -19.07 -21.60
C PRO A 81 -37.91 -18.35 -22.82
N PHE A 82 -37.96 -17.04 -22.73
CA PHE A 82 -38.51 -16.20 -23.80
C PHE A 82 -37.45 -15.95 -24.85
N LYS A 83 -37.77 -15.10 -25.82
CA LYS A 83 -36.82 -14.77 -26.88
C LYS A 83 -35.65 -13.96 -26.33
N VAL A 84 -35.92 -13.02 -25.42
CA VAL A 84 -34.90 -12.11 -24.95
C VAL A 84 -33.88 -12.80 -24.06
N GLN A 85 -34.29 -13.87 -23.37
CA GLN A 85 -33.36 -14.59 -22.50
C GLN A 85 -32.31 -15.33 -23.32
N LEU A 86 -32.68 -15.78 -24.52
CA LEU A 86 -31.69 -16.38 -25.41
C LEU A 86 -30.69 -15.34 -25.90
N MET A 87 -31.17 -14.11 -26.15
CA MET A 87 -30.28 -13.01 -26.50
C MET A 87 -29.31 -12.69 -25.36
N GLY A 88 -29.82 -12.70 -24.13
CA GLY A 88 -28.95 -12.49 -22.99
C GLY A 88 -27.93 -13.60 -22.81
N GLY A 89 -28.34 -14.84 -23.08
CA GLY A 89 -27.41 -15.95 -22.96
C GLY A 89 -26.31 -15.90 -23.99
N VAL A 90 -26.66 -15.60 -25.24
CA VAL A 90 -25.62 -15.51 -26.27
C VAL A 90 -24.77 -14.26 -26.07
N ALA A 91 -25.31 -13.21 -25.42
CA ALA A 91 -24.46 -12.07 -25.07
C ALA A 91 -23.50 -12.43 -23.96
N LEU A 92 -23.95 -13.24 -22.99
CA LEU A 92 -23.08 -13.68 -21.92
C LEU A 92 -22.04 -14.69 -22.40
N HIS A 93 -22.27 -15.36 -23.52
CA HIS A 93 -21.26 -16.26 -24.04
C HIS A 93 -20.07 -15.50 -24.62
N ASP A 94 -20.32 -14.37 -25.27
CA ASP A 94 -19.25 -13.66 -25.94
C ASP A 94 -18.34 -12.87 -25.00
N GLY A 95 -18.71 -12.75 -23.73
CA GLY A 95 -17.91 -11.98 -22.81
C GLY A 95 -18.32 -10.53 -22.66
N ASN A 96 -19.57 -10.19 -22.93
CA ASN A 96 -20.06 -8.84 -22.78
C ASN A 96 -21.13 -8.80 -21.68
N ILE A 97 -21.20 -7.66 -21.01
CA ILE A 97 -22.20 -7.45 -19.98
C ILE A 97 -23.56 -7.30 -20.62
N ALA A 98 -24.50 -8.15 -20.22
CA ALA A 98 -25.85 -8.17 -20.78
C ALA A 98 -26.78 -7.52 -19.76
N GLU A 99 -26.97 -6.21 -19.88
CA GLU A 99 -27.81 -5.49 -18.96
C GLU A 99 -29.27 -5.75 -19.29
N MET A 100 -29.95 -6.46 -18.40
CA MET A 100 -31.38 -6.69 -18.49
C MET A 100 -32.06 -5.98 -17.33
N LYS A 101 -33.28 -5.52 -17.55
CA LYS A 101 -33.98 -4.81 -16.49
C LYS A 101 -34.41 -5.78 -15.39
N THR A 102 -34.73 -5.21 -14.23
CA THR A 102 -34.98 -6.01 -13.04
C THR A 102 -36.27 -6.81 -13.17
N GLY A 103 -36.24 -8.04 -12.67
CA GLY A 103 -37.41 -8.88 -12.73
C GLY A 103 -37.71 -9.45 -14.10
N GLU A 104 -36.72 -9.52 -14.98
CA GLU A 104 -36.92 -10.07 -16.32
C GLU A 104 -36.51 -11.52 -16.43
N GLY A 105 -36.29 -12.20 -15.30
CA GLY A 105 -35.90 -13.59 -15.33
C GLY A 105 -34.49 -13.79 -15.84
N LYS A 106 -33.51 -13.32 -15.08
CA LYS A 106 -32.13 -13.42 -15.50
C LYS A 106 -31.46 -14.73 -15.10
N THR A 107 -32.09 -15.53 -14.24
CA THR A 107 -31.43 -16.71 -13.72
C THR A 107 -31.26 -17.81 -14.77
N LEU A 108 -32.31 -18.08 -15.55
CA LEU A 108 -32.18 -19.03 -16.65
C LEU A 108 -31.25 -18.50 -17.73
N THR A 109 -31.25 -17.18 -17.91
CA THR A 109 -30.27 -16.52 -18.76
C THR A 109 -28.86 -16.72 -18.25
N SER A 110 -28.68 -16.90 -16.95
CA SER A 110 -27.38 -17.33 -16.47
C SER A 110 -27.15 -18.81 -16.70
N THR A 111 -28.20 -19.64 -16.70
CA THR A 111 -28.01 -21.08 -16.87
C THR A 111 -27.56 -21.45 -18.27
N LEU A 112 -27.93 -20.63 -19.27
CA LEU A 112 -27.58 -20.98 -20.65
C LEU A 112 -26.07 -21.02 -20.92
N PRO A 113 -25.29 -19.93 -20.74
CA PRO A 113 -23.88 -20.03 -21.12
C PRO A 113 -23.01 -20.78 -20.12
N VAL A 114 -23.49 -20.99 -18.89
CA VAL A 114 -22.72 -21.86 -18.00
C VAL A 114 -22.96 -23.32 -18.31
N TYR A 115 -24.07 -23.66 -18.96
CA TYR A 115 -24.16 -25.02 -19.51
C TYR A 115 -23.32 -25.12 -20.77
N LEU A 116 -23.23 -24.05 -21.55
CA LEU A 116 -22.41 -24.09 -22.76
C LEU A 116 -20.93 -24.24 -22.43
N ASN A 117 -20.42 -23.45 -21.50
CA ASN A 117 -18.99 -23.38 -21.27
C ASN A 117 -18.45 -24.43 -20.33
N ALA A 118 -19.30 -25.15 -19.60
CA ALA A 118 -18.79 -26.15 -18.67
C ALA A 118 -18.65 -27.52 -19.31
N LEU A 119 -18.93 -27.65 -20.61
CA LEU A 119 -18.74 -28.94 -21.27
C LEU A 119 -17.29 -29.26 -21.48
N THR A 120 -16.40 -28.26 -21.46
CA THR A 120 -14.97 -28.51 -21.55
C THR A 120 -14.44 -29.23 -20.32
N GLY A 121 -15.04 -28.98 -19.15
CA GLY A 121 -14.59 -29.57 -17.91
C GLY A 121 -13.62 -28.74 -17.12
N LYS A 122 -13.39 -27.48 -17.50
CA LYS A 122 -12.46 -26.64 -16.76
C LYS A 122 -13.05 -26.22 -15.42
N GLY A 123 -14.30 -25.77 -15.42
CA GLY A 123 -14.92 -25.27 -14.21
C GLY A 123 -15.42 -23.86 -14.39
N VAL A 124 -16.68 -23.62 -14.07
CA VAL A 124 -17.33 -22.33 -14.29
C VAL A 124 -17.87 -21.84 -12.96
N HIS A 125 -17.47 -20.63 -12.58
CA HIS A 125 -17.87 -20.05 -11.31
C HIS A 125 -19.04 -19.10 -11.54
N VAL A 126 -20.11 -19.29 -10.79
CA VAL A 126 -21.24 -18.37 -10.79
C VAL A 126 -21.19 -17.59 -9.49
N VAL A 127 -20.99 -16.29 -9.60
CA VAL A 127 -20.74 -15.43 -8.45
C VAL A 127 -21.91 -14.48 -8.28
N THR A 128 -22.32 -14.26 -7.04
CA THR A 128 -23.35 -13.29 -6.73
C THR A 128 -22.96 -12.58 -5.44
N VAL A 129 -23.89 -11.81 -4.89
CA VAL A 129 -23.55 -10.87 -3.82
C VAL A 129 -23.49 -11.57 -2.47
N ASN A 130 -24.62 -12.11 -2.02
CA ASN A 130 -24.70 -12.61 -0.65
C ASN A 130 -25.03 -14.09 -0.64
N GLU A 131 -25.28 -14.60 0.57
CA GLU A 131 -25.32 -16.04 0.78
C GLU A 131 -26.66 -16.65 0.37
N TYR A 132 -27.76 -16.02 0.80
CA TYR A 132 -29.09 -16.60 0.58
C TYR A 132 -29.47 -16.63 -0.89
N LEU A 133 -29.12 -15.57 -1.61
CA LEU A 133 -29.35 -15.53 -3.05
C LEU A 133 -28.54 -16.60 -3.76
N ALA A 134 -27.30 -16.81 -3.31
CA ALA A 134 -26.46 -17.86 -3.86
C ALA A 134 -27.04 -19.24 -3.62
N SER A 135 -27.56 -19.48 -2.41
CA SER A 135 -28.12 -20.78 -2.10
C SER A 135 -29.41 -21.04 -2.87
N ARG A 136 -30.24 -20.00 -3.05
CA ARG A 136 -31.49 -20.15 -3.80
C ARG A 136 -31.21 -20.47 -5.26
N ASP A 137 -30.31 -19.71 -5.88
CA ASP A 137 -29.94 -19.99 -7.26
C ASP A 137 -29.24 -21.34 -7.38
N ALA A 138 -28.47 -21.72 -6.37
CA ALA A 138 -27.79 -23.02 -6.38
C ALA A 138 -28.77 -24.17 -6.36
N GLU A 139 -29.80 -24.10 -5.51
CA GLU A 139 -30.73 -25.22 -5.45
C GLU A 139 -31.62 -25.29 -6.69
N GLN A 140 -32.07 -24.14 -7.21
CA GLN A 140 -32.92 -24.18 -8.40
C GLN A 140 -32.14 -24.64 -9.64
N MET A 141 -30.97 -24.07 -9.87
CA MET A 141 -30.23 -24.50 -11.05
C MET A 141 -29.50 -25.81 -10.84
N GLY A 142 -29.37 -26.30 -9.62
CA GLY A 142 -28.92 -27.66 -9.39
C GLY A 142 -30.01 -28.64 -9.76
N LYS A 143 -31.27 -28.27 -9.48
CA LYS A 143 -32.38 -29.08 -9.96
C LYS A 143 -32.46 -29.08 -11.48
N ILE A 144 -32.07 -27.98 -12.12
CA ILE A 144 -32.02 -27.97 -13.58
C ILE A 144 -30.86 -28.82 -14.09
N PHE A 145 -29.65 -28.57 -13.58
CA PHE A 145 -28.45 -29.15 -14.17
C PHE A 145 -28.24 -30.62 -13.84
N GLU A 146 -28.73 -31.08 -12.68
CA GLU A 146 -28.57 -32.48 -12.33
C GLU A 146 -29.39 -33.40 -13.21
N PHE A 147 -30.45 -32.87 -13.83
CA PHE A 147 -31.17 -33.60 -14.86
C PHE A 147 -30.31 -33.78 -16.10
N LEU A 148 -29.45 -32.81 -16.40
CA LEU A 148 -28.58 -32.92 -17.57
C LEU A 148 -27.42 -33.87 -17.34
N GLY A 149 -26.92 -33.96 -16.11
CA GLY A 149 -25.84 -34.85 -15.79
C GLY A 149 -24.55 -34.19 -15.34
N LEU A 150 -24.55 -32.89 -15.10
CA LEU A 150 -23.37 -32.22 -14.57
C LEU A 150 -23.39 -32.25 -13.05
N THR A 151 -22.32 -31.74 -12.45
CA THR A 151 -22.19 -31.68 -11.00
C THR A 151 -22.17 -30.23 -10.55
N VAL A 152 -23.07 -29.87 -9.64
CA VAL A 152 -23.18 -28.52 -9.13
C VAL A 152 -22.81 -28.52 -7.66
N GLY A 153 -21.84 -27.69 -7.29
CA GLY A 153 -21.41 -27.61 -5.92
C GLY A 153 -21.58 -26.23 -5.33
N LEU A 154 -22.46 -26.12 -4.34
CA LEU A 154 -22.66 -24.85 -3.65
C LEU A 154 -21.50 -24.60 -2.70
N ASN A 155 -20.84 -23.46 -2.87
CA ASN A 155 -19.80 -23.04 -1.94
C ASN A 155 -20.43 -22.17 -0.87
N LEU A 156 -19.95 -22.30 0.35
CA LEU A 156 -20.47 -21.56 1.49
C LEU A 156 -19.35 -20.72 2.12
N ASN A 157 -19.68 -20.08 3.23
CA ASN A 157 -18.69 -19.35 4.01
C ASN A 157 -18.06 -20.21 5.09
N SER A 158 -18.82 -21.11 5.70
CA SER A 158 -18.38 -21.86 6.86
C SER A 158 -18.23 -23.34 6.54
N MET A 159 -17.67 -23.66 5.38
CA MET A 159 -17.40 -25.03 5.04
C MET A 159 -15.99 -25.43 5.49
N SER A 160 -15.68 -26.71 5.37
CA SER A 160 -14.35 -27.19 5.68
C SER A 160 -13.44 -26.97 4.46
N LYS A 161 -12.17 -27.33 4.61
CA LYS A 161 -11.27 -27.27 3.46
C LYS A 161 -11.62 -28.35 2.44
N ASP A 162 -11.96 -29.54 2.91
CA ASP A 162 -12.29 -30.63 2.01
C ASP A 162 -13.63 -30.40 1.34
N GLU A 163 -14.57 -29.76 2.03
CA GLU A 163 -15.84 -29.41 1.41
C GLU A 163 -15.67 -28.38 0.31
N LYS A 164 -14.80 -27.39 0.52
CA LYS A 164 -14.48 -26.43 -0.54
C LYS A 164 -13.76 -27.10 -1.70
N ARG A 165 -12.88 -28.06 -1.38
CA ARG A 165 -12.17 -28.79 -2.42
C ARG A 165 -13.13 -29.63 -3.26
N GLU A 166 -14.13 -30.22 -2.61
CA GLU A 166 -15.14 -30.97 -3.35
C GLU A 166 -16.06 -30.05 -4.13
N ALA A 167 -16.32 -28.84 -3.63
CA ALA A 167 -17.17 -27.90 -4.32
C ALA A 167 -16.52 -27.38 -5.59
N TYR A 168 -15.26 -26.96 -5.50
CA TYR A 168 -14.56 -26.49 -6.70
C TYR A 168 -14.17 -27.63 -7.64
N ALA A 169 -14.26 -28.88 -7.19
CA ALA A 169 -14.04 -30.02 -8.07
C ALA A 169 -15.21 -30.26 -9.01
N ALA A 170 -16.37 -29.67 -8.72
CA ALA A 170 -17.54 -29.88 -9.55
C ALA A 170 -17.45 -29.04 -10.82
N ASP A 171 -18.49 -29.14 -11.65
CA ASP A 171 -18.50 -28.39 -12.90
C ASP A 171 -18.87 -26.93 -12.67
N ILE A 172 -19.91 -26.68 -11.87
CA ILE A 172 -20.43 -25.34 -11.65
C ILE A 172 -20.39 -25.07 -10.15
N THR A 173 -19.75 -23.97 -9.77
CA THR A 173 -19.58 -23.60 -8.36
C THR A 173 -20.31 -22.30 -8.09
N TYR A 174 -21.45 -22.38 -7.42
CA TYR A 174 -22.12 -21.18 -6.94
C TYR A 174 -21.43 -20.71 -5.68
N SER A 175 -21.09 -19.41 -5.64
CA SER A 175 -20.38 -18.87 -4.50
C SER A 175 -20.60 -17.36 -4.46
N THR A 176 -20.28 -16.78 -3.32
CA THR A 176 -20.24 -15.33 -3.21
C THR A 176 -18.86 -14.83 -3.62
N ASN A 177 -18.72 -13.51 -3.72
CA ASN A 177 -17.44 -12.94 -4.12
C ASN A 177 -16.43 -12.97 -2.98
N ASN A 178 -16.90 -12.83 -1.74
CA ASN A 178 -15.99 -12.86 -0.60
C ASN A 178 -15.35 -14.23 -0.44
N GLU A 179 -16.11 -15.29 -0.64
CA GLU A 179 -15.55 -16.63 -0.48
C GLU A 179 -14.61 -16.98 -1.61
N LEU A 180 -14.90 -16.54 -2.83
CA LEU A 180 -13.98 -16.78 -3.94
C LEU A 180 -12.68 -16.02 -3.77
N GLY A 181 -12.78 -14.75 -3.33
CA GLY A 181 -11.58 -13.97 -3.09
C GLY A 181 -10.74 -14.54 -1.96
N PHE A 182 -11.39 -14.95 -0.86
CA PHE A 182 -10.63 -15.48 0.26
C PHE A 182 -10.09 -16.87 -0.04
N ASP A 183 -10.74 -17.63 -0.93
CA ASP A 183 -10.19 -18.92 -1.30
C ASP A 183 -9.00 -18.78 -2.23
N TYR A 184 -9.02 -17.80 -3.14
CA TYR A 184 -7.80 -17.54 -3.92
C TYR A 184 -6.68 -17.02 -3.03
N LEU A 185 -7.01 -16.19 -2.04
CA LEU A 185 -5.97 -15.59 -1.23
C LEU A 185 -5.39 -16.58 -0.21
N ARG A 186 -6.21 -17.50 0.30
CA ARG A 186 -5.71 -18.60 1.11
C ARG A 186 -5.15 -19.72 0.26
N ASP A 187 -5.32 -19.66 -1.06
CA ASP A 187 -4.68 -20.61 -1.94
C ASP A 187 -3.21 -20.29 -2.19
N ASN A 188 -2.70 -19.18 -1.69
CA ASN A 188 -1.29 -18.84 -1.82
C ASN A 188 -0.66 -18.59 -0.46
N MET A 189 -1.10 -19.34 0.54
CA MET A 189 -0.39 -19.45 1.82
C MET A 189 -0.24 -20.91 2.19
N VAL A 190 -0.10 -21.75 1.21
CA VAL A 190 -0.11 -23.20 1.38
C VAL A 190 1.31 -23.70 1.63
N LEU A 191 1.43 -24.71 2.48
CA LEU A 191 2.68 -25.40 2.73
C LEU A 191 2.77 -26.72 1.99
N TYR A 192 1.87 -26.95 1.03
CA TYR A 192 1.81 -28.19 0.29
C TYR A 192 1.25 -27.89 -1.09
N LYS A 193 0.81 -28.92 -1.80
CA LYS A 193 0.05 -28.75 -3.02
C LYS A 193 -1.35 -29.36 -2.96
N GLU A 194 -1.53 -30.44 -2.18
CA GLU A 194 -2.84 -31.05 -2.07
C GLU A 194 -3.80 -30.22 -1.23
N GLN A 195 -3.28 -29.32 -0.40
CA GLN A 195 -4.14 -28.43 0.37
C GLN A 195 -4.66 -27.25 -0.44
N MET A 196 -4.27 -27.13 -1.70
CA MET A 196 -4.89 -26.16 -2.59
C MET A 196 -6.35 -26.52 -2.82
N VAL A 197 -7.19 -25.50 -2.94
CA VAL A 197 -8.62 -25.70 -3.03
C VAL A 197 -9.20 -25.38 -4.40
N GLN A 198 -8.53 -24.57 -5.21
CA GLN A 198 -9.09 -24.13 -6.47
C GLN A 198 -8.49 -24.86 -7.65
N ARG A 199 -9.24 -24.88 -8.73
CA ARG A 199 -8.77 -25.32 -10.03
C ARG A 199 -8.12 -24.14 -10.74
N PRO A 200 -7.53 -24.35 -11.92
CA PRO A 200 -7.18 -23.20 -12.77
C PRO A 200 -8.41 -22.40 -13.15
N LEU A 201 -8.22 -21.09 -13.27
CA LEU A 201 -9.32 -20.15 -13.44
C LEU A 201 -9.74 -20.10 -14.90
N HIS A 202 -11.02 -20.32 -15.16
CA HIS A 202 -11.51 -20.39 -16.53
C HIS A 202 -12.58 -19.36 -16.85
N PHE A 203 -13.62 -19.24 -16.02
CA PHE A 203 -14.81 -18.53 -16.43
C PHE A 203 -15.56 -18.05 -15.19
N ALA A 204 -16.21 -16.89 -15.30
CA ALA A 204 -16.87 -16.31 -14.13
C ALA A 204 -18.08 -15.50 -14.60
N VAL A 205 -19.26 -16.11 -14.52
CA VAL A 205 -20.51 -15.40 -14.79
C VAL A 205 -20.95 -14.71 -13.50
N ILE A 206 -20.95 -13.40 -13.49
CA ILE A 206 -21.28 -12.64 -12.30
C ILE A 206 -22.71 -12.16 -12.37
N ASP A 207 -23.40 -12.17 -11.24
CA ASP A 207 -24.65 -11.45 -11.09
C ASP A 207 -24.38 -10.17 -10.32
N GLU A 208 -25.18 -9.15 -10.60
CA GLU A 208 -25.07 -7.81 -10.01
C GLU A 208 -23.66 -7.25 -10.17
N VAL A 209 -23.29 -7.08 -11.45
CA VAL A 209 -21.94 -6.64 -11.79
C VAL A 209 -21.71 -5.21 -11.34
N ASP A 210 -22.77 -4.40 -11.31
CA ASP A 210 -22.68 -3.03 -10.83
C ASP A 210 -22.19 -2.97 -9.38
N SER A 211 -22.80 -3.78 -8.51
CA SER A 211 -22.43 -3.78 -7.10
C SER A 211 -21.02 -4.30 -6.89
N ILE A 212 -20.72 -5.47 -7.46
CA ILE A 212 -19.46 -6.16 -7.20
C ILE A 212 -18.29 -5.39 -7.80
N LEU A 213 -18.40 -4.99 -9.06
CA LEU A 213 -17.26 -4.37 -9.72
C LEU A 213 -17.31 -2.85 -9.73
N ILE A 214 -18.30 -2.21 -9.11
CA ILE A 214 -18.33 -0.76 -9.06
C ILE A 214 -18.47 -0.31 -7.61
N ASP A 215 -19.47 -0.86 -6.91
CA ASP A 215 -19.78 -0.35 -5.58
C ASP A 215 -18.78 -0.86 -4.55
N GLU A 216 -18.71 -2.17 -4.35
CA GLU A 216 -17.79 -2.75 -3.39
C GLU A 216 -16.49 -3.20 -4.04
N ALA A 217 -16.13 -2.60 -5.17
CA ALA A 217 -14.79 -2.72 -5.69
C ALA A 217 -13.83 -1.75 -5.01
N ARG A 218 -14.37 -0.84 -4.19
CA ARG A 218 -13.54 0.10 -3.45
C ARG A 218 -12.74 -0.59 -2.37
N THR A 219 -13.39 -1.42 -1.58
CA THR A 219 -12.73 -2.06 -0.44
C THR A 219 -11.95 -3.28 -0.91
N PRO A 220 -10.67 -3.39 -0.60
CA PRO A 220 -9.91 -4.59 -0.95
C PRO A 220 -10.14 -5.69 0.07
N LEU A 221 -9.60 -6.86 -0.23
CA LEU A 221 -9.70 -8.03 0.63
C LEU A 221 -8.41 -8.21 1.41
N ILE A 222 -8.54 -8.37 2.73
CA ILE A 222 -7.39 -8.53 3.62
C ILE A 222 -7.60 -9.81 4.40
N ILE A 223 -6.54 -10.60 4.54
CA ILE A 223 -6.49 -11.71 5.48
C ILE A 223 -5.46 -11.36 6.55
N SER A 224 -5.83 -11.55 7.82
CA SER A 224 -4.93 -11.22 8.91
C SER A 224 -4.90 -12.32 9.94
N GLY A 225 -3.70 -12.61 10.45
CA GLY A 225 -3.55 -13.44 11.62
C GLY A 225 -3.39 -12.62 12.89
N GLN A 226 -3.55 -13.30 14.02
CA GLN A 226 -3.57 -12.62 15.31
C GLN A 226 -2.15 -12.37 15.81
N ALA A 227 -1.90 -11.14 16.25
CA ALA A 227 -0.62 -10.73 16.79
C ALA A 227 -0.71 -10.61 18.31
N ALA A 228 0.31 -10.02 18.92
CA ALA A 228 0.37 -9.82 20.35
C ALA A 228 -0.72 -8.86 20.82
N LYS A 229 -1.09 -8.99 22.09
CA LYS A 229 -2.23 -8.26 22.65
C LYS A 229 -1.75 -7.26 23.70
N SER A 230 -2.21 -6.02 23.58
CA SER A 230 -2.03 -4.99 24.59
C SER A 230 -3.39 -4.56 25.11
N THR A 231 -3.43 -4.07 26.33
CA THR A 231 -4.75 -3.83 26.93
C THR A 231 -4.89 -2.44 27.55
N LYS A 232 -3.84 -1.92 28.20
CA LYS A 232 -3.99 -0.79 29.11
C LYS A 232 -4.35 0.50 28.39
N LEU A 233 -3.78 0.70 27.19
CA LEU A 233 -3.99 1.93 26.44
C LEU A 233 -5.44 2.07 26.00
N TYR A 234 -6.10 0.97 25.63
CA TYR A 234 -7.48 1.03 25.16
C TYR A 234 -8.43 1.47 26.26
N VAL A 235 -8.31 0.86 27.44
CA VAL A 235 -9.23 1.19 28.52
C VAL A 235 -8.94 2.59 29.08
N GLN A 236 -7.65 2.98 29.12
CA GLN A 236 -7.32 4.34 29.55
C GLN A 236 -7.85 5.38 28.59
N ALA A 237 -7.70 5.14 27.28
CA ALA A 237 -8.24 6.05 26.29
C ALA A 237 -9.76 6.08 26.31
N ASN A 238 -10.40 4.94 26.60
CA ASN A 238 -11.85 4.92 26.70
C ASN A 238 -12.36 5.75 27.86
N ALA A 239 -11.66 5.69 29.00
CA ALA A 239 -12.03 6.52 30.14
C ALA A 239 -11.84 8.00 29.83
N PHE A 240 -10.72 8.35 29.21
CA PHE A 240 -10.43 9.75 28.88
C PHE A 240 -11.43 10.30 27.87
N VAL A 241 -11.80 9.49 26.88
CA VAL A 241 -12.77 9.92 25.88
C VAL A 241 -14.16 10.01 26.50
N ARG A 242 -14.47 9.14 27.46
CA ARG A 242 -15.75 9.23 28.14
C ARG A 242 -15.86 10.48 29.00
N THR A 243 -14.75 11.01 29.50
CA THR A 243 -14.78 12.33 30.15
C THR A 243 -14.24 13.37 29.18
N LEU A 244 -15.09 13.80 28.24
CA LEU A 244 -14.61 14.77 27.24
C LEU A 244 -15.54 15.90 26.86
N LYS A 245 -16.76 15.99 27.41
CA LYS A 245 -17.66 17.16 27.31
C LYS A 245 -18.13 17.47 25.88
N ALA A 246 -17.86 16.61 24.90
CA ALA A 246 -18.39 16.64 23.53
C ALA A 246 -17.90 17.83 22.71
N GLU A 247 -18.81 18.76 22.39
CA GLU A 247 -18.60 19.75 21.33
C GLU A 247 -17.46 20.71 21.61
N LYS A 248 -17.23 21.05 22.87
CA LYS A 248 -16.19 22.01 23.20
C LYS A 248 -14.79 21.42 23.02
N ASP A 249 -14.59 20.13 23.27
CA ASP A 249 -13.24 19.59 23.33
C ASP A 249 -12.82 18.81 22.10
N TYR A 250 -13.75 18.34 21.27
CA TYR A 250 -13.39 17.77 19.98
C TYR A 250 -14.33 18.27 18.91
N THR A 251 -13.78 18.53 17.74
CA THR A 251 -14.62 18.84 16.59
C THR A 251 -15.08 17.54 15.95
N TYR A 252 -16.23 17.62 15.28
CA TYR A 252 -16.74 16.51 14.48
C TYR A 252 -17.27 17.10 13.18
N ASP A 253 -16.44 17.08 12.15
CA ASP A 253 -16.93 17.38 10.82
C ASP A 253 -17.88 16.29 10.36
N ILE A 254 -19.00 16.71 9.78
CA ILE A 254 -19.97 15.75 9.27
C ILE A 254 -19.85 15.58 7.76
N LYS A 255 -19.06 16.41 7.08
CA LYS A 255 -18.85 16.23 5.64
C LYS A 255 -18.06 14.96 5.35
N THR A 256 -17.11 14.62 6.21
CA THR A 256 -16.49 13.30 6.19
C THR A 256 -16.33 12.86 7.64
N LYS A 257 -16.49 11.56 7.87
CA LYS A 257 -16.51 11.07 9.24
C LYS A 257 -15.11 11.08 9.85
N ALA A 258 -14.80 12.16 10.56
CA ALA A 258 -13.51 12.27 11.24
C ALA A 258 -13.69 13.16 12.46
N VAL A 259 -12.80 12.96 13.44
CA VAL A 259 -12.82 13.75 14.67
C VAL A 259 -11.38 14.10 15.04
N GLN A 260 -11.18 15.32 15.52
CA GLN A 260 -9.89 15.73 16.05
C GLN A 260 -10.11 16.50 17.33
N LEU A 261 -9.09 16.47 18.18
CA LEU A 261 -9.13 17.26 19.40
C LEU A 261 -8.89 18.73 19.10
N THR A 262 -9.52 19.59 19.89
CA THR A 262 -9.20 21.01 19.84
C THR A 262 -8.02 21.28 20.78
N GLU A 263 -7.59 22.55 20.82
CA GLU A 263 -6.44 22.94 21.63
C GLU A 263 -6.69 22.71 23.12
N GLU A 264 -7.89 23.05 23.59
CA GLU A 264 -8.26 22.78 24.97
C GLU A 264 -8.33 21.28 25.24
N GLY A 265 -8.79 20.50 24.26
CA GLY A 265 -8.75 19.07 24.39
C GLY A 265 -7.34 18.52 24.47
N MET A 266 -6.41 19.14 23.74
CA MET A 266 -5.01 18.73 23.83
C MET A 266 -4.43 19.04 25.20
N THR A 267 -4.79 20.20 25.77
CA THR A 267 -4.31 20.52 27.11
C THR A 267 -4.89 19.56 28.14
N LYS A 268 -6.16 19.20 28.01
CA LYS A 268 -6.76 18.24 28.94
C LYS A 268 -6.15 16.85 28.77
N ALA A 269 -5.80 16.48 27.54
CA ALA A 269 -5.14 15.20 27.29
C ALA A 269 -3.75 15.18 27.91
N GLU A 270 -3.00 16.27 27.78
CA GLU A 270 -1.65 16.30 28.33
C GLU A 270 -1.67 16.37 29.86
N LYS A 271 -2.67 17.01 30.44
CA LYS A 271 -2.76 17.04 31.89
C LYS A 271 -3.41 15.79 32.47
N ALA A 272 -4.05 14.96 31.63
CA ALA A 272 -4.68 13.74 32.14
C ALA A 272 -3.64 12.64 32.32
N PHE A 273 -2.85 12.37 31.29
CA PHE A 273 -1.86 11.30 31.34
C PHE A 273 -0.56 11.71 31.99
N GLY A 274 -0.41 12.98 32.37
CA GLY A 274 0.78 13.43 33.06
C GLY A 274 1.98 13.67 32.17
N ILE A 275 1.84 13.59 30.86
CA ILE A 275 2.95 13.83 29.96
C ILE A 275 3.03 15.32 29.66
N ASP A 276 4.18 15.75 29.16
CA ASP A 276 4.41 17.16 28.88
C ASP A 276 3.87 17.55 27.50
N ASN A 277 4.23 16.79 26.47
CA ASN A 277 3.81 17.07 25.10
C ASN A 277 3.11 15.84 24.54
N LEU A 278 1.93 16.07 23.95
CA LEU A 278 1.21 14.96 23.33
C LEU A 278 1.87 14.51 22.04
N PHE A 279 2.29 15.47 21.21
CA PHE A 279 2.75 15.17 19.86
C PHE A 279 4.25 14.92 19.78
N ASP A 280 4.87 14.52 20.88
CA ASP A 280 6.26 14.07 20.82
C ASP A 280 6.33 12.71 20.13
N VAL A 281 7.51 12.41 19.57
CA VAL A 281 7.69 11.16 18.84
C VAL A 281 7.70 9.96 19.78
N LYS A 282 7.95 10.16 21.08
CA LYS A 282 7.88 9.04 22.02
C LYS A 282 6.45 8.65 22.33
N HIS A 283 5.51 9.58 22.18
CA HIS A 283 4.12 9.36 22.57
C HIS A 283 3.22 9.18 21.35
N VAL A 284 3.74 8.53 20.31
CA VAL A 284 2.95 8.29 19.12
C VAL A 284 1.87 7.24 19.40
N ALA A 285 2.17 6.26 20.27
CA ALA A 285 1.22 5.21 20.56
C ALA A 285 0.03 5.72 21.37
N LEU A 286 0.29 6.60 22.34
CA LEU A 286 -0.79 7.16 23.15
C LEU A 286 -1.71 8.03 22.30
N ASN A 287 -1.13 8.84 21.42
CA ASN A 287 -1.92 9.68 20.54
C ASN A 287 -2.74 8.84 19.56
N HIS A 288 -2.15 7.76 19.04
CA HIS A 288 -2.87 6.88 18.13
C HIS A 288 -4.05 6.21 18.83
N HIS A 289 -3.84 5.77 20.07
CA HIS A 289 -4.93 5.14 20.81
C HIS A 289 -6.02 6.14 21.16
N ILE A 290 -5.64 7.38 21.49
CA ILE A 290 -6.63 8.42 21.79
C ILE A 290 -7.46 8.72 20.56
N ASN A 291 -6.81 8.85 19.40
CA ASN A 291 -7.52 9.16 18.16
C ASN A 291 -8.45 8.03 17.74
N GLN A 292 -7.98 6.78 17.87
CA GLN A 292 -8.82 5.65 17.48
C GLN A 292 -10.00 5.48 18.45
N ALA A 293 -9.79 5.71 19.75
CA ALA A 293 -10.88 5.62 20.70
C ALA A 293 -11.90 6.73 20.46
N LEU A 294 -11.43 7.92 20.10
CA LEU A 294 -12.34 9.02 19.80
C LEU A 294 -13.17 8.72 18.56
N LYS A 295 -12.55 8.16 17.53
CA LYS A 295 -13.29 7.81 16.32
C LYS A 295 -14.28 6.69 16.57
N ALA A 296 -13.91 5.72 17.41
CA ALA A 296 -14.83 4.65 17.75
C ALA A 296 -15.98 5.14 18.61
N HIS A 297 -15.74 6.16 19.43
CA HIS A 297 -16.77 6.64 20.33
C HIS A 297 -17.72 7.64 19.70
N VAL A 298 -17.30 8.35 18.66
CA VAL A 298 -18.10 9.41 18.06
C VAL A 298 -18.62 9.02 16.68
N ALA A 299 -17.73 8.62 15.77
CA ALA A 299 -18.11 8.42 14.38
C ALA A 299 -18.96 7.17 14.20
N MET A 300 -18.55 6.06 14.82
CA MET A 300 -19.25 4.79 14.64
C MET A 300 -20.42 4.76 15.60
N GLN A 301 -21.63 4.96 15.08
CA GLN A 301 -22.81 4.80 15.91
C GLN A 301 -23.04 3.32 16.19
N LYS A 302 -23.84 3.05 17.23
CA LYS A 302 -23.85 1.72 17.83
C LYS A 302 -24.51 0.69 16.92
N ASP A 303 -25.70 1.00 16.42
CA ASP A 303 -26.44 0.05 15.60
C ASP A 303 -26.49 0.45 14.13
N VAL A 304 -25.75 1.46 13.72
CA VAL A 304 -25.69 1.80 12.31
C VAL A 304 -24.52 1.09 11.61
N ASP A 305 -23.48 0.74 12.35
CA ASP A 305 -22.31 0.17 11.72
C ASP A 305 -21.82 -1.11 12.36
N TYR A 306 -22.36 -1.53 13.49
CA TYR A 306 -22.01 -2.82 14.07
C TYR A 306 -23.19 -3.29 14.91
N VAL A 307 -23.04 -4.45 15.53
CA VAL A 307 -24.00 -4.99 16.49
C VAL A 307 -23.22 -5.59 17.65
N VAL A 308 -23.94 -6.12 18.63
CA VAL A 308 -23.34 -6.80 19.76
C VAL A 308 -23.93 -8.19 19.84
N GLU A 309 -23.09 -9.21 19.66
CA GLU A 309 -23.52 -10.61 19.66
C GLU A 309 -22.59 -11.40 20.56
N ASP A 310 -23.13 -11.89 21.68
CA ASP A 310 -22.48 -12.83 22.59
C ASP A 310 -21.17 -12.30 23.16
N GLY A 311 -21.10 -10.99 23.36
CA GLY A 311 -19.87 -10.36 23.80
C GLY A 311 -18.93 -9.98 22.69
N GLN A 312 -19.19 -10.42 21.46
CA GLN A 312 -18.36 -10.02 20.33
C GLN A 312 -19.00 -8.83 19.61
N VAL A 313 -18.19 -8.20 18.76
CA VAL A 313 -18.65 -7.11 17.91
C VAL A 313 -18.57 -7.59 16.48
N VAL A 314 -19.72 -7.63 15.81
CA VAL A 314 -19.82 -8.03 14.43
C VAL A 314 -20.16 -6.79 13.61
N ILE A 315 -19.36 -6.50 12.60
CA ILE A 315 -19.60 -5.33 11.79
C ILE A 315 -20.66 -5.62 10.74
N VAL A 316 -21.34 -4.57 10.30
CA VAL A 316 -22.43 -4.68 9.34
C VAL A 316 -21.98 -4.04 8.03
N ASP A 317 -21.96 -4.83 6.96
CA ASP A 317 -21.50 -4.33 5.68
C ASP A 317 -22.46 -3.32 5.10
N SER A 318 -21.92 -2.24 4.55
CA SER A 318 -22.77 -1.18 4.03
C SER A 318 -23.40 -1.56 2.70
N PHE A 319 -22.70 -2.36 1.90
CA PHE A 319 -23.14 -2.60 0.54
C PHE A 319 -24.22 -3.68 0.48
N THR A 320 -23.91 -4.87 0.98
CA THR A 320 -24.91 -5.92 0.93
C THR A 320 -25.92 -5.82 2.06
N GLY A 321 -25.58 -5.13 3.15
CA GLY A 321 -26.50 -4.98 4.26
C GLY A 321 -26.42 -6.06 5.30
N ARG A 322 -25.76 -7.17 5.01
CA ARG A 322 -25.67 -8.26 5.96
C ARG A 322 -24.57 -8.00 6.97
N LEU A 323 -24.40 -8.95 7.88
CA LEU A 323 -23.32 -8.93 8.85
C LEU A 323 -22.40 -10.10 8.58
N MET A 324 -21.11 -9.84 8.54
CA MET A 324 -20.11 -10.85 8.25
C MET A 324 -19.35 -11.20 9.51
N LYS A 325 -19.51 -12.45 9.96
CA LYS A 325 -19.06 -12.90 11.26
C LYS A 325 -17.55 -12.97 11.39
N GLY A 326 -16.81 -12.96 10.30
CA GLY A 326 -15.37 -13.11 10.37
C GLY A 326 -14.57 -11.83 10.46
N ARG A 327 -15.06 -10.75 9.86
CA ARG A 327 -14.24 -9.60 9.50
C ARG A 327 -14.33 -8.52 10.57
N ARG A 328 -13.27 -8.36 11.36
CA ARG A 328 -13.13 -7.22 12.24
C ARG A 328 -12.57 -6.04 11.47
N TYR A 329 -12.45 -4.91 12.16
CA TYR A 329 -11.84 -3.72 11.59
C TYR A 329 -10.33 -3.82 11.64
N SER A 330 -9.66 -2.76 11.22
CA SER A 330 -8.21 -2.70 11.21
C SER A 330 -7.74 -1.58 12.12
N GLU A 331 -6.41 -1.48 12.24
CA GLU A 331 -5.71 -0.37 12.88
C GLU A 331 -6.10 -0.18 14.34
N GLY A 332 -6.52 -1.25 15.00
CA GLY A 332 -6.93 -1.15 16.38
C GLY A 332 -8.27 -0.48 16.62
N LEU A 333 -9.02 -0.18 15.55
CA LEU A 333 -10.33 0.43 15.71
C LEU A 333 -11.31 -0.57 16.31
N HIS A 334 -11.20 -1.84 15.94
CA HIS A 334 -12.10 -2.86 16.45
C HIS A 334 -11.89 -3.10 17.93
N GLN A 335 -10.64 -3.00 18.39
CA GLN A 335 -10.37 -3.14 19.82
C GLN A 335 -10.97 -2.00 20.63
N ALA A 336 -10.97 -0.78 20.07
CA ALA A 336 -11.61 0.33 20.76
C ALA A 336 -13.12 0.18 20.80
N ILE A 337 -13.71 -0.41 19.77
CA ILE A 337 -15.14 -0.68 19.79
C ILE A 337 -15.45 -1.75 20.84
N GLU A 338 -14.59 -2.76 20.97
CA GLU A 338 -14.77 -3.76 22.01
C GLU A 338 -14.60 -3.15 23.40
N ALA A 339 -13.70 -2.18 23.54
CA ALA A 339 -13.53 -1.49 24.81
C ALA A 339 -14.62 -0.47 25.08
N LYS A 340 -15.41 -0.10 24.07
CA LYS A 340 -16.50 0.83 24.27
C LYS A 340 -17.61 0.23 25.12
N GLU A 341 -17.84 -1.08 25.01
CA GLU A 341 -18.93 -1.72 25.73
C GLU A 341 -18.42 -2.70 26.78
N GLY A 342 -17.15 -2.60 27.17
CA GLY A 342 -16.62 -3.44 28.22
C GLY A 342 -16.47 -4.89 27.87
N LEU A 343 -16.36 -5.22 26.59
CA LEU A 343 -16.26 -6.60 26.17
C LEU A 343 -14.82 -7.08 26.32
N GLU A 344 -14.62 -8.38 26.07
CA GLU A 344 -13.29 -8.97 26.20
C GLU A 344 -12.44 -8.56 25.01
N ILE A 345 -11.46 -7.70 25.26
CA ILE A 345 -10.57 -7.24 24.21
C ILE A 345 -9.66 -8.38 23.78
N GLN A 346 -9.52 -8.58 22.48
CA GLN A 346 -8.81 -9.72 21.93
C GLN A 346 -7.56 -9.25 21.20
N ASN A 347 -6.95 -10.17 20.47
CA ASN A 347 -5.64 -9.96 19.86
C ASN A 347 -5.69 -8.91 18.75
N GLU A 348 -4.50 -8.48 18.34
CA GLU A 348 -4.35 -7.44 17.34
C GLU A 348 -4.05 -8.07 15.99
N SER A 349 -4.43 -7.36 14.93
CA SER A 349 -4.36 -7.88 13.57
C SER A 349 -2.98 -7.67 12.98
N MET A 350 -2.69 -8.46 11.94
CA MET A 350 -1.42 -8.35 11.21
C MET A 350 -1.65 -8.85 9.79
N THR A 351 -1.43 -7.96 8.81
CA THR A 351 -1.81 -8.23 7.43
C THR A 351 -0.96 -9.32 6.81
N LEU A 352 -1.62 -10.32 6.22
CA LEU A 352 -0.91 -11.41 5.58
C LEU A 352 -0.91 -11.33 4.06
N ALA A 353 -2.02 -10.92 3.45
CA ALA A 353 -2.08 -10.80 2.00
C ALA A 353 -3.15 -9.78 1.64
N THR A 354 -3.08 -9.28 0.42
CA THR A 354 -3.94 -8.17 0.02
C THR A 354 -4.23 -8.26 -1.46
N ILE A 355 -5.52 -8.27 -1.81
CA ILE A 355 -5.93 -8.24 -3.20
C ILE A 355 -7.24 -7.44 -3.29
N THR A 356 -7.40 -6.73 -4.40
CA THR A 356 -8.65 -6.06 -4.71
C THR A 356 -9.48 -6.92 -5.64
N PHE A 357 -10.73 -6.52 -5.84
CA PHE A 357 -11.61 -7.29 -6.70
C PHE A 357 -11.31 -7.13 -8.18
N GLN A 358 -10.79 -5.96 -8.57
CA GLN A 358 -10.52 -5.69 -9.98
C GLN A 358 -9.44 -6.59 -10.53
N ASN A 359 -8.33 -6.73 -9.80
CA ASN A 359 -7.24 -7.57 -10.28
C ASN A 359 -7.61 -9.04 -10.24
N TYR A 360 -8.34 -9.45 -9.19
CA TYR A 360 -8.74 -10.83 -9.06
C TYR A 360 -9.70 -11.25 -10.16
N PHE A 361 -10.70 -10.42 -10.47
CA PHE A 361 -11.58 -10.77 -11.57
C PHE A 361 -10.94 -10.49 -12.92
N ARG A 362 -9.85 -9.73 -12.97
CA ARG A 362 -9.13 -9.59 -14.22
C ARG A 362 -8.20 -10.76 -14.50
N MET A 363 -7.90 -11.57 -13.49
CA MET A 363 -7.15 -12.80 -13.74
C MET A 363 -7.99 -13.90 -14.38
N TYR A 364 -9.31 -13.73 -14.47
CA TYR A 364 -10.19 -14.86 -14.77
C TYR A 364 -10.20 -15.28 -16.22
N GLU A 365 -9.55 -14.52 -17.11
CA GLU A 365 -9.17 -14.89 -18.48
C GLU A 365 -10.36 -14.95 -19.46
N LYS A 366 -11.58 -15.01 -18.94
CA LYS A 366 -12.82 -14.85 -19.70
C LYS A 366 -13.97 -14.65 -18.71
N LEU A 367 -14.71 -13.56 -18.82
CA LEU A 367 -15.82 -13.36 -17.90
C LEU A 367 -16.90 -12.53 -18.58
N ALA A 368 -18.10 -12.62 -18.02
CA ALA A 368 -19.25 -11.84 -18.47
C ALA A 368 -20.22 -11.77 -17.31
N GLY A 369 -21.15 -10.84 -17.40
CA GLY A 369 -22.09 -10.74 -16.30
C GLY A 369 -23.33 -9.92 -16.53
N MET A 370 -24.47 -10.51 -16.25
CA MET A 370 -25.73 -9.79 -16.29
C MET A 370 -25.84 -8.88 -15.08
N THR A 371 -26.71 -7.89 -15.19
CA THR A 371 -26.86 -6.87 -14.16
C THR A 371 -28.26 -6.27 -14.28
N GLY A 372 -28.48 -5.17 -13.58
CA GLY A 372 -29.75 -4.48 -13.74
C GLY A 372 -29.66 -3.04 -14.24
N THR A 373 -28.62 -2.32 -13.85
CA THR A 373 -28.59 -0.88 -14.07
C THR A 373 -27.19 -0.38 -14.43
N ALA A 374 -26.50 -1.07 -15.34
CA ALA A 374 -25.11 -0.74 -15.61
C ALA A 374 -24.93 0.22 -16.77
N LYS A 375 -26.00 0.82 -17.30
CA LYS A 375 -25.87 1.71 -18.44
C LYS A 375 -25.14 3.00 -18.08
N THR A 376 -25.18 3.39 -16.82
CA THR A 376 -24.48 4.60 -16.38
C THR A 376 -22.96 4.40 -16.37
N GLU A 377 -22.50 3.18 -16.12
CA GLU A 377 -21.08 2.90 -15.94
C GLU A 377 -20.48 2.14 -17.11
N GLU A 378 -21.02 2.34 -18.31
CA GLU A 378 -20.54 1.59 -19.48
C GLU A 378 -19.14 2.03 -19.88
N GLU A 379 -18.80 3.31 -19.69
CA GLU A 379 -17.43 3.73 -20.02
C GLU A 379 -16.43 3.19 -19.00
N GLU A 380 -16.85 2.96 -17.76
CA GLU A 380 -15.95 2.38 -16.78
C GLU A 380 -15.76 0.90 -17.02
N PHE A 381 -16.82 0.22 -17.47
CA PHE A 381 -16.65 -1.16 -17.90
C PHE A 381 -15.81 -1.26 -19.16
N ARG A 382 -15.83 -0.23 -20.01
CA ARG A 382 -14.99 -0.22 -21.20
C ARG A 382 -13.53 -0.01 -20.83
N ASN A 383 -13.25 0.89 -19.90
CA ASN A 383 -11.86 1.28 -19.64
C ASN A 383 -11.09 0.22 -18.87
N ILE A 384 -11.75 -0.51 -17.98
CA ILE A 384 -11.04 -1.35 -17.03
C ILE A 384 -11.04 -2.81 -17.46
N TYR A 385 -12.24 -3.40 -17.60
CA TYR A 385 -12.36 -4.83 -17.81
C TYR A 385 -12.48 -5.21 -19.27
N ASN A 386 -12.37 -4.24 -20.18
CA ASN A 386 -12.42 -4.45 -21.64
C ASN A 386 -13.73 -5.09 -22.09
N MET A 387 -14.84 -4.60 -21.57
CA MET A 387 -16.16 -5.13 -21.90
C MET A 387 -17.11 -3.99 -22.23
N GLN A 388 -18.13 -4.29 -23.02
CA GLN A 388 -19.15 -3.32 -23.37
C GLN A 388 -20.52 -3.83 -22.91
N VAL A 389 -21.46 -2.91 -22.77
CA VAL A 389 -22.75 -3.18 -22.15
C VAL A 389 -23.80 -3.29 -23.24
N VAL A 390 -24.27 -4.51 -23.49
CA VAL A 390 -25.29 -4.76 -24.50
C VAL A 390 -26.65 -4.58 -23.85
N THR A 391 -27.37 -3.53 -24.25
CA THR A 391 -28.73 -3.35 -23.78
C THR A 391 -29.63 -4.38 -24.45
N ILE A 392 -30.66 -4.81 -23.73
CA ILE A 392 -31.50 -5.92 -24.18
C ILE A 392 -32.97 -5.56 -23.96
N PRO A 393 -33.87 -5.87 -24.92
CA PRO A 393 -35.30 -5.52 -24.76
C PRO A 393 -35.99 -6.27 -23.64
N THR A 394 -37.28 -5.98 -23.44
CA THR A 394 -37.96 -6.36 -22.21
C THR A 394 -39.04 -7.42 -22.36
N ASN A 395 -39.47 -7.73 -23.60
CA ASN A 395 -40.48 -8.74 -23.98
C ASN A 395 -41.90 -8.40 -23.53
N ARG A 396 -42.07 -7.36 -22.72
CA ARG A 396 -43.36 -6.88 -22.23
C ARG A 396 -43.18 -5.48 -21.66
N PRO A 397 -44.12 -4.56 -21.87
CA PRO A 397 -43.94 -3.19 -21.40
C PRO A 397 -43.98 -3.08 -19.88
N VAL A 398 -43.19 -2.15 -19.38
CA VAL A 398 -43.07 -1.93 -17.93
C VAL A 398 -44.28 -1.15 -17.45
N VAL A 399 -45.04 -1.74 -16.53
CA VAL A 399 -46.15 -1.06 -15.88
C VAL A 399 -45.80 -0.61 -14.48
N ARG A 400 -44.50 -0.62 -14.13
CA ARG A 400 -44.09 -0.22 -12.80
C ARG A 400 -44.16 1.29 -12.67
N ASP A 401 -45.29 1.80 -12.22
CA ASP A 401 -45.44 3.23 -12.03
C ASP A 401 -44.64 3.71 -10.83
N ASP A 402 -43.93 4.81 -11.00
CA ASP A 402 -43.05 5.35 -9.95
C ASP A 402 -43.30 6.85 -9.85
N ARG A 403 -43.94 7.25 -8.75
CA ARG A 403 -44.20 8.65 -8.48
C ARG A 403 -42.91 9.37 -8.14
N PRO A 404 -42.86 10.70 -8.31
CA PRO A 404 -41.70 11.46 -7.87
C PRO A 404 -41.61 11.53 -6.35
N ASP A 405 -40.47 12.03 -5.89
CA ASP A 405 -40.16 12.03 -4.47
C ASP A 405 -41.01 13.05 -3.71
N LEU A 406 -41.20 12.79 -2.43
CA LEU A 406 -41.92 13.68 -1.52
C LEU A 406 -40.92 14.12 -0.47
N ILE A 407 -40.22 15.21 -0.75
CA ILE A 407 -39.20 15.72 0.16
C ILE A 407 -39.91 16.43 1.31
N TYR A 408 -39.47 16.14 2.52
CA TYR A 408 -40.07 16.70 3.73
C TYR A 408 -39.05 17.55 4.48
N ARG A 409 -39.52 18.15 5.56
CA ARG A 409 -38.69 18.73 6.61
C ARG A 409 -38.26 17.61 7.56
N THR A 410 -37.95 17.98 8.81
CA THR A 410 -37.36 17.14 9.86
C THR A 410 -37.92 15.72 9.99
N MET A 411 -37.05 14.80 10.40
CA MET A 411 -37.16 13.38 10.10
C MET A 411 -38.41 12.73 10.67
N GLU A 412 -38.86 13.18 11.85
CA GLU A 412 -40.06 12.59 12.45
C GLU A 412 -41.30 12.91 11.65
N GLY A 413 -41.30 14.02 10.90
CA GLY A 413 -42.38 14.26 9.97
C GLY A 413 -42.40 13.26 8.84
N LYS A 414 -41.21 12.89 8.34
CA LYS A 414 -41.11 11.89 7.28
C LYS A 414 -41.57 10.52 7.79
N PHE A 415 -41.21 10.18 9.01
CA PHE A 415 -41.63 8.90 9.56
C PHE A 415 -43.13 8.88 9.84
N LYS A 416 -43.69 10.03 10.26
CA LYS A 416 -45.14 10.14 10.42
C LYS A 416 -45.85 9.99 9.08
N ALA A 417 -45.30 10.59 8.03
CA ALA A 417 -45.92 10.51 6.71
C ALA A 417 -45.87 9.09 6.16
N VAL A 418 -44.74 8.40 6.32
CA VAL A 418 -44.64 7.05 5.78
C VAL A 418 -45.45 6.08 6.65
N ALA A 419 -45.61 6.37 7.94
CA ALA A 419 -46.49 5.57 8.78
C ALA A 419 -47.95 5.75 8.37
N GLU A 420 -48.35 6.97 8.05
CA GLU A 420 -49.71 7.21 7.57
C GLU A 420 -49.94 6.55 6.21
N ASP A 421 -48.92 6.56 5.35
CA ASP A 421 -49.02 5.93 4.04
C ASP A 421 -49.17 4.41 4.17
N VAL A 422 -48.34 3.78 5.00
CA VAL A 422 -48.43 2.34 5.15
C VAL A 422 -49.67 1.95 5.94
N ALA A 423 -50.21 2.85 6.76
CA ALA A 423 -51.48 2.57 7.43
C ALA A 423 -52.63 2.63 6.45
N GLN A 424 -52.65 3.62 5.55
CA GLN A 424 -53.73 3.71 4.59
C GLN A 424 -53.61 2.66 3.49
N ARG A 425 -52.42 2.08 3.31
CA ARG A 425 -52.30 0.97 2.37
C ARG A 425 -52.51 -0.39 3.02
N TYR A 426 -52.33 -0.50 4.34
CA TYR A 426 -52.56 -1.79 4.99
C TYR A 426 -54.04 -2.14 5.05
N MET A 427 -54.91 -1.15 5.23
CA MET A 427 -56.34 -1.41 5.33
C MET A 427 -57.01 -1.58 3.97
N THR A 428 -56.24 -1.76 2.91
CA THR A 428 -56.76 -2.08 1.59
C THR A 428 -56.33 -3.45 1.09
N GLY A 429 -55.48 -4.15 1.86
CA GLY A 429 -55.02 -5.47 1.48
C GLY A 429 -53.76 -5.48 0.63
N GLN A 430 -53.27 -4.31 0.23
CA GLN A 430 -52.10 -4.23 -0.65
C GLN A 430 -50.83 -4.48 0.14
N PRO A 431 -49.98 -5.41 -0.29
CA PRO A 431 -48.71 -5.63 0.41
C PRO A 431 -47.73 -4.50 0.17
N VAL A 432 -46.96 -4.19 1.20
CA VAL A 432 -46.04 -3.05 1.20
C VAL A 432 -44.69 -3.53 1.71
N LEU A 433 -43.64 -3.33 0.92
CA LEU A 433 -42.27 -3.56 1.36
C LEU A 433 -41.65 -2.21 1.68
N VAL A 434 -41.36 -1.98 2.96
CA VAL A 434 -40.78 -0.72 3.40
C VAL A 434 -39.27 -0.87 3.39
N GLY A 435 -38.61 -0.22 2.45
CA GLY A 435 -37.17 -0.26 2.40
C GLY A 435 -36.55 0.67 3.41
N THR A 436 -35.38 0.29 3.89
CA THR A 436 -34.58 1.16 4.75
C THR A 436 -33.13 0.96 4.38
N VAL A 437 -32.25 1.68 5.08
CA VAL A 437 -30.83 1.65 4.81
C VAL A 437 -30.04 1.21 6.04
N ALA A 438 -30.18 1.94 7.14
CA ALA A 438 -29.54 1.59 8.40
C ALA A 438 -30.32 0.46 9.07
N VAL A 439 -29.83 0.01 10.20
CA VAL A 439 -30.47 -1.10 10.90
C VAL A 439 -31.45 -0.62 11.96
N GLU A 440 -31.02 0.29 12.82
CA GLU A 440 -31.85 0.69 13.95
C GLU A 440 -33.01 1.58 13.52
N THR A 441 -32.89 2.26 12.39
CA THR A 441 -34.00 3.06 11.90
C THR A 441 -35.15 2.17 11.42
N SER A 442 -34.84 0.96 10.98
CA SER A 442 -35.88 -0.01 10.68
C SER A 442 -36.63 -0.40 11.94
N GLU A 443 -35.91 -0.56 13.06
CA GLU A 443 -36.58 -0.81 14.33
C GLU A 443 -37.37 0.41 14.80
N LEU A 444 -36.89 1.61 14.47
CA LEU A 444 -37.64 2.83 14.79
C LEU A 444 -38.95 2.88 14.03
N ILE A 445 -38.93 2.51 12.75
CA ILE A 445 -40.16 2.45 11.96
C ILE A 445 -41.07 1.34 12.47
N SER A 446 -40.48 0.23 12.90
CA SER A 446 -41.28 -0.88 13.43
C SER A 446 -41.98 -0.50 14.73
N LYS A 447 -41.28 0.14 15.66
CA LYS A 447 -41.93 0.54 16.90
C LYS A 447 -42.81 1.76 16.73
N LEU A 448 -42.62 2.54 15.66
CA LEU A 448 -43.62 3.54 15.31
C LEU A 448 -44.85 2.91 14.69
N LEU A 449 -44.72 1.70 14.14
CA LEU A 449 -45.86 0.94 13.67
C LEU A 449 -46.44 0.01 14.72
N LYS A 450 -45.81 -0.05 15.90
CA LYS A 450 -46.36 -0.82 17.01
C LYS A 450 -47.71 -0.25 17.44
N ASN A 451 -47.76 1.06 17.61
CA ASN A 451 -49.02 1.76 17.70
C ASN A 451 -49.69 1.76 16.34
N LYS A 452 -51.03 1.85 16.36
CA LYS A 452 -52.03 1.65 15.31
C LYS A 452 -52.26 0.17 15.00
N GLY A 453 -51.51 -0.74 15.63
CA GLY A 453 -51.70 -2.17 15.51
C GLY A 453 -51.64 -2.76 14.12
N ILE A 454 -50.45 -2.80 13.51
CA ILE A 454 -50.26 -3.43 12.21
C ILE A 454 -49.26 -4.56 12.39
N PRO A 455 -49.61 -5.80 12.02
CA PRO A 455 -48.62 -6.87 12.07
C PRO A 455 -47.60 -6.75 10.95
N HIS A 456 -46.36 -7.11 11.26
CA HIS A 456 -45.27 -6.95 10.31
C HIS A 456 -44.14 -7.89 10.70
N GLN A 457 -43.23 -8.08 9.75
CA GLN A 457 -42.02 -8.87 9.97
C GLN A 457 -40.83 -8.00 9.61
N VAL A 458 -40.10 -7.55 10.62
CA VAL A 458 -38.91 -6.75 10.39
C VAL A 458 -37.79 -7.65 9.90
N LEU A 459 -37.08 -7.20 8.87
CA LEU A 459 -35.98 -7.95 8.26
C LEU A 459 -34.72 -7.13 8.50
N ASN A 460 -34.10 -7.33 9.66
CA ASN A 460 -32.91 -6.61 10.04
C ASN A 460 -31.67 -7.39 9.60
N ALA A 461 -30.51 -6.94 10.06
CA ALA A 461 -29.32 -7.78 10.00
C ALA A 461 -29.28 -8.80 11.12
N LYS A 462 -30.06 -8.59 12.18
CA LYS A 462 -30.06 -9.50 13.32
C LYS A 462 -31.13 -10.57 13.22
N ASN A 463 -32.19 -10.34 12.44
CA ASN A 463 -33.27 -11.31 12.27
C ASN A 463 -33.11 -12.11 10.99
N HIS A 464 -31.89 -12.36 10.56
CA HIS A 464 -31.64 -12.87 9.22
C HIS A 464 -31.93 -14.35 9.05
N GLU A 465 -32.13 -15.10 10.14
CA GLU A 465 -32.28 -16.54 10.01
C GLU A 465 -33.67 -16.97 9.55
N ARG A 466 -34.65 -16.07 9.58
CA ARG A 466 -36.00 -16.39 9.11
C ARG A 466 -36.28 -15.82 7.73
N GLU A 467 -35.22 -15.60 6.94
CA GLU A 467 -35.33 -14.77 5.74
C GLU A 467 -36.17 -15.43 4.66
N ALA A 468 -36.04 -16.75 4.49
CA ALA A 468 -36.76 -17.43 3.41
C ALA A 468 -38.26 -17.42 3.65
N GLN A 469 -38.69 -17.74 4.87
CA GLN A 469 -40.11 -17.75 5.17
C GLN A 469 -40.68 -16.33 5.23
N ILE A 470 -39.87 -15.35 5.65
CA ILE A 470 -40.32 -13.96 5.62
C ILE A 470 -40.53 -13.50 4.18
N ILE A 471 -39.61 -13.85 3.29
CA ILE A 471 -39.69 -13.40 1.90
C ILE A 471 -40.86 -14.08 1.17
N GLU A 472 -41.05 -15.38 1.39
CA GLU A 472 -42.18 -16.04 0.73
C GLU A 472 -43.51 -15.64 1.36
N GLU A 473 -43.51 -15.21 2.63
CA GLU A 473 -44.74 -14.74 3.24
C GLU A 473 -45.00 -13.25 2.97
N ALA A 474 -44.11 -12.56 2.27
CA ALA A 474 -44.27 -11.13 2.02
C ALA A 474 -44.97 -10.85 0.69
N GLY A 475 -45.73 -11.79 0.17
CA GLY A 475 -46.43 -11.57 -1.07
C GLY A 475 -47.90 -11.94 -0.98
N GLN A 476 -48.41 -12.06 0.24
CA GLN A 476 -49.78 -12.45 0.49
C GLN A 476 -50.61 -11.22 0.85
N LYS A 477 -51.85 -11.47 1.28
CA LYS A 477 -52.80 -10.40 1.52
C LYS A 477 -52.43 -9.63 2.79
N GLY A 478 -52.24 -8.32 2.64
CA GLY A 478 -52.00 -7.47 3.80
C GLY A 478 -50.65 -7.65 4.46
N ALA A 479 -49.66 -8.17 3.75
CA ALA A 479 -48.35 -8.38 4.33
C ALA A 479 -47.58 -7.07 4.38
N VAL A 480 -46.96 -6.78 5.52
CA VAL A 480 -46.14 -5.60 5.71
C VAL A 480 -44.74 -6.05 6.10
N THR A 481 -43.74 -5.61 5.35
CA THR A 481 -42.37 -6.04 5.58
C THR A 481 -41.46 -4.83 5.61
N ILE A 482 -40.95 -4.50 6.79
CA ILE A 482 -39.89 -3.51 6.92
C ILE A 482 -38.57 -4.25 6.70
N ALA A 483 -37.80 -3.80 5.73
CA ALA A 483 -36.57 -4.49 5.38
C ALA A 483 -35.48 -3.48 5.06
N THR A 484 -34.28 -3.75 5.56
CA THR A 484 -33.09 -2.99 5.21
C THR A 484 -32.51 -3.51 3.90
N ASN A 485 -31.25 -3.19 3.64
CA ASN A 485 -30.57 -3.50 2.37
C ASN A 485 -30.42 -4.98 2.03
N MET A 486 -30.87 -5.89 2.90
CA MET A 486 -30.94 -7.31 2.53
C MET A 486 -31.91 -7.54 1.40
N ALA A 487 -33.00 -6.78 1.35
CA ALA A 487 -34.00 -6.90 0.30
C ALA A 487 -33.66 -6.04 -0.91
N GLY A 488 -32.47 -5.46 -0.95
CA GLY A 488 -32.11 -4.56 -2.02
C GLY A 488 -31.79 -5.20 -3.35
N ARG A 489 -30.75 -6.03 -3.39
CA ARG A 489 -30.15 -6.41 -4.66
C ARG A 489 -30.95 -7.48 -5.39
N GLY A 490 -31.07 -8.66 -4.81
CA GLY A 490 -31.60 -9.77 -5.57
C GLY A 490 -32.77 -10.50 -4.96
N THR A 491 -33.48 -9.84 -4.04
CA THR A 491 -34.63 -10.47 -3.39
C THR A 491 -35.79 -10.56 -4.37
N ASP A 492 -36.27 -11.77 -4.61
CA ASP A 492 -37.38 -12.02 -5.51
C ASP A 492 -38.62 -12.30 -4.68
N ILE A 493 -39.57 -11.38 -4.70
CA ILE A 493 -40.82 -11.52 -3.95
C ILE A 493 -41.90 -11.91 -4.94
N LYS A 494 -42.46 -13.10 -4.76
CA LYS A 494 -43.49 -13.61 -5.65
C LYS A 494 -44.85 -13.08 -5.22
N LEU A 495 -45.62 -12.61 -6.20
CA LEU A 495 -46.96 -12.14 -5.93
C LEU A 495 -47.89 -13.33 -5.72
N GLY A 496 -48.57 -13.35 -4.58
CA GLY A 496 -49.40 -14.48 -4.21
C GLY A 496 -50.77 -14.49 -4.86
N GLU A 497 -51.80 -14.77 -4.07
CA GLU A 497 -53.14 -14.99 -4.57
C GLU A 497 -54.00 -13.74 -4.42
N GLY A 498 -54.66 -13.33 -5.50
CA GLY A 498 -55.57 -12.21 -5.47
C GLY A 498 -54.91 -10.86 -5.36
N VAL A 499 -53.58 -10.79 -5.54
CA VAL A 499 -52.84 -9.57 -5.27
C VAL A 499 -52.63 -8.74 -6.53
N LYS A 500 -52.60 -9.37 -7.70
CA LYS A 500 -52.37 -8.65 -8.95
C LYS A 500 -53.59 -7.81 -9.36
N GLU A 501 -54.75 -8.07 -8.78
CA GLU A 501 -55.94 -7.29 -9.08
C GLU A 501 -55.81 -5.86 -8.59
N LEU A 502 -55.29 -5.68 -7.38
CA LEU A 502 -55.20 -4.36 -6.77
C LEU A 502 -53.80 -3.75 -6.90
N GLY A 503 -52.99 -4.25 -7.82
CA GLY A 503 -51.67 -3.67 -8.05
C GLY A 503 -50.71 -3.92 -6.91
N GLY A 504 -50.25 -5.16 -6.79
CA GLY A 504 -49.53 -5.56 -5.60
C GLY A 504 -48.13 -5.00 -5.51
N LEU A 505 -47.56 -5.19 -4.31
CA LEU A 505 -46.18 -4.83 -3.95
C LEU A 505 -45.91 -3.34 -4.11
N ALA A 506 -46.60 -2.56 -3.29
CA ALA A 506 -46.34 -1.12 -3.23
C ALA A 506 -45.06 -0.90 -2.44
N VAL A 507 -43.94 -0.72 -3.14
CA VAL A 507 -42.64 -0.58 -2.51
C VAL A 507 -42.43 0.88 -2.11
N VAL A 508 -42.16 1.10 -0.83
CA VAL A 508 -41.99 2.44 -0.28
C VAL A 508 -40.60 2.54 0.33
N GLY A 509 -39.73 3.31 -0.29
CA GLY A 509 -38.44 3.58 0.30
C GLY A 509 -38.51 4.68 1.34
N THR A 510 -37.39 4.93 2.01
CA THR A 510 -37.35 6.02 2.96
C THR A 510 -36.05 6.81 2.91
N GLU A 511 -35.11 6.45 2.05
CA GLU A 511 -33.85 7.16 2.01
C GLU A 511 -33.27 7.07 0.60
N ARG A 512 -32.79 8.20 0.11
CA ARG A 512 -32.02 8.20 -1.14
C ARG A 512 -30.71 7.49 -0.87
N HIS A 513 -30.41 6.48 -1.69
CA HIS A 513 -29.23 5.66 -1.45
C HIS A 513 -27.98 6.35 -1.95
N GLU A 514 -26.86 5.63 -1.85
CA GLU A 514 -25.55 6.20 -2.16
C GLU A 514 -25.39 6.48 -3.65
N SER A 515 -26.08 5.73 -4.50
CA SER A 515 -25.98 5.92 -5.93
C SER A 515 -27.33 5.69 -6.56
N ARG A 516 -27.45 6.05 -7.84
CA ARG A 516 -28.73 5.91 -8.53
C ARG A 516 -29.05 4.45 -8.81
N ARG A 517 -28.03 3.59 -8.91
CA ARG A 517 -28.25 2.20 -9.25
C ARG A 517 -28.92 1.44 -8.11
N ILE A 518 -28.52 1.73 -6.87
CA ILE A 518 -29.02 0.95 -5.73
C ILE A 518 -30.49 1.25 -5.47
N ASP A 519 -30.85 2.53 -5.41
CA ASP A 519 -32.26 2.84 -5.19
C ASP A 519 -33.08 2.62 -6.45
N ASN A 520 -32.46 2.62 -7.64
CA ASN A 520 -33.18 2.19 -8.83
C ASN A 520 -33.51 0.70 -8.76
N GLN A 521 -32.60 -0.10 -8.19
CA GLN A 521 -32.88 -1.52 -7.97
C GLN A 521 -33.99 -1.71 -6.94
N LEU A 522 -33.97 -0.90 -5.88
CA LEU A 522 -35.02 -0.97 -4.88
C LEU A 522 -36.38 -0.57 -5.46
N ARG A 523 -36.38 0.41 -6.36
CA ARG A 523 -37.58 0.76 -7.10
C ARG A 523 -38.02 -0.39 -7.99
N GLY A 524 -37.08 -1.03 -8.68
CA GLY A 524 -37.38 -2.12 -9.58
C GLY A 524 -37.73 -3.43 -8.93
N ARG A 525 -37.66 -3.50 -7.60
CA ARG A 525 -38.11 -4.68 -6.87
C ARG A 525 -39.59 -4.99 -7.03
N SER A 526 -40.41 -4.05 -7.49
CA SER A 526 -41.84 -4.25 -7.57
C SER A 526 -42.36 -4.66 -8.94
N GLY A 527 -41.52 -4.59 -9.98
CA GLY A 527 -41.96 -4.83 -11.34
C GLY A 527 -42.46 -6.23 -11.62
N ARG A 528 -41.54 -7.21 -11.64
CA ARG A 528 -41.83 -8.65 -11.65
C ARG A 528 -42.66 -9.05 -12.87
N GLN A 529 -42.04 -8.89 -14.04
CA GLN A 529 -42.56 -9.36 -15.33
C GLN A 529 -43.91 -8.73 -15.69
N GLY A 530 -43.90 -7.40 -15.82
CA GLY A 530 -45.06 -6.68 -16.29
C GLY A 530 -46.24 -6.65 -15.35
N ASP A 531 -45.99 -6.71 -14.08
CA ASP A 531 -47.09 -6.67 -13.12
C ASP A 531 -47.18 -5.28 -12.48
N PRO A 532 -48.37 -4.81 -12.15
CA PRO A 532 -48.52 -3.42 -11.68
C PRO A 532 -47.97 -3.24 -10.26
N GLY A 533 -47.09 -2.25 -10.11
CA GLY A 533 -46.54 -1.93 -8.81
C GLY A 533 -46.45 -0.43 -8.62
N ILE A 534 -46.40 -0.02 -7.36
CA ILE A 534 -46.36 1.38 -6.98
C ILE A 534 -45.05 1.64 -6.25
N THR A 535 -44.36 2.70 -6.64
CA THR A 535 -43.05 3.03 -6.07
C THR A 535 -43.04 4.48 -5.63
N GLN A 536 -43.13 4.70 -4.32
CA GLN A 536 -43.06 6.03 -3.73
C GLN A 536 -41.83 6.11 -2.84
N PHE A 537 -41.09 7.20 -2.95
CA PHE A 537 -39.98 7.46 -2.05
C PHE A 537 -40.37 8.50 -1.01
N TYR A 538 -39.49 8.66 -0.03
CA TYR A 538 -39.62 9.71 0.97
C TYR A 538 -38.23 10.16 1.38
N LEU A 539 -38.05 11.48 1.45
CA LEU A 539 -36.77 12.05 1.83
C LEU A 539 -36.98 13.01 3.01
N SER A 540 -35.87 13.45 3.57
CA SER A 540 -35.87 14.43 4.64
C SER A 540 -34.88 15.53 4.31
N MET A 541 -35.18 16.73 4.77
CA MET A 541 -34.24 17.82 4.53
C MET A 541 -33.05 17.75 5.47
N GLU A 542 -33.21 17.15 6.64
CA GLU A 542 -32.10 16.90 7.55
C GLU A 542 -31.62 15.45 7.47
N ASP A 543 -31.79 14.82 6.31
CA ASP A 543 -31.38 13.43 6.13
C ASP A 543 -29.86 13.32 6.14
N GLU A 544 -29.39 12.09 6.35
CA GLU A 544 -27.97 11.81 6.49
C GLU A 544 -27.21 12.14 5.21
N LEU A 545 -27.78 11.79 4.05
CA LEU A 545 -27.16 12.14 2.78
C LEU A 545 -27.14 13.65 2.56
N MET A 546 -28.25 14.33 2.86
CA MET A 546 -28.34 15.77 2.65
C MET A 546 -27.44 16.53 3.61
N ARG A 547 -27.41 16.11 4.88
CA ARG A 547 -26.55 16.76 5.85
C ARG A 547 -25.09 16.42 5.61
N ARG A 548 -24.81 15.30 4.95
CA ARG A 548 -23.43 14.88 4.73
C ARG A 548 -22.82 15.44 3.46
N PHE A 549 -23.63 15.69 2.42
CA PHE A 549 -23.06 16.15 1.16
C PHE A 549 -23.83 17.28 0.51
N GLY A 550 -24.70 17.95 1.24
CA GLY A 550 -25.50 19.00 0.63
C GLY A 550 -24.71 20.28 0.39
N ALA A 551 -25.20 21.05 -0.58
CA ALA A 551 -24.57 22.33 -0.90
C ALA A 551 -24.88 23.36 0.19
N GLU A 552 -23.88 24.16 0.52
CA GLU A 552 -24.01 25.10 1.63
C GLU A 552 -24.84 26.33 1.25
N ARG A 553 -25.00 26.62 -0.04
CA ARG A 553 -25.75 27.81 -0.44
C ARG A 553 -27.24 27.65 -0.18
N THR A 554 -27.78 26.45 -0.39
CA THR A 554 -29.20 26.24 -0.22
C THR A 554 -29.61 25.99 1.23
N MET A 555 -28.65 25.93 2.16
CA MET A 555 -28.96 25.63 3.55
C MET A 555 -29.74 26.76 4.22
N ALA A 556 -29.52 28.00 3.78
CA ALA A 556 -30.31 29.12 4.30
C ALA A 556 -31.72 29.13 3.75
N MET A 557 -31.93 28.56 2.56
CA MET A 557 -33.27 28.53 1.96
C MET A 557 -34.17 27.49 2.59
N LEU A 558 -33.64 26.58 3.41
CA LEU A 558 -34.45 25.52 4.00
C LEU A 558 -35.42 26.07 5.02
N ASP A 559 -35.00 27.08 5.79
CA ASP A 559 -35.86 27.69 6.79
C ASP A 559 -36.91 28.61 6.17
N ARG A 560 -36.83 28.88 4.87
CA ARG A 560 -37.76 29.76 4.19
C ARG A 560 -39.10 29.10 3.90
N PHE A 561 -39.22 27.79 4.06
CA PHE A 561 -40.43 27.06 3.71
C PHE A 561 -41.32 26.75 4.92
N GLY A 562 -40.99 27.29 6.09
CA GLY A 562 -41.82 27.06 7.27
C GLY A 562 -41.60 25.70 7.88
N MET A 563 -42.36 25.43 8.93
CA MET A 563 -42.22 24.17 9.68
C MET A 563 -43.59 23.81 10.26
N ASP A 564 -44.33 22.99 9.50
CA ASP A 564 -45.54 22.36 10.03
C ASP A 564 -45.50 20.86 9.72
N ASP A 565 -44.87 20.53 8.59
CA ASP A 565 -44.63 19.15 8.13
C ASP A 565 -45.92 18.34 7.95
N SER A 566 -47.01 19.01 7.59
CA SER A 566 -48.21 18.32 7.21
C SER A 566 -48.25 18.02 5.72
N THR A 567 -47.40 18.67 4.93
CA THR A 567 -47.35 18.54 3.49
C THR A 567 -45.90 18.54 3.05
N PRO A 568 -45.57 17.85 1.97
CA PRO A 568 -44.20 17.91 1.44
C PRO A 568 -43.93 19.22 0.74
N ILE A 569 -42.64 19.48 0.53
CA ILE A 569 -42.22 20.69 -0.17
C ILE A 569 -42.47 20.55 -1.67
N GLN A 570 -42.84 21.66 -2.30
CA GLN A 570 -43.01 21.71 -3.75
C GLN A 570 -42.09 22.81 -4.28
N SER A 571 -40.87 22.43 -4.68
CA SER A 571 -39.93 23.39 -5.22
C SER A 571 -38.95 22.65 -6.12
N LYS A 572 -38.44 23.35 -7.12
CA LYS A 572 -37.42 22.77 -7.98
C LYS A 572 -36.02 22.94 -7.42
N MET A 573 -35.83 23.91 -6.52
CA MET A 573 -34.51 24.13 -5.92
C MET A 573 -34.09 22.96 -5.05
N VAL A 574 -35.02 22.42 -4.26
CA VAL A 574 -34.69 21.31 -3.37
C VAL A 574 -34.43 20.03 -4.17
N SER A 575 -35.18 19.83 -5.26
CA SER A 575 -34.92 18.67 -6.12
C SER A 575 -33.57 18.78 -6.82
N ARG A 576 -33.22 20.00 -7.25
CA ARG A 576 -31.91 20.23 -7.84
C ARG A 576 -30.80 19.99 -6.83
N ALA A 577 -31.01 20.41 -5.58
CA ALA A 577 -30.02 20.19 -4.54
C ALA A 577 -29.84 18.70 -4.23
N VAL A 578 -30.96 17.96 -4.21
CA VAL A 578 -30.90 16.52 -3.95
C VAL A 578 -30.13 15.80 -5.05
N GLU A 579 -30.43 16.12 -6.31
CA GLU A 579 -29.74 15.47 -7.41
C GLU A 579 -28.27 15.88 -7.50
N SER A 580 -27.95 17.13 -7.19
CA SER A 580 -26.56 17.56 -7.18
C SER A 580 -25.77 16.87 -6.07
N SER A 581 -26.39 16.70 -4.90
CA SER A 581 -25.72 16.01 -3.81
C SER A 581 -25.47 14.54 -4.14
N GLN A 582 -26.45 13.88 -4.76
CA GLN A 582 -26.27 12.48 -5.14
C GLN A 582 -25.20 12.32 -6.21
N LYS A 583 -25.15 13.25 -7.17
CA LYS A 583 -24.10 13.16 -8.18
C LYS A 583 -22.74 13.51 -7.60
N ARG A 584 -22.68 14.34 -6.56
CA ARG A 584 -21.42 14.58 -5.88
C ARG A 584 -20.93 13.33 -5.16
N VAL A 585 -21.85 12.58 -4.56
CA VAL A 585 -21.48 11.32 -3.90
C VAL A 585 -20.97 10.31 -4.92
N GLU A 586 -21.64 10.22 -6.08
CA GLU A 586 -21.18 9.33 -7.13
C GLU A 586 -19.82 9.76 -7.69
N GLY A 587 -19.59 11.07 -7.77
CA GLY A 587 -18.28 11.53 -8.20
C GLY A 587 -17.17 11.21 -7.22
N ASN A 588 -17.45 11.33 -5.92
CA ASN A 588 -16.47 10.96 -4.91
C ASN A 588 -16.16 9.47 -4.96
N ASN A 589 -17.18 8.63 -5.15
CA ASN A 589 -16.94 7.21 -5.26
C ASN A 589 -16.16 6.86 -6.52
N PHE A 590 -16.43 7.57 -7.62
CA PHE A 590 -15.68 7.36 -8.86
C PHE A 590 -14.21 7.71 -8.69
N ASP A 591 -13.93 8.84 -8.03
CA ASP A 591 -12.55 9.25 -7.80
C ASP A 591 -11.81 8.27 -6.89
N SER A 592 -12.47 7.82 -5.82
CA SER A 592 -11.85 6.86 -4.92
C SER A 592 -11.59 5.53 -5.60
N ARG A 593 -12.51 5.09 -6.46
CA ARG A 593 -12.34 3.85 -7.21
C ARG A 593 -11.16 3.94 -8.16
N LYS A 594 -11.07 5.03 -8.92
CA LYS A 594 -9.98 5.18 -9.89
C LYS A 594 -8.63 5.31 -9.21
N GLN A 595 -8.57 6.07 -8.12
CA GLN A 595 -7.32 6.25 -7.38
C GLN A 595 -6.86 4.94 -6.75
N LEU A 596 -7.78 4.18 -6.15
CA LEU A 596 -7.40 2.91 -5.54
C LEU A 596 -6.97 1.88 -6.57
N LEU A 597 -7.60 1.88 -7.76
CA LEU A 597 -7.20 0.95 -8.81
C LEU A 597 -5.80 1.27 -9.33
N GLN A 598 -5.55 2.53 -9.65
CA GLN A 598 -4.23 2.85 -10.20
C GLN A 598 -3.14 2.90 -9.13
N TYR A 599 -3.50 2.86 -7.85
CA TYR A 599 -2.49 2.61 -6.85
C TYR A 599 -2.27 1.13 -6.59
N ASP A 600 -3.28 0.30 -6.77
CA ASP A 600 -3.12 -1.13 -6.53
C ASP A 600 -2.55 -1.86 -7.73
N ASP A 601 -2.43 -1.20 -8.88
CA ASP A 601 -1.80 -1.83 -10.04
C ASP A 601 -0.34 -2.21 -9.78
N VAL A 602 0.38 -1.37 -9.05
CA VAL A 602 1.78 -1.64 -8.71
C VAL A 602 1.89 -2.88 -7.81
N LEU A 603 1.02 -2.94 -6.80
CA LEU A 603 1.00 -4.10 -5.92
C LEU A 603 0.57 -5.36 -6.66
N ARG A 604 -0.29 -5.23 -7.67
CA ARG A 604 -0.64 -6.35 -8.52
C ARG A 604 0.58 -6.89 -9.25
N GLN A 605 1.37 -5.98 -9.84
CA GLN A 605 2.55 -6.39 -10.58
C GLN A 605 3.60 -7.04 -9.69
N GLN A 606 3.71 -6.59 -8.43
CA GLN A 606 4.63 -7.28 -7.53
C GLN A 606 4.07 -8.61 -7.05
N ARG A 607 2.78 -8.65 -6.75
CA ARG A 607 2.18 -9.80 -6.09
C ARG A 607 2.09 -10.99 -7.04
N GLU A 608 1.85 -10.72 -8.33
CA GLU A 608 1.82 -11.79 -9.31
C GLU A 608 3.17 -12.48 -9.41
N VAL A 609 4.25 -11.70 -9.38
CA VAL A 609 5.60 -12.26 -9.44
C VAL A 609 5.90 -13.09 -8.19
N ILE A 610 5.57 -12.55 -7.02
CA ILE A 610 5.89 -13.25 -5.77
C ILE A 610 5.10 -14.55 -5.65
N TYR A 611 3.80 -14.52 -5.98
CA TYR A 611 3.02 -15.74 -5.95
C TYR A 611 3.45 -16.73 -7.01
N LYS A 612 3.93 -16.24 -8.16
CA LYS A 612 4.44 -17.12 -9.20
C LYS A 612 5.69 -17.86 -8.72
N GLN A 613 6.61 -17.16 -8.07
CA GLN A 613 7.83 -17.82 -7.58
C GLN A 613 7.52 -18.76 -6.43
N ARG A 614 6.56 -18.39 -5.56
CA ARG A 614 6.20 -19.27 -4.46
C ARG A 614 5.55 -20.55 -4.96
N PHE A 615 4.63 -20.44 -5.93
CA PHE A 615 4.04 -21.63 -6.51
C PHE A 615 5.06 -22.42 -7.31
N GLU A 616 6.09 -21.76 -7.85
CA GLU A 616 7.15 -22.48 -8.54
C GLU A 616 7.97 -23.32 -7.56
N VAL A 617 8.29 -22.76 -6.39
CA VAL A 617 9.11 -23.51 -5.44
C VAL A 617 8.30 -24.46 -4.57
N ILE A 618 6.97 -24.44 -4.68
CA ILE A 618 6.20 -25.48 -4.00
C ILE A 618 6.35 -26.82 -4.70
N ASP A 619 5.99 -26.89 -5.98
CA ASP A 619 5.98 -28.17 -6.68
C ASP A 619 7.22 -28.32 -7.56
N SER A 620 8.35 -28.55 -6.88
CA SER A 620 9.60 -28.87 -7.55
C SER A 620 10.08 -30.23 -7.06
N GLU A 621 10.56 -31.05 -7.99
CA GLU A 621 11.01 -32.39 -7.63
C GLU A 621 12.34 -32.33 -6.88
N ASN A 622 13.26 -31.49 -7.33
CA ASN A 622 14.50 -31.24 -6.60
C ASN A 622 14.94 -29.81 -6.93
N LEU A 623 14.67 -28.89 -6.02
CA LEU A 623 15.01 -27.49 -6.22
C LEU A 623 16.37 -27.16 -5.61
N ARG A 624 17.36 -27.98 -5.97
CA ARG A 624 18.73 -27.74 -5.56
C ARG A 624 19.32 -26.53 -6.28
N GLU A 625 18.99 -26.38 -7.57
CA GLU A 625 19.52 -25.28 -8.36
C GLU A 625 18.94 -23.94 -7.91
N ILE A 626 17.74 -23.93 -7.33
CA ILE A 626 17.11 -22.69 -6.89
C ILE A 626 17.85 -22.12 -5.69
N VAL A 627 18.10 -22.96 -4.68
CA VAL A 627 18.84 -22.49 -3.51
C VAL A 627 20.30 -22.24 -3.87
N GLU A 628 20.85 -22.97 -4.85
CA GLU A 628 22.19 -22.69 -5.35
C GLU A 628 22.28 -21.30 -5.98
N ASN A 629 21.30 -20.96 -6.81
CA ASN A 629 21.29 -19.66 -7.47
C ASN A 629 21.06 -18.53 -6.48
N MET A 630 20.18 -18.74 -5.51
CA MET A 630 19.95 -17.72 -4.49
C MET A 630 21.18 -17.49 -3.63
N ILE A 631 21.86 -18.58 -3.24
CA ILE A 631 23.06 -18.48 -2.43
C ILE A 631 24.17 -17.78 -3.19
N LYS A 632 24.38 -18.13 -4.45
CA LYS A 632 25.45 -17.48 -5.21
C LYS A 632 25.10 -16.04 -5.55
N SER A 633 23.82 -15.71 -5.71
CA SER A 633 23.43 -14.33 -5.99
C SER A 633 23.65 -13.45 -4.77
N SER A 634 23.22 -13.90 -3.60
CA SER A 634 23.49 -13.16 -2.36
C SER A 634 24.98 -13.12 -2.05
N LEU A 635 25.70 -14.18 -2.40
CA LEU A 635 27.13 -14.24 -2.17
C LEU A 635 27.87 -13.21 -3.01
N GLU A 636 27.58 -13.15 -4.32
CA GLU A 636 28.22 -12.16 -5.16
C GLU A 636 27.75 -10.75 -4.85
N ARG A 637 26.53 -10.60 -4.32
CA ARG A 637 26.10 -9.28 -3.89
C ARG A 637 26.87 -8.82 -2.66
N ALA A 638 27.17 -9.74 -1.74
CA ALA A 638 28.05 -9.39 -0.62
C ALA A 638 29.47 -9.12 -1.09
N ILE A 639 29.91 -9.86 -2.12
CA ILE A 639 31.23 -9.69 -2.71
C ILE A 639 31.36 -8.30 -3.31
N ALA A 640 30.33 -7.83 -4.00
CA ALA A 640 30.33 -6.46 -4.52
C ALA A 640 29.98 -5.43 -3.45
N ALA A 641 29.39 -5.86 -2.33
CA ALA A 641 29.12 -4.93 -1.25
C ALA A 641 30.40 -4.53 -0.54
N TYR A 642 31.30 -5.48 -0.31
CA TYR A 642 32.67 -5.13 0.01
C TYR A 642 33.42 -4.92 -1.31
N THR A 643 34.73 -4.66 -1.23
CA THR A 643 35.65 -4.62 -2.37
C THR A 643 35.19 -3.80 -3.57
N PRO A 644 34.93 -2.50 -3.40
CA PRO A 644 34.23 -1.75 -4.43
C PRO A 644 35.09 -1.48 -5.65
N ARG A 645 34.41 -1.27 -6.78
CA ARG A 645 35.10 -0.98 -8.03
C ARG A 645 35.79 0.38 -8.03
N GLU A 646 35.30 1.31 -7.22
CA GLU A 646 35.73 2.70 -7.30
C GLU A 646 36.74 3.09 -6.23
N GLU A 647 37.24 2.15 -5.44
CA GLU A 647 38.20 2.58 -4.43
C GLU A 647 39.64 2.44 -4.92
N LEU A 648 40.13 1.20 -4.97
CA LEU A 648 41.42 0.73 -5.50
C LEU A 648 41.49 -0.76 -5.24
N PRO A 649 42.40 -1.50 -5.86
CA PRO A 649 42.82 -2.78 -5.29
C PRO A 649 43.77 -2.55 -4.12
N GLU A 650 44.00 -3.64 -3.37
CA GLU A 650 44.96 -3.74 -2.27
C GLU A 650 44.66 -2.80 -1.10
N GLU A 651 43.43 -2.31 -0.98
CA GLU A 651 42.98 -1.66 0.24
C GLU A 651 41.55 -2.04 0.56
N TRP A 652 41.08 -3.17 0.05
CA TRP A 652 39.67 -3.55 0.09
C TRP A 652 39.19 -4.05 1.45
N LYS A 653 40.09 -4.23 2.42
CA LYS A 653 39.78 -4.71 3.77
C LYS A 653 39.11 -6.09 3.72
N LEU A 654 39.90 -7.06 3.28
CA LEU A 654 39.40 -8.42 3.11
C LEU A 654 39.17 -9.16 4.41
N ASP A 655 39.62 -8.62 5.55
CA ASP A 655 39.41 -9.28 6.83
C ASP A 655 37.92 -9.28 7.21
N GLY A 656 37.25 -8.16 7.00
CA GLY A 656 35.81 -8.12 7.27
C GLY A 656 35.02 -9.05 6.35
N LEU A 657 35.44 -9.14 5.09
CA LEU A 657 34.78 -10.04 4.16
C LEU A 657 35.00 -11.50 4.53
N VAL A 658 36.22 -11.87 4.94
CA VAL A 658 36.46 -13.27 5.26
C VAL A 658 35.80 -13.63 6.60
N ASP A 659 35.66 -12.66 7.52
CA ASP A 659 34.87 -12.90 8.72
C ASP A 659 33.39 -13.09 8.39
N LEU A 660 32.87 -12.28 7.45
CA LEU A 660 31.48 -12.41 7.05
C LEU A 660 31.22 -13.74 6.35
N ILE A 661 32.18 -14.22 5.56
CA ILE A 661 32.01 -15.50 4.89
C ILE A 661 32.10 -16.64 5.89
N ASN A 662 33.07 -16.58 6.82
CA ASN A 662 33.24 -17.65 7.79
C ASN A 662 32.11 -17.70 8.82
N THR A 663 31.42 -16.60 9.06
CA THR A 663 30.30 -16.63 9.99
C THR A 663 28.98 -16.91 9.29
N THR A 664 28.74 -16.26 8.15
CA THR A 664 27.44 -16.31 7.50
C THR A 664 27.33 -17.47 6.51
N TYR A 665 28.22 -17.51 5.52
CA TYR A 665 28.04 -18.45 4.42
C TYR A 665 28.73 -19.78 4.67
N LEU A 666 30.01 -19.75 5.00
CA LEU A 666 30.76 -20.97 5.29
C LEU A 666 30.83 -21.19 6.80
N ASP A 667 31.50 -22.26 7.18
CA ASP A 667 31.80 -22.53 8.58
C ASP A 667 33.02 -21.74 9.02
N GLU A 668 33.41 -21.91 10.28
CA GLU A 668 34.37 -21.00 10.91
C GLU A 668 35.78 -21.23 10.40
N GLY A 669 36.20 -22.49 10.29
CA GLY A 669 37.58 -22.79 10.01
C GLY A 669 37.86 -23.08 8.55
N ALA A 670 37.23 -22.33 7.66
CA ALA A 670 37.30 -22.65 6.24
C ALA A 670 38.13 -21.65 5.44
N LEU A 671 38.35 -20.45 5.95
CA LEU A 671 38.94 -19.42 5.12
C LEU A 671 39.75 -18.44 5.94
N GLU A 672 40.73 -17.82 5.28
CA GLU A 672 41.48 -16.73 5.85
C GLU A 672 41.79 -15.75 4.71
N LYS A 673 42.54 -14.68 5.04
CA LYS A 673 42.81 -13.64 4.06
C LYS A 673 43.78 -14.12 2.98
N SER A 674 44.72 -14.99 3.35
CA SER A 674 45.75 -15.43 2.40
C SER A 674 45.22 -16.40 1.37
N ASP A 675 43.99 -16.90 1.52
CA ASP A 675 43.38 -17.74 0.50
C ASP A 675 43.06 -16.94 -0.76
N ILE A 676 42.78 -15.65 -0.62
CA ILE A 676 42.54 -14.81 -1.79
C ILE A 676 43.63 -13.75 -1.87
N PHE A 677 43.63 -12.84 -0.88
CA PHE A 677 44.61 -11.76 -0.71
C PHE A 677 44.82 -10.95 -1.99
N GLY A 678 43.77 -10.26 -2.42
CA GLY A 678 43.87 -9.39 -3.57
C GLY A 678 43.85 -10.12 -4.89
N LYS A 679 42.76 -10.80 -5.18
CA LYS A 679 42.53 -11.40 -6.49
C LYS A 679 41.37 -10.70 -7.17
N GLU A 680 41.02 -11.21 -8.35
CA GLU A 680 39.87 -10.69 -9.07
C GLU A 680 38.59 -11.15 -8.38
N PRO A 681 37.55 -10.30 -8.31
CA PRO A 681 36.35 -10.68 -7.55
C PRO A 681 35.54 -11.83 -8.14
N ASP A 682 35.46 -11.93 -9.48
CA ASP A 682 34.64 -12.99 -10.08
C ASP A 682 35.26 -14.37 -9.85
N GLU A 683 36.59 -14.48 -9.97
CA GLU A 683 37.23 -15.77 -9.70
C GLU A 683 37.19 -16.12 -8.21
N MET A 684 37.24 -15.11 -7.32
CA MET A 684 37.18 -15.42 -5.90
C MET A 684 35.77 -15.83 -5.49
N LEU A 685 34.73 -15.24 -6.10
CA LEU A 685 33.38 -15.71 -5.79
C LEU A 685 33.12 -17.06 -6.44
N GLU A 686 33.81 -17.36 -7.55
CA GLU A 686 33.76 -18.70 -8.13
C GLU A 686 34.37 -19.72 -7.18
N LEU A 687 35.49 -19.39 -6.54
CA LEU A 687 36.13 -20.31 -5.60
C LEU A 687 35.26 -20.52 -4.35
N ILE A 688 34.66 -19.44 -3.85
CA ILE A 688 33.74 -19.56 -2.71
C ILE A 688 32.52 -20.38 -3.10
N MET A 689 32.03 -20.22 -4.32
CA MET A 689 30.91 -21.01 -4.82
C MET A 689 31.28 -22.48 -4.94
N ASP A 690 32.53 -22.78 -5.31
CA ASP A 690 32.99 -24.16 -5.37
C ASP A 690 32.99 -24.80 -3.98
N ARG A 691 33.49 -24.07 -2.98
CA ARG A 691 33.50 -24.62 -1.62
C ARG A 691 32.08 -24.77 -1.07
N ILE A 692 31.19 -23.82 -1.40
CA ILE A 692 29.79 -23.90 -0.98
C ILE A 692 29.10 -25.08 -1.67
N ILE A 693 29.45 -25.34 -2.94
CA ILE A 693 28.88 -26.46 -3.68
C ILE A 693 29.31 -27.79 -3.06
N THR A 694 30.59 -27.90 -2.66
CA THR A 694 31.06 -29.11 -2.00
C THR A 694 30.37 -29.32 -0.64
N LYS A 695 30.23 -28.23 0.13
CA LYS A 695 29.56 -28.32 1.43
C LYS A 695 28.09 -28.71 1.28
N TYR A 696 27.43 -28.16 0.27
CA TYR A 696 26.03 -28.50 0.03
C TYR A 696 25.88 -29.92 -0.50
N ASN A 697 26.87 -30.42 -1.24
CA ASN A 697 26.87 -31.82 -1.63
C ASN A 697 27.01 -32.73 -0.42
N GLU A 698 27.83 -32.34 0.55
CA GLU A 698 27.94 -33.08 1.81
C GLU A 698 26.63 -33.07 2.57
N LYS A 699 25.96 -31.91 2.63
CA LYS A 699 24.68 -31.81 3.31
C LYS A 699 23.60 -32.64 2.61
N GLU A 700 23.61 -32.64 1.28
CA GLU A 700 22.64 -33.39 0.51
C GLU A 700 22.86 -34.90 0.65
N GLU A 701 24.11 -35.34 0.65
CA GLU A 701 24.37 -36.77 0.82
C GLU A 701 24.20 -37.22 2.26
N GLN A 702 24.22 -36.30 3.23
CA GLN A 702 23.95 -36.73 4.59
C GLN A 702 22.46 -36.73 4.93
N PHE A 703 21.73 -35.69 4.52
CA PHE A 703 20.29 -35.67 4.77
C PHE A 703 19.51 -36.59 3.86
N GLY A 704 20.12 -37.07 2.80
CA GLY A 704 19.38 -37.80 1.78
C GLY A 704 18.77 -36.85 0.78
N LYS A 705 18.05 -37.44 -0.19
CA LYS A 705 17.45 -36.65 -1.24
C LYS A 705 16.21 -35.89 -0.78
N GLU A 706 15.42 -36.50 0.11
CA GLU A 706 14.07 -36.04 0.38
C GLU A 706 13.98 -35.13 1.61
N GLN A 707 14.65 -35.50 2.70
CA GLN A 707 14.55 -34.73 3.93
C GLN A 707 15.20 -33.36 3.79
N MET A 708 16.31 -33.31 3.04
CA MET A 708 16.93 -32.02 2.71
C MET A 708 15.98 -31.15 1.90
N ARG A 709 15.27 -31.76 0.94
CA ARG A 709 14.32 -31.03 0.10
C ARG A 709 13.19 -30.44 0.93
N GLU A 710 12.63 -31.24 1.85
CA GLU A 710 11.58 -30.74 2.71
C GLU A 710 12.08 -29.64 3.64
N PHE A 711 13.32 -29.79 4.12
CA PHE A 711 13.92 -28.81 5.01
C PHE A 711 14.09 -27.45 4.33
N GLU A 712 14.67 -27.44 3.13
CA GLU A 712 14.85 -26.15 2.47
C GLU A 712 13.53 -25.60 1.91
N LYS A 713 12.57 -26.46 1.60
CA LYS A 713 11.24 -25.97 1.21
C LYS A 713 10.58 -25.23 2.36
N VAL A 714 10.67 -25.79 3.57
CA VAL A 714 10.14 -25.13 4.76
C VAL A 714 10.85 -23.81 5.01
N ILE A 715 12.18 -23.79 4.83
CA ILE A 715 12.96 -22.58 5.04
C ILE A 715 12.55 -21.48 4.05
N VAL A 716 12.43 -21.83 2.77
CA VAL A 716 12.09 -20.88 1.73
C VAL A 716 10.68 -20.32 1.96
N LEU A 717 9.73 -21.19 2.29
CA LEU A 717 8.34 -20.74 2.43
C LEU A 717 8.16 -19.87 3.66
N ARG A 718 8.80 -20.24 4.78
CA ARG A 718 8.70 -19.44 6.00
C ARG A 718 9.31 -18.06 5.81
N ALA A 719 10.51 -18.02 5.21
CA ALA A 719 11.17 -16.73 4.98
C ALA A 719 10.39 -15.86 4.02
N VAL A 720 9.86 -16.46 2.95
CA VAL A 720 9.14 -15.71 1.93
C VAL A 720 7.87 -15.11 2.49
N ASP A 721 7.14 -15.88 3.32
CA ASP A 721 5.95 -15.35 3.97
C ASP A 721 6.27 -14.20 4.92
N SER A 722 7.35 -14.34 5.71
CA SER A 722 7.67 -13.28 6.67
C SER A 722 8.08 -11.99 5.97
N LYS A 723 8.94 -12.09 4.95
CA LYS A 723 9.39 -10.87 4.28
C LYS A 723 8.30 -10.28 3.42
N TRP A 724 7.39 -11.10 2.89
CA TRP A 724 6.29 -10.56 2.12
C TRP A 724 5.30 -9.81 3.02
N MET A 725 5.08 -10.29 4.25
CA MET A 725 4.24 -9.58 5.19
C MET A 725 4.85 -8.24 5.57
N ASP A 726 6.16 -8.21 5.82
CA ASP A 726 6.80 -6.93 6.14
C ASP A 726 6.76 -5.98 4.96
N HIS A 727 6.87 -6.52 3.74
CA HIS A 727 6.83 -5.68 2.55
C HIS A 727 5.44 -5.07 2.32
N ILE A 728 4.38 -5.85 2.52
CA ILE A 728 3.04 -5.29 2.29
C ILE A 728 2.69 -4.26 3.37
N ASP A 729 3.15 -4.49 4.61
CA ASP A 729 2.95 -3.48 5.65
C ASP A 729 3.68 -2.17 5.32
N ALA A 730 4.93 -2.27 4.88
CA ALA A 730 5.69 -1.08 4.51
C ALA A 730 5.10 -0.41 3.28
N MET A 731 4.51 -1.18 2.38
CA MET A 731 3.91 -0.60 1.18
C MET A 731 2.67 0.21 1.51
N ASP A 732 1.84 -0.26 2.46
CA ASP A 732 0.70 0.55 2.87
C ASP A 732 1.14 1.82 3.60
N GLN A 733 2.16 1.70 4.46
CA GLN A 733 2.71 2.86 5.15
C GLN A 733 3.27 3.89 4.16
N LEU A 734 3.82 3.42 3.06
CA LEU A 734 4.23 4.32 1.99
C LEU A 734 3.05 4.89 1.22
N ARG A 735 1.96 4.12 1.10
CA ARG A 735 0.82 4.57 0.29
C ARG A 735 0.11 5.75 0.91
N GLN A 736 0.14 5.88 2.24
CA GLN A 736 -0.37 7.12 2.83
C GLN A 736 0.56 8.30 2.55
N GLY A 737 1.87 8.07 2.75
CA GLY A 737 2.84 9.14 2.62
C GLY A 737 3.01 9.65 1.22
N ILE A 738 2.66 8.87 0.20
CA ILE A 738 2.83 9.35 -1.16
C ILE A 738 1.76 10.37 -1.53
N HIS A 739 0.52 10.15 -1.05
CA HIS A 739 -0.53 11.14 -1.19
C HIS A 739 -0.17 12.41 -0.45
N LEU A 740 0.53 12.28 0.68
CA LEU A 740 1.11 13.49 1.26
C LEU A 740 2.21 14.07 0.38
N ARG A 741 3.02 13.21 -0.25
CA ARG A 741 4.22 13.62 -0.98
C ARG A 741 3.91 14.43 -2.22
N ALA A 742 2.69 14.37 -2.73
CA ALA A 742 2.35 15.19 -3.90
C ALA A 742 2.22 16.68 -3.58
N TYR A 743 3.30 17.33 -3.15
CA TYR A 743 3.30 18.76 -2.88
C TYR A 743 4.34 19.52 -3.70
N ALA A 744 5.55 18.98 -3.82
CA ALA A 744 6.41 19.41 -4.90
C ALA A 744 5.80 18.98 -6.22
N GLN A 745 6.06 19.74 -7.27
CA GLN A 745 5.27 19.62 -8.50
C GLN A 745 5.62 18.37 -9.32
N THR A 746 5.45 17.20 -8.72
CA THR A 746 5.56 15.92 -9.40
C THR A 746 4.26 15.14 -9.15
N ASN A 747 3.87 14.33 -10.13
CA ASN A 747 2.77 13.42 -9.91
C ASN A 747 3.22 12.32 -8.94
N PRO A 748 2.41 12.01 -7.93
CA PRO A 748 2.86 11.10 -6.88
C PRO A 748 2.98 9.66 -7.33
N LEU A 749 2.25 9.25 -8.37
CA LEU A 749 2.18 7.84 -8.75
C LEU A 749 3.53 7.34 -9.27
N ARG A 750 4.26 8.19 -9.98
CA ARG A 750 5.60 7.83 -10.44
C ARG A 750 6.56 7.62 -9.28
N GLU A 751 6.50 8.52 -8.28
CA GLU A 751 7.34 8.37 -7.09
C GLU A 751 6.96 7.12 -6.32
N TYR A 752 5.66 6.80 -6.28
CA TYR A 752 5.20 5.58 -5.64
C TYR A 752 5.73 4.34 -6.36
N GLN A 753 5.72 4.35 -7.70
CA GLN A 753 6.23 3.21 -8.45
C GLN A 753 7.72 3.02 -8.24
N MET A 754 8.48 4.12 -8.24
CA MET A 754 9.92 4.02 -8.06
C MET A 754 10.28 3.56 -6.65
N GLU A 755 9.61 4.11 -5.63
CA GLU A 755 9.87 3.69 -4.27
C GLU A 755 9.41 2.26 -4.01
N GLY A 756 8.32 1.84 -4.65
CA GLY A 756 7.88 0.46 -4.52
C GLY A 756 8.84 -0.51 -5.17
N PHE A 757 9.42 -0.13 -6.30
CA PHE A 757 10.43 -0.98 -6.93
C PHE A 757 11.69 -1.07 -6.08
N ALA A 758 12.09 0.04 -5.46
CA ALA A 758 13.26 0.01 -4.58
C ALA A 758 13.02 -0.86 -3.35
N MET A 759 11.82 -0.75 -2.75
CA MET A 759 11.51 -1.59 -1.60
C MET A 759 11.35 -3.06 -2.00
N PHE A 760 10.89 -3.33 -3.22
CA PHE A 760 10.83 -4.70 -3.69
C PHE A 760 12.22 -5.29 -3.86
N GLU A 761 13.16 -4.49 -4.36
CA GLU A 761 14.54 -4.96 -4.49
C GLU A 761 15.17 -5.21 -3.12
N HIS A 762 14.91 -4.34 -2.15
CA HIS A 762 15.42 -4.55 -0.79
C HIS A 762 14.82 -5.81 -0.18
N MET A 763 13.54 -6.08 -0.43
CA MET A 763 12.91 -7.29 0.06
C MET A 763 13.50 -8.54 -0.58
N ILE A 764 13.79 -8.49 -1.88
CA ILE A 764 14.32 -9.71 -2.50
C ILE A 764 15.79 -9.92 -2.14
N GLU A 765 16.53 -8.85 -1.85
CA GLU A 765 17.89 -9.03 -1.34
C GLU A 765 17.88 -9.60 0.07
N SER A 766 16.92 -9.15 0.89
CA SER A 766 16.76 -9.75 2.21
C SER A 766 16.33 -11.20 2.13
N ILE A 767 15.50 -11.56 1.14
CA ILE A 767 15.04 -12.94 1.04
C ILE A 767 16.19 -13.85 0.62
N GLU A 768 17.08 -13.35 -0.24
CA GLU A 768 18.20 -14.18 -0.64
C GLU A 768 19.22 -14.32 0.48
N ASP A 769 19.47 -13.24 1.23
CA ASP A 769 20.38 -13.30 2.37
C ASP A 769 19.87 -14.24 3.45
N GLU A 770 18.57 -14.17 3.75
CA GLU A 770 18.01 -15.01 4.80
C GLU A 770 18.01 -16.48 4.41
N VAL A 771 17.68 -16.79 3.16
CA VAL A 771 17.67 -18.20 2.77
C VAL A 771 19.09 -18.75 2.70
N ALA A 772 20.08 -17.90 2.35
CA ALA A 772 21.46 -18.37 2.33
C ALA A 772 21.97 -18.66 3.74
N LYS A 773 21.76 -17.72 4.67
CA LYS A 773 22.30 -17.92 6.01
C LYS A 773 21.49 -18.91 6.82
N PHE A 774 20.28 -19.27 6.39
CA PHE A 774 19.57 -20.34 7.07
C PHE A 774 19.82 -21.71 6.47
N VAL A 775 20.08 -21.81 5.17
CA VAL A 775 20.41 -23.11 4.60
C VAL A 775 21.82 -23.52 4.96
N MET A 776 22.77 -22.60 4.84
CA MET A 776 24.17 -22.98 4.94
C MET A 776 24.67 -23.17 6.36
N LYS A 777 23.89 -22.84 7.38
CA LYS A 777 24.34 -22.95 8.76
C LYS A 777 23.47 -23.89 9.59
N ALA A 778 22.77 -24.81 8.93
CA ALA A 778 21.87 -25.70 9.64
C ALA A 778 22.01 -27.13 9.16
N PHE B 2 26.41 4.76 -24.18
CA PHE B 2 25.46 4.79 -23.08
C PHE B 2 24.35 3.76 -23.32
N ARG B 3 24.24 2.80 -22.41
CA ARG B 3 23.28 1.71 -22.58
C ARG B 3 21.85 2.11 -22.24
N THR B 4 21.67 3.24 -21.54
CA THR B 4 20.33 3.64 -21.09
C THR B 4 19.45 4.02 -22.28
N ILE B 5 20.02 4.72 -23.27
CA ILE B 5 19.24 5.08 -24.45
C ILE B 5 18.93 3.84 -25.30
N SER B 6 19.80 2.83 -25.26
CA SER B 6 19.56 1.61 -26.01
C SER B 6 18.52 0.72 -25.35
N ASN B 7 18.29 0.88 -24.04
CA ASN B 7 17.26 0.10 -23.36
C ASN B 7 15.87 0.54 -23.79
N PHE B 8 15.71 1.79 -24.21
CA PHE B 8 14.39 2.31 -24.54
C PHE B 8 13.87 1.73 -25.85
N MET B 9 14.75 1.54 -26.82
CA MET B 9 14.32 1.00 -28.11
C MET B 9 14.01 -0.49 -28.04
N ARG B 10 14.53 -1.19 -27.02
CA ARG B 10 14.17 -2.59 -26.84
C ARG B 10 12.73 -2.75 -26.42
N VAL B 11 12.21 -1.82 -25.62
CA VAL B 11 10.81 -1.84 -25.23
C VAL B 11 9.99 -1.30 -26.38
N SER B 12 8.92 -2.03 -26.74
CA SER B 12 8.12 -1.65 -27.90
C SER B 12 7.28 -0.42 -27.62
N ASP B 13 6.63 -0.37 -26.45
CA ASP B 13 5.64 0.66 -26.18
C ASP B 13 6.27 2.04 -25.99
N ILE B 14 7.39 2.10 -25.27
CA ILE B 14 7.99 3.40 -25.04
C ILE B 14 8.72 3.89 -26.30
N ARG B 15 9.19 2.98 -27.15
CA ARG B 15 9.73 3.43 -28.43
C ARG B 15 8.61 3.88 -29.36
N ASN B 16 7.42 3.28 -29.24
CA ASN B 16 6.26 3.75 -30.00
C ASN B 16 5.86 5.15 -29.58
N LYS B 17 5.83 5.41 -28.27
CA LYS B 17 5.42 6.74 -27.82
C LYS B 17 6.51 7.78 -28.07
N ILE B 18 7.80 7.41 -28.05
CA ILE B 18 8.80 8.43 -28.36
C ILE B 18 8.85 8.71 -29.87
N ILE B 19 8.59 7.72 -30.72
CA ILE B 19 8.51 7.97 -32.15
C ILE B 19 7.27 8.79 -32.48
N PHE B 20 6.16 8.53 -31.79
CA PHE B 20 4.96 9.35 -31.96
C PHE B 20 5.18 10.78 -31.49
N THR B 21 5.94 10.96 -30.40
CA THR B 21 6.29 12.30 -29.93
C THR B 21 7.15 13.04 -30.95
N LEU B 22 8.12 12.34 -31.55
CA LEU B 22 8.94 12.94 -32.59
C LEU B 22 8.13 13.29 -33.84
N LEU B 23 7.15 12.44 -34.19
CA LEU B 23 6.29 12.74 -35.32
C LEU B 23 5.42 13.97 -35.07
N MET B 24 4.86 14.09 -33.87
CA MET B 24 4.06 15.27 -33.56
C MET B 24 4.93 16.51 -33.43
N LEU B 25 6.19 16.33 -33.02
CA LEU B 25 7.14 17.43 -33.03
C LEU B 25 7.43 17.90 -34.45
N ILE B 26 7.56 16.95 -35.39
CA ILE B 26 7.73 17.30 -36.80
C ILE B 26 6.49 18.01 -37.33
N VAL B 27 5.30 17.58 -36.89
CA VAL B 27 4.04 18.21 -37.28
C VAL B 27 4.00 19.66 -36.80
N PHE B 28 4.43 19.90 -35.56
CA PHE B 28 4.53 21.27 -35.05
C PHE B 28 5.57 22.08 -35.81
N ARG B 29 6.72 21.47 -36.13
CA ARG B 29 7.81 22.22 -36.73
C ARG B 29 7.56 22.55 -38.19
N ILE B 30 6.80 21.73 -38.91
CA ILE B 30 6.44 22.09 -40.27
C ILE B 30 5.29 23.08 -40.32
N GLY B 31 4.59 23.28 -39.20
CA GLY B 31 3.48 24.20 -39.19
C GLY B 31 3.91 25.65 -39.15
N THR B 32 5.08 25.93 -38.57
CA THR B 32 5.55 27.31 -38.46
C THR B 32 6.23 27.81 -39.74
N PHE B 33 6.13 27.07 -40.83
CA PHE B 33 6.60 27.54 -42.13
C PHE B 33 5.48 27.70 -43.14
N ILE B 34 4.22 27.47 -42.74
CA ILE B 34 3.07 27.70 -43.60
C ILE B 34 2.24 28.82 -42.99
N PRO B 35 2.25 30.01 -43.58
CA PRO B 35 1.63 31.16 -42.93
C PRO B 35 0.20 31.42 -43.31
N VAL B 36 -0.37 32.47 -42.72
CA VAL B 36 -1.68 33.03 -43.05
C VAL B 36 -1.60 33.55 -44.48
N PRO B 37 -2.69 33.49 -45.29
CA PRO B 37 -2.62 33.93 -46.70
C PRO B 37 -2.26 35.40 -46.99
N SER B 38 -2.00 36.24 -45.99
CA SER B 38 -1.60 37.63 -46.25
C SER B 38 -0.55 38.04 -45.22
N VAL B 39 0.74 37.93 -45.58
CA VAL B 39 1.84 38.33 -44.72
C VAL B 39 2.70 39.42 -45.36
N ASN B 40 2.99 39.28 -46.66
CA ASN B 40 4.09 39.98 -47.34
C ASN B 40 5.40 39.80 -46.57
N THR B 41 5.73 38.55 -46.28
CA THR B 41 6.82 38.21 -45.37
C THR B 41 8.20 38.50 -45.95
N ASP B 42 8.30 38.71 -47.27
CA ASP B 42 9.55 39.14 -47.86
C ASP B 42 9.93 40.53 -47.37
N VAL B 43 8.95 41.42 -47.26
CA VAL B 43 9.18 42.74 -46.69
C VAL B 43 9.51 42.64 -45.21
N LEU B 44 8.89 41.69 -44.50
CA LEU B 44 9.17 41.50 -43.08
C LEU B 44 10.59 40.99 -42.85
N LYS B 45 11.06 40.09 -43.71
CA LYS B 45 12.46 39.69 -43.67
C LYS B 45 13.39 40.82 -44.07
N LEU B 46 12.93 41.71 -44.94
CA LEU B 46 13.71 42.90 -45.26
C LEU B 46 13.67 43.93 -44.14
N GLN B 47 12.54 44.02 -43.42
CA GLN B 47 12.40 45.08 -42.40
C GLN B 47 13.24 44.81 -41.16
N ASP B 48 13.43 43.54 -40.80
CA ASP B 48 14.36 43.23 -39.70
C ASP B 48 15.79 43.56 -40.11
N GLN B 49 16.13 43.37 -41.39
CA GLN B 49 17.40 43.83 -41.91
C GLN B 49 17.43 45.34 -42.08
N LEU B 50 16.27 45.98 -42.19
CA LEU B 50 16.20 47.43 -42.29
C LEU B 50 15.91 48.05 -40.93
N PHE B 59 14.98 33.81 -28.48
CA PHE B 59 14.85 34.27 -29.87
C PHE B 59 13.44 33.97 -30.38
N CYS B 60 12.68 35.04 -30.62
CA CYS B 60 11.30 34.95 -31.10
C CYS B 60 11.28 34.89 -32.62
N GLY B 61 12.00 33.93 -33.17
CA GLY B 61 12.26 33.79 -34.59
C GLY B 61 11.26 32.96 -35.36
N GLY B 62 10.21 32.47 -34.71
CA GLY B 62 9.15 31.78 -35.41
C GLY B 62 8.40 32.73 -36.33
N ALA B 63 7.76 33.74 -35.75
CA ALA B 63 7.07 34.75 -36.53
C ALA B 63 8.04 35.65 -37.30
N LEU B 64 9.29 35.74 -36.88
CA LEU B 64 10.27 36.57 -37.58
C LEU B 64 10.58 36.01 -38.96
N GLN B 65 10.75 34.69 -39.06
CA GLN B 65 10.91 34.08 -40.38
C GLN B 65 9.57 34.01 -41.10
N ASN B 66 8.57 33.41 -40.46
CA ASN B 66 7.25 33.24 -41.07
C ASN B 66 6.20 33.56 -40.03
N PHE B 67 5.44 34.63 -40.25
CA PHE B 67 4.33 34.98 -39.36
C PHE B 67 3.23 33.97 -39.61
N SER B 68 3.30 32.85 -38.91
CA SER B 68 2.73 31.59 -39.36
C SER B 68 1.27 31.44 -38.95
N ILE B 69 0.75 30.23 -39.13
CA ILE B 69 -0.61 29.91 -38.70
C ILE B 69 -0.71 29.96 -37.18
N PHE B 70 0.33 29.52 -36.48
CA PHE B 70 0.44 29.73 -35.04
C PHE B 70 1.76 30.45 -34.79
N ALA B 71 1.75 31.76 -34.98
CA ALA B 71 2.86 32.60 -34.56
C ALA B 71 2.74 32.98 -33.09
N MET B 72 1.50 33.21 -32.64
CA MET B 72 1.24 33.40 -31.22
C MET B 72 1.56 32.14 -30.43
N GLY B 73 1.18 30.98 -30.95
CA GLY B 73 1.57 29.72 -30.35
C GLY B 73 0.72 29.30 -29.17
N VAL B 74 1.37 29.08 -28.03
CA VAL B 74 0.74 28.43 -26.89
C VAL B 74 0.66 29.33 -25.67
N MET B 75 1.34 30.48 -25.66
CA MET B 75 1.30 31.52 -24.64
C MET B 75 -0.10 31.92 -24.12
N PRO B 76 -1.16 31.98 -24.95
CA PRO B 76 -2.50 32.17 -24.37
C PRO B 76 -2.94 31.06 -23.44
N TYR B 77 -2.54 29.80 -23.68
CA TYR B 77 -2.92 28.72 -22.77
C TYR B 77 -2.30 28.92 -21.41
N ILE B 78 -1.03 29.30 -21.37
CA ILE B 78 -0.35 29.48 -20.09
C ILE B 78 -0.90 30.71 -19.37
N THR B 79 -1.19 31.79 -20.12
CA THR B 79 -1.71 32.97 -19.43
C THR B 79 -3.15 32.78 -18.96
N ALA B 80 -3.95 31.96 -19.67
CA ALA B 80 -5.29 31.69 -19.18
C ALA B 80 -5.27 30.73 -17.99
N SER B 81 -4.34 29.78 -17.99
CA SER B 81 -4.22 28.88 -16.85
C SER B 81 -3.74 29.62 -15.61
N ILE B 82 -2.81 30.56 -15.76
CA ILE B 82 -2.36 31.29 -14.59
C ILE B 82 -3.44 32.29 -14.14
N ILE B 83 -4.26 32.79 -15.07
CA ILE B 83 -5.36 33.66 -14.68
C ILE B 83 -6.40 32.90 -13.87
N VAL B 84 -6.77 31.70 -14.32
CA VAL B 84 -7.78 30.95 -13.55
C VAL B 84 -7.17 30.38 -12.27
N GLN B 85 -5.85 30.16 -12.24
CA GLN B 85 -5.22 29.69 -11.02
C GLN B 85 -5.14 30.80 -9.97
N LEU B 86 -4.96 32.06 -10.41
CA LEU B 86 -5.10 33.16 -9.48
C LEU B 86 -6.55 33.39 -9.10
N LEU B 87 -7.48 33.08 -10.00
CA LEU B 87 -8.89 33.28 -9.73
C LEU B 87 -9.46 32.24 -8.79
N GLN B 88 -8.77 31.10 -8.62
CA GLN B 88 -9.24 30.11 -7.65
C GLN B 88 -9.05 30.55 -6.21
N MET B 89 -8.26 31.58 -5.95
CA MET B 89 -7.87 31.96 -4.59
C MET B 89 -8.56 33.26 -4.18
N ASP B 90 -9.62 33.13 -3.39
CA ASP B 90 -10.16 34.17 -2.51
C ASP B 90 -10.68 35.40 -3.25
N VAL B 91 -11.06 35.28 -4.51
CA VAL B 91 -11.61 36.40 -5.27
C VAL B 91 -12.99 36.11 -5.84
N VAL B 92 -13.42 34.85 -5.87
CA VAL B 92 -14.76 34.49 -6.33
C VAL B 92 -15.13 33.16 -5.66
N PRO B 93 -16.28 33.08 -5.00
CA PRO B 93 -16.67 31.81 -4.35
C PRO B 93 -17.02 30.69 -5.32
N LYS B 94 -17.42 31.03 -6.55
CA LYS B 94 -17.84 30.03 -7.52
C LYS B 94 -16.68 29.12 -7.92
N PHE B 95 -15.53 29.71 -8.23
CA PHE B 95 -14.37 28.90 -8.60
C PHE B 95 -13.77 28.20 -7.39
N ALA B 96 -13.96 28.75 -6.19
CA ALA B 96 -13.54 28.05 -4.98
C ALA B 96 -14.35 26.78 -4.77
N GLU B 97 -15.68 26.87 -4.95
CA GLU B 97 -16.52 25.68 -4.86
C GLU B 97 -16.23 24.70 -5.99
N TRP B 98 -15.91 25.21 -7.19
CA TRP B 98 -15.53 24.34 -8.30
C TRP B 98 -14.22 23.61 -8.03
N SER B 99 -13.28 24.28 -7.37
CA SER B 99 -12.03 23.62 -6.99
C SER B 99 -12.27 22.58 -5.90
N LYS B 100 -13.14 22.89 -4.94
CA LYS B 100 -13.36 21.99 -3.81
C LYS B 100 -14.59 21.10 -3.97
N GLN B 101 -15.07 20.90 -5.19
CA GLN B 101 -16.15 19.94 -5.43
C GLN B 101 -15.66 18.65 -6.08
N GLY B 102 -14.36 18.44 -6.16
CA GLY B 102 -13.83 17.19 -6.67
C GLY B 102 -13.30 17.29 -8.09
N GLU B 103 -12.97 16.13 -8.64
CA GLU B 103 -12.39 16.07 -9.98
C GLU B 103 -13.39 16.40 -11.07
N MET B 104 -14.69 16.28 -10.79
CA MET B 104 -15.69 16.78 -11.72
C MET B 104 -15.62 18.29 -11.85
N GLY B 105 -15.30 18.98 -10.75
CA GLY B 105 -15.02 20.40 -10.81
C GLY B 105 -13.76 20.72 -11.58
N ARG B 106 -12.78 19.82 -11.54
CA ARG B 106 -11.58 20.00 -12.36
C ARG B 106 -11.89 19.84 -13.84
N ARG B 107 -12.87 19.00 -14.19
CA ARG B 107 -13.26 18.80 -15.58
C ARG B 107 -13.89 20.06 -16.16
N LYS B 108 -14.88 20.61 -15.47
CA LYS B 108 -15.50 21.85 -15.93
C LYS B 108 -14.55 23.03 -15.79
N LEU B 109 -13.62 22.97 -14.84
CA LEU B 109 -12.57 23.99 -14.75
C LEU B 109 -11.67 23.95 -15.97
N ALA B 110 -11.34 22.74 -16.44
CA ALA B 110 -10.54 22.60 -17.65
C ALA B 110 -11.30 23.08 -18.88
N GLN B 111 -12.61 22.82 -18.94
CA GLN B 111 -13.40 23.30 -20.08
C GLN B 111 -13.54 24.82 -20.07
N PHE B 112 -13.72 25.41 -18.88
CA PHE B 112 -13.72 26.86 -18.74
C PHE B 112 -12.37 27.43 -19.15
N THR B 113 -11.29 26.72 -18.80
CA THR B 113 -9.96 27.13 -19.23
C THR B 113 -9.84 27.08 -20.75
N ARG B 114 -10.43 26.07 -21.40
CA ARG B 114 -10.40 25.99 -22.86
C ARG B 114 -11.11 27.17 -23.51
N TYR B 115 -12.30 27.52 -23.00
CA TYR B 115 -13.03 28.67 -23.55
C TYR B 115 -12.28 29.98 -23.27
N PHE B 116 -11.64 30.06 -22.10
CA PHE B 116 -10.84 31.22 -21.75
C PHE B 116 -9.64 31.36 -22.67
N THR B 117 -9.02 30.24 -23.05
CA THR B 117 -7.92 30.27 -24.02
C THR B 117 -8.40 30.74 -25.37
N ILE B 118 -9.61 30.32 -25.77
CA ILE B 118 -10.16 30.76 -27.05
C ILE B 118 -10.33 32.27 -27.08
N VAL B 119 -10.97 32.83 -26.05
CA VAL B 119 -11.22 34.28 -26.08
C VAL B 119 -9.93 35.08 -25.85
N LEU B 120 -9.02 34.58 -25.01
CA LEU B 120 -7.80 35.32 -24.74
C LEU B 120 -6.84 35.27 -25.91
N GLY B 121 -6.79 34.12 -26.61
CA GLY B 121 -6.05 34.04 -27.85
C GLY B 121 -6.62 34.93 -28.93
N PHE B 122 -7.95 35.08 -28.94
CA PHE B 122 -8.58 35.99 -29.90
C PHE B 122 -8.15 37.44 -29.66
N ILE B 123 -8.25 37.91 -28.41
CA ILE B 123 -7.94 39.31 -28.14
C ILE B 123 -6.44 39.58 -28.25
N GLN B 124 -5.61 38.64 -27.82
CA GLN B 124 -4.17 38.85 -27.97
C GLN B 124 -3.70 38.67 -29.41
N ALA B 125 -4.43 37.89 -30.22
CA ALA B 125 -4.11 37.81 -31.64
C ALA B 125 -4.41 39.12 -32.35
N LEU B 126 -5.55 39.75 -32.00
CA LEU B 126 -5.85 41.08 -32.51
C LEU B 126 -4.79 42.09 -32.11
N GLY B 127 -4.38 42.04 -30.83
CA GLY B 127 -3.38 42.96 -30.33
C GLY B 127 -2.02 42.78 -30.99
N MET B 128 -1.56 41.53 -31.10
CA MET B 128 -0.27 41.26 -31.70
C MET B 128 -0.27 41.55 -33.19
N SER B 129 -1.39 41.34 -33.87
CA SER B 129 -1.51 41.70 -35.28
C SER B 129 -1.38 43.20 -35.48
N TYR B 130 -2.07 44.00 -34.64
CA TYR B 130 -1.95 45.44 -34.75
C TYR B 130 -0.56 45.93 -34.38
N GLY B 131 0.05 45.31 -33.36
CA GLY B 131 1.38 45.72 -32.94
C GLY B 131 2.46 45.41 -33.96
N PHE B 132 2.35 44.25 -34.62
CA PHE B 132 3.29 43.94 -35.69
C PHE B 132 3.00 44.73 -36.95
N ASN B 133 1.75 45.17 -37.15
CA ASN B 133 1.46 46.08 -38.24
C ASN B 133 2.05 47.46 -37.98
N ASN B 134 2.17 47.85 -36.70
CA ASN B 134 2.80 49.13 -36.37
C ASN B 134 4.28 49.14 -36.71
N LEU B 135 5.02 48.11 -36.29
CA LEU B 135 6.45 48.06 -36.59
C LEU B 135 6.71 47.77 -38.06
N ALA B 136 5.73 47.22 -38.77
CA ALA B 136 5.82 47.17 -40.23
C ALA B 136 5.68 48.57 -40.82
N GLY B 137 4.59 49.25 -40.48
CA GLY B 137 4.38 50.61 -40.94
C GLY B 137 3.49 50.63 -42.16
N GLY B 138 2.20 50.88 -41.97
CA GLY B 138 1.27 50.95 -43.07
C GLY B 138 0.91 49.60 -43.68
N MET B 139 1.87 48.97 -44.34
CA MET B 139 1.64 47.76 -45.11
C MET B 139 2.23 46.56 -44.37
N LEU B 140 1.36 45.74 -43.80
CA LEU B 140 1.73 44.38 -43.42
C LEU B 140 0.70 43.43 -44.00
N ILE B 141 -0.55 43.87 -44.02
CA ILE B 141 -1.65 43.12 -44.63
C ILE B 141 -2.17 43.96 -45.80
N GLN B 142 -2.51 43.30 -46.90
CA GLN B 142 -3.06 44.01 -48.04
C GLN B 142 -4.45 44.54 -47.71
N ASN B 143 -4.67 45.83 -47.99
CA ASN B 143 -5.84 46.63 -47.62
C ASN B 143 -6.14 46.51 -46.13
N PRO B 144 -5.27 47.05 -45.26
CA PRO B 144 -5.39 46.79 -43.81
C PRO B 144 -6.45 47.68 -43.16
N GLY B 145 -7.55 47.06 -42.76
CA GLY B 145 -8.62 47.74 -42.05
C GLY B 145 -9.03 46.96 -40.81
N ILE B 146 -10.29 47.13 -40.43
CA ILE B 146 -10.83 46.40 -39.29
C ILE B 146 -11.50 45.10 -39.71
N GLY B 147 -12.03 45.03 -40.93
CA GLY B 147 -12.66 43.81 -41.41
C GLY B 147 -11.68 42.71 -41.75
N THR B 148 -10.41 43.05 -41.97
CA THR B 148 -9.40 42.03 -42.26
C THR B 148 -8.82 41.38 -41.02
N TYR B 149 -9.13 41.91 -39.83
CA TYR B 149 -8.60 41.33 -38.60
C TYR B 149 -9.29 40.02 -38.24
N LEU B 150 -10.49 39.78 -38.77
CA LEU B 150 -11.24 38.57 -38.46
C LEU B 150 -10.53 37.32 -38.98
N LEU B 151 -9.99 37.40 -40.20
CA LEU B 151 -9.33 36.24 -40.81
C LEU B 151 -8.07 35.84 -40.05
N ILE B 152 -7.23 36.82 -39.73
CA ILE B 152 -5.98 36.53 -39.02
C ILE B 152 -6.28 36.09 -37.58
N ALA B 153 -7.31 36.68 -36.95
CA ALA B 153 -7.68 36.25 -35.61
C ALA B 153 -8.20 34.81 -35.60
N VAL B 154 -9.00 34.46 -36.61
CA VAL B 154 -9.56 33.10 -36.67
C VAL B 154 -8.45 32.08 -36.94
N VAL B 155 -7.52 32.39 -37.84
CA VAL B 155 -6.47 31.41 -38.11
C VAL B 155 -5.46 31.33 -36.97
N LEU B 156 -5.24 32.42 -36.22
CA LEU B 156 -4.35 32.34 -35.06
C LEU B 156 -4.98 31.55 -33.93
N THR B 157 -6.28 31.74 -33.69
CA THR B 157 -6.96 30.92 -32.70
C THR B 157 -7.08 29.48 -33.14
N ALA B 158 -7.18 29.23 -34.44
CA ALA B 158 -7.19 27.86 -34.95
C ALA B 158 -5.84 27.19 -34.73
N GLY B 159 -4.75 27.94 -34.92
CA GLY B 159 -3.43 27.41 -34.63
C GLY B 159 -3.24 27.13 -33.14
N THR B 160 -3.76 28.01 -32.30
CA THR B 160 -3.68 27.80 -30.84
C THR B 160 -4.49 26.58 -30.41
N ALA B 161 -5.69 26.42 -30.96
CA ALA B 161 -6.51 25.27 -30.61
C ALA B 161 -5.92 23.97 -31.13
N PHE B 162 -5.31 24.02 -32.32
CA PHE B 162 -4.62 22.86 -32.85
C PHE B 162 -3.39 22.50 -32.02
N LEU B 163 -2.69 23.52 -31.51
CA LEU B 163 -1.54 23.26 -30.65
C LEU B 163 -1.96 22.66 -29.31
N MET B 164 -3.08 23.13 -28.77
CA MET B 164 -3.59 22.55 -27.52
C MET B 164 -4.10 21.13 -27.72
N TRP B 165 -4.71 20.85 -28.87
CA TRP B 165 -5.07 19.48 -29.20
C TRP B 165 -3.85 18.59 -29.35
N LEU B 166 -2.79 19.15 -29.95
CA LEU B 166 -1.53 18.41 -30.07
C LEU B 166 -0.92 18.12 -28.71
N GLY B 167 -0.98 19.09 -27.79
CA GLY B 167 -0.50 18.87 -26.45
C GLY B 167 -1.31 17.84 -25.69
N GLU B 168 -2.63 17.82 -25.92
CA GLU B 168 -3.48 16.78 -25.34
C GLU B 168 -3.11 15.41 -25.90
N GLN B 169 -2.78 15.34 -27.20
CA GLN B 169 -2.37 14.07 -27.79
C GLN B 169 -1.02 13.61 -27.26
N ILE B 170 -0.10 14.54 -26.97
CA ILE B 170 1.17 14.15 -26.39
C ILE B 170 1.00 13.71 -24.94
N THR B 171 0.10 14.34 -24.19
CA THR B 171 -0.18 13.86 -22.84
C THR B 171 -0.89 12.51 -22.86
N ALA B 172 -1.64 12.23 -23.92
CA ALA B 172 -2.34 10.95 -24.00
C ALA B 172 -1.41 9.81 -24.39
N LYS B 173 -0.79 9.90 -25.56
CA LYS B 173 -0.03 8.79 -26.13
C LYS B 173 1.42 9.11 -26.40
N GLY B 174 1.90 10.31 -26.04
CA GLY B 174 3.29 10.64 -26.25
C GLY B 174 4.13 10.32 -25.04
N VAL B 175 5.08 11.20 -24.70
CA VAL B 175 6.00 10.91 -23.61
C VAL B 175 5.52 11.56 -22.31
N GLY B 176 5.38 12.88 -22.31
CA GLY B 176 5.10 13.56 -21.07
C GLY B 176 4.11 14.70 -21.17
N ASN B 177 4.37 15.77 -20.42
CA ASN B 177 3.53 16.96 -20.43
C ASN B 177 3.69 17.66 -21.78
N GLY B 178 2.62 17.63 -22.59
CA GLY B 178 2.73 17.97 -24.00
C GLY B 178 3.00 19.45 -24.25
N ILE B 179 2.35 20.33 -23.50
CA ILE B 179 2.57 21.76 -23.65
C ILE B 179 3.99 22.12 -23.23
N SER B 180 4.51 21.44 -22.21
CA SER B 180 5.91 21.61 -21.81
C SER B 180 6.85 21.19 -22.93
N ILE B 181 6.52 20.09 -23.61
CA ILE B 181 7.31 19.62 -24.74
C ILE B 181 7.25 20.63 -25.89
N ILE B 182 6.09 21.26 -26.09
CA ILE B 182 5.92 22.24 -27.16
C ILE B 182 6.74 23.50 -26.89
N ILE B 183 6.73 23.98 -25.65
CA ILE B 183 7.53 25.14 -25.27
C ILE B 183 9.02 24.83 -25.39
N PHE B 184 9.41 23.61 -24.98
CA PHE B 184 10.78 23.16 -25.13
C PHE B 184 11.19 23.10 -26.60
N ALA B 185 10.27 22.66 -27.46
CA ALA B 185 10.53 22.61 -28.89
C ALA B 185 10.71 24.01 -29.47
N GLY B 186 9.92 24.97 -29.00
CA GLY B 186 10.11 26.35 -29.45
C GLY B 186 11.45 26.91 -29.05
N ILE B 187 11.90 26.62 -27.83
CA ILE B 187 13.19 27.12 -27.37
C ILE B 187 14.33 26.47 -28.15
N VAL B 188 14.32 25.14 -28.28
CA VAL B 188 15.43 24.49 -28.98
C VAL B 188 15.33 24.66 -30.49
N SER B 189 14.19 25.11 -31.01
CA SER B 189 14.13 25.56 -32.39
C SER B 189 14.67 26.96 -32.57
N GLY B 190 14.60 27.79 -31.53
CA GLY B 190 15.28 29.08 -31.60
C GLY B 190 16.77 28.99 -31.38
N ILE B 191 17.24 27.86 -30.82
CA ILE B 191 18.68 27.68 -30.59
C ILE B 191 19.57 27.71 -31.86
N PRO B 192 19.31 26.89 -32.91
CA PRO B 192 20.35 26.75 -33.96
C PRO B 192 20.55 27.98 -34.82
N THR B 193 19.57 28.88 -34.91
CA THR B 193 19.78 30.14 -35.60
C THR B 193 20.82 31.00 -34.88
N ILE B 194 20.75 31.05 -33.55
CA ILE B 194 21.76 31.80 -32.82
C ILE B 194 23.08 31.04 -32.79
N LEU B 195 23.06 29.71 -32.97
CA LEU B 195 24.31 28.99 -33.17
C LEU B 195 24.96 29.38 -34.50
N ASN B 196 24.15 29.53 -35.55
CA ASN B 196 24.67 29.99 -36.84
C ASN B 196 25.19 31.42 -36.75
N GLN B 197 24.52 32.27 -35.96
CA GLN B 197 24.99 33.64 -35.78
C GLN B 197 26.31 33.67 -35.02
N ILE B 198 26.47 32.79 -34.02
CA ILE B 198 27.72 32.70 -33.27
C ILE B 198 28.84 32.22 -34.19
N TYR B 199 28.56 31.24 -35.05
CA TYR B 199 29.55 30.79 -36.01
C TYR B 199 29.91 31.87 -37.02
N ALA B 200 28.92 32.63 -37.49
CA ALA B 200 29.15 33.69 -38.45
C ALA B 200 29.77 34.94 -37.84
N GLN B 201 29.80 35.05 -36.51
CA GLN B 201 30.47 36.20 -35.89
C GLN B 201 31.98 36.14 -36.05
N THR B 202 32.55 34.95 -36.25
CA THR B 202 33.99 34.82 -36.47
C THR B 202 34.28 34.03 -37.75
N LEU B 212 38.79 36.49 -27.57
CA LEU B 212 38.47 36.86 -28.94
C LEU B 212 37.82 35.71 -29.69
N ASN B 213 38.63 34.95 -30.43
CA ASN B 213 38.12 33.86 -31.25
C ASN B 213 37.78 32.63 -30.41
N ILE B 214 38.73 32.14 -29.63
CA ILE B 214 38.62 30.86 -28.97
C ILE B 214 38.38 30.99 -27.47
N VAL B 215 39.09 31.91 -26.82
CA VAL B 215 39.03 32.01 -25.35
C VAL B 215 37.68 32.55 -24.90
N ARG B 216 37.05 33.40 -25.71
CA ARG B 216 35.66 33.79 -25.43
C ARG B 216 34.72 32.61 -25.55
N LEU B 217 34.93 31.76 -26.57
CA LEU B 217 34.07 30.60 -26.78
C LEU B 217 34.21 29.59 -25.65
N LEU B 218 35.45 29.27 -25.26
CA LEU B 218 35.66 28.33 -24.17
C LEU B 218 35.23 28.92 -22.84
N LEU B 219 35.38 30.24 -22.66
CA LEU B 219 34.93 30.88 -21.44
C LEU B 219 33.41 30.84 -21.31
N VAL B 220 32.68 31.11 -22.40
CA VAL B 220 31.23 31.04 -22.30
C VAL B 220 30.73 29.60 -22.26
N ALA B 221 31.49 28.64 -22.80
CA ALA B 221 31.13 27.24 -22.62
C ALA B 221 31.26 26.81 -21.17
N LEU B 222 32.35 27.22 -20.51
CA LEU B 222 32.53 26.96 -19.09
C LEU B 222 31.46 27.66 -18.26
N ALA B 223 31.09 28.89 -18.66
CA ALA B 223 30.05 29.63 -17.95
C ALA B 223 28.68 28.98 -18.10
N VAL B 224 28.36 28.48 -19.30
CA VAL B 224 27.08 27.83 -19.54
C VAL B 224 27.00 26.52 -18.76
N VAL B 225 28.09 25.74 -18.75
CA VAL B 225 28.11 24.49 -18.01
C VAL B 225 28.01 24.75 -16.50
N ALA B 226 28.69 25.79 -16.01
CA ALA B 226 28.62 26.14 -14.59
C ALA B 226 27.23 26.60 -14.19
N VAL B 227 26.58 27.41 -15.03
CA VAL B 227 25.26 27.92 -14.65
C VAL B 227 24.20 26.83 -14.79
N ILE B 228 24.36 25.88 -15.73
CA ILE B 228 23.37 24.82 -15.81
C ILE B 228 23.57 23.82 -14.67
N VAL B 229 24.82 23.64 -14.20
CA VAL B 229 25.06 22.82 -13.02
C VAL B 229 24.48 23.48 -11.78
N GLY B 230 24.60 24.80 -11.69
CA GLY B 230 23.98 25.51 -10.57
C GLY B 230 22.47 25.45 -10.58
N VAL B 231 21.86 25.52 -11.77
CA VAL B 231 20.40 25.46 -11.87
C VAL B 231 19.89 24.05 -11.53
N ILE B 232 20.59 23.01 -11.98
CA ILE B 232 20.22 21.65 -11.58
C ILE B 232 20.42 21.46 -10.08
N TYR B 233 21.48 22.05 -9.53
CA TYR B 233 21.77 21.92 -8.11
C TYR B 233 20.75 22.64 -7.24
N ILE B 234 20.16 23.72 -7.74
CA ILE B 234 19.14 24.42 -6.97
C ILE B 234 17.79 23.75 -7.14
N GLN B 235 17.42 23.41 -8.38
CA GLN B 235 16.04 23.09 -8.71
C GLN B 235 15.60 21.73 -8.15
N GLN B 236 16.51 20.78 -8.02
CA GLN B 236 16.16 19.45 -7.53
C GLN B 236 16.22 19.34 -6.02
N ALA B 237 16.58 20.41 -5.33
CA ALA B 237 16.80 20.35 -3.89
C ALA B 237 15.46 20.36 -3.15
N PHE B 238 15.32 19.45 -2.19
CA PHE B 238 14.12 19.35 -1.38
C PHE B 238 14.41 19.79 0.04
N ARG B 239 13.35 20.15 0.76
CA ARG B 239 13.40 20.34 2.20
C ARG B 239 12.38 19.40 2.80
N LYS B 240 12.84 18.41 3.54
CA LYS B 240 12.00 17.31 3.98
C LYS B 240 11.46 17.62 5.37
N ILE B 241 10.22 18.07 5.43
CA ILE B 241 9.52 18.20 6.70
C ILE B 241 8.99 16.83 7.08
N PRO B 242 9.41 16.25 8.19
CA PRO B 242 8.92 14.92 8.56
C PRO B 242 7.50 15.00 9.10
N ILE B 243 6.68 14.03 8.71
CA ILE B 243 5.29 13.94 9.15
C ILE B 243 5.06 12.54 9.68
N GLN B 244 4.50 12.42 10.87
CA GLN B 244 4.12 11.14 11.44
C GLN B 244 2.60 11.07 11.53
N TYR B 245 2.03 10.04 10.93
CA TYR B 245 0.58 9.90 10.90
C TYR B 245 0.09 9.23 12.17
N ALA B 246 -1.00 9.76 12.72
CA ALA B 246 -1.56 9.22 13.95
C ALA B 246 -2.29 7.90 13.70
N LYS B 247 -3.10 7.84 12.64
CA LYS B 247 -3.98 6.70 12.40
C LYS B 247 -3.23 5.43 12.00
N ARG B 248 -1.97 5.55 11.61
CA ARG B 248 -1.17 4.37 11.28
C ARG B 248 -0.51 3.86 12.55
N LEU B 249 -0.51 2.53 12.70
CA LEU B 249 0.01 1.92 13.93
C LEU B 249 1.52 2.06 14.03
N GLU B 250 2.22 1.70 12.95
CA GLU B 250 3.69 1.56 12.91
C GLU B 250 4.19 0.67 14.05
N GLY B 251 3.50 -0.45 14.26
CA GLY B 251 3.79 -1.30 15.39
C GLY B 251 4.31 -2.68 15.01
N ARG B 252 5.05 -2.75 13.91
CA ARG B 252 5.72 -3.97 13.48
C ARG B 252 7.19 -3.65 13.28
N ASN B 253 7.94 -4.61 12.77
CA ASN B 253 9.36 -4.38 12.52
C ASN B 253 9.53 -3.51 11.29
N PRO B 254 10.14 -2.32 11.43
CA PRO B 254 10.31 -1.45 10.25
C PRO B 254 11.66 -1.60 9.58
N VAL B 255 11.75 -1.14 8.33
CA VAL B 255 13.05 -0.91 7.72
C VAL B 255 13.53 0.51 7.99
N GLY B 256 12.62 1.49 7.97
CA GLY B 256 12.95 2.85 8.32
C GLY B 256 13.70 3.63 7.26
N GLY B 257 13.88 3.07 6.07
CA GLY B 257 14.64 3.75 5.04
C GLY B 257 13.89 4.91 4.41
N HIS B 258 12.57 4.76 4.23
CA HIS B 258 11.74 5.78 3.58
C HIS B 258 10.56 6.11 4.51
N SER B 259 10.78 7.07 5.40
CA SER B 259 9.70 7.53 6.25
C SER B 259 8.77 8.46 5.48
N THR B 260 7.59 8.69 6.05
CA THR B 260 6.66 9.65 5.46
C THR B 260 7.16 11.07 5.73
N HIS B 261 7.23 11.88 4.68
CA HIS B 261 7.78 13.21 4.82
C HIS B 261 7.10 14.14 3.82
N LEU B 262 7.15 15.43 4.13
CA LEU B 262 6.56 16.47 3.29
C LEU B 262 7.69 17.25 2.62
N PRO B 263 7.76 17.28 1.30
CA PRO B 263 8.81 18.04 0.63
C PRO B 263 8.39 19.47 0.32
N LEU B 264 9.38 20.36 0.35
CA LEU B 264 9.22 21.73 -0.09
C LEU B 264 10.33 22.05 -1.07
N LYS B 265 9.97 22.54 -2.25
CA LYS B 265 10.97 22.93 -3.22
C LYS B 265 11.61 24.25 -2.80
N VAL B 266 12.92 24.36 -3.04
CA VAL B 266 13.65 25.57 -2.65
C VAL B 266 13.23 26.74 -3.52
N ASN B 267 13.00 26.51 -4.80
CA ASN B 267 12.31 27.48 -5.63
C ASN B 267 10.88 27.01 -5.81
N PRO B 268 9.95 27.42 -4.94
CA PRO B 268 8.60 26.84 -4.99
C PRO B 268 7.72 27.41 -6.08
N ALA B 269 8.16 28.49 -6.75
CA ALA B 269 7.30 29.18 -7.71
C ALA B 269 7.56 28.76 -9.14
N GLY B 270 8.82 28.74 -9.56
CA GLY B 270 9.11 28.47 -10.96
C GLY B 270 9.33 29.75 -11.73
N VAL B 271 8.89 29.78 -12.99
CA VAL B 271 9.13 30.91 -13.86
C VAL B 271 7.90 31.82 -13.95
N ILE B 272 6.99 31.72 -12.99
CA ILE B 272 5.93 32.72 -12.87
C ILE B 272 6.42 34.14 -12.58
N PRO B 273 7.25 34.40 -11.55
CA PRO B 273 7.44 35.79 -11.12
C PRO B 273 8.30 36.61 -12.06
N VAL B 274 9.08 35.97 -12.94
CA VAL B 274 9.75 36.74 -13.97
C VAL B 274 8.74 37.30 -14.96
N ILE B 275 7.66 36.55 -15.24
CA ILE B 275 6.61 37.04 -16.13
C ILE B 275 5.83 38.15 -15.47
N PHE B 276 5.55 38.01 -14.16
CA PHE B 276 4.90 39.10 -13.44
C PHE B 276 5.77 40.35 -13.40
N ALA B 277 7.08 40.17 -13.22
CA ALA B 277 8.01 41.29 -13.18
C ALA B 277 8.11 42.00 -14.52
N VAL B 278 8.20 41.25 -15.62
CA VAL B 278 8.31 41.91 -16.91
C VAL B 278 6.97 42.54 -17.31
N SER B 279 5.84 41.99 -16.84
CA SER B 279 4.56 42.62 -17.12
C SER B 279 4.44 43.97 -16.42
N PHE B 280 4.73 43.99 -15.11
CA PHE B 280 4.70 45.26 -14.37
C PHE B 280 5.80 46.21 -14.83
N LEU B 281 6.88 45.70 -15.44
CA LEU B 281 7.94 46.57 -15.90
C LEU B 281 7.61 47.23 -17.24
N ILE B 282 7.03 46.47 -18.18
CA ILE B 282 6.77 47.04 -19.50
C ILE B 282 5.38 47.66 -19.61
N ALA B 283 4.54 47.56 -18.59
CA ALA B 283 3.29 48.33 -18.60
C ALA B 283 3.47 49.86 -18.61
N PRO B 284 4.38 50.50 -17.87
CA PRO B 284 4.52 51.97 -18.00
C PRO B 284 5.06 52.43 -19.35
N PRO B 285 5.96 51.71 -20.05
CA PRO B 285 6.19 52.09 -21.46
C PRO B 285 4.98 51.94 -22.35
N THR B 286 4.09 50.97 -22.08
CA THR B 286 2.88 50.83 -22.87
C THR B 286 1.93 52.00 -22.65
N ILE B 287 1.73 52.42 -21.40
CA ILE B 287 0.87 53.57 -21.17
C ILE B 287 1.55 54.88 -21.57
N ALA B 288 2.89 54.91 -21.64
CA ALA B 288 3.58 56.09 -22.16
C ALA B 288 3.47 56.18 -23.67
N SER B 289 3.49 55.05 -24.37
CA SER B 289 3.24 55.05 -25.81
C SER B 289 1.79 55.39 -26.12
N PHE B 290 0.86 54.95 -25.28
CA PHE B 290 -0.54 55.34 -25.46
C PHE B 290 -0.75 56.82 -25.15
N PHE B 291 0.03 57.38 -24.21
CA PHE B 291 -0.09 58.80 -23.89
C PHE B 291 0.41 59.68 -25.04
N GLY B 292 1.44 59.25 -25.75
CA GLY B 292 1.97 60.06 -26.84
C GLY B 292 3.43 60.42 -26.67
N THR B 293 3.77 61.70 -26.83
CA THR B 293 5.13 62.16 -26.78
C THR B 293 5.28 63.23 -25.70
N ASN B 294 6.27 63.06 -24.83
CA ASN B 294 6.56 63.99 -23.75
C ASN B 294 7.99 63.74 -23.30
N ASP B 295 8.55 64.72 -22.59
CA ASP B 295 9.85 64.54 -21.96
C ASP B 295 9.79 63.50 -20.86
N VAL B 296 8.66 63.45 -20.14
CA VAL B 296 8.48 62.44 -19.10
C VAL B 296 8.32 61.06 -19.73
N THR B 297 7.78 60.97 -20.95
CA THR B 297 7.65 59.70 -21.65
C THR B 297 9.03 59.13 -22.00
N LEU B 298 9.90 59.96 -22.57
CA LEU B 298 11.25 59.53 -22.88
C LEU B 298 12.07 59.27 -21.62
N TRP B 299 11.82 60.03 -20.55
CA TRP B 299 12.49 59.79 -19.28
C TRP B 299 12.08 58.44 -18.68
N ILE B 300 10.80 58.10 -18.78
CA ILE B 300 10.32 56.81 -18.30
C ILE B 300 10.90 55.69 -19.14
N ARG B 301 10.90 55.84 -20.47
CA ARG B 301 11.45 54.82 -21.36
C ARG B 301 12.95 54.62 -21.16
N ARG B 302 13.66 55.70 -20.83
CA ARG B 302 15.08 55.58 -20.52
C ARG B 302 15.31 54.97 -19.15
N THR B 303 14.43 55.22 -18.19
CA THR B 303 14.65 54.79 -16.81
C THR B 303 13.95 53.48 -16.46
N PHE B 304 12.96 53.04 -17.23
CA PHE B 304 12.29 51.77 -16.97
C PHE B 304 12.74 50.71 -17.96
N ASP B 305 14.03 50.72 -18.29
CA ASP B 305 14.64 49.66 -19.08
C ASP B 305 15.52 48.80 -18.18
N TYR B 306 15.34 47.49 -18.25
CA TYR B 306 16.12 46.59 -17.40
C TYR B 306 17.49 46.28 -17.98
N THR B 307 17.75 46.61 -19.24
CA THR B 307 19.10 46.48 -19.76
C THR B 307 19.99 47.63 -19.28
N HIS B 308 19.43 48.82 -19.13
CA HIS B 308 20.13 49.89 -18.43
C HIS B 308 20.21 49.54 -16.94
N PRO B 309 21.34 49.80 -16.29
CA PRO B 309 21.51 49.40 -14.89
C PRO B 309 20.76 50.26 -13.87
N VAL B 310 19.92 51.20 -14.30
CA VAL B 310 19.10 51.96 -13.35
C VAL B 310 17.71 51.37 -13.19
N GLY B 311 17.32 50.42 -14.04
CA GLY B 311 16.05 49.74 -13.87
C GLY B 311 16.27 48.31 -13.41
N MET B 312 17.55 47.92 -13.36
CA MET B 312 17.92 46.58 -12.93
C MET B 312 17.55 46.33 -11.48
N THR B 313 17.73 47.33 -10.62
CA THR B 313 17.37 47.19 -9.21
C THR B 313 15.86 47.07 -9.05
N ILE B 314 15.10 47.80 -9.86
CA ILE B 314 13.65 47.68 -9.88
C ILE B 314 13.25 46.28 -10.32
N TYR B 315 13.94 45.75 -11.33
CA TYR B 315 13.68 44.39 -11.81
C TYR B 315 13.95 43.35 -10.74
N VAL B 316 15.05 43.50 -10.00
CA VAL B 316 15.42 42.53 -8.98
C VAL B 316 14.46 42.59 -7.79
N VAL B 317 14.09 43.79 -7.35
CA VAL B 317 13.18 43.88 -6.21
C VAL B 317 11.77 43.43 -6.62
N LEU B 318 11.40 43.61 -7.89
CA LEU B 318 10.12 43.10 -8.35
C LEU B 318 10.12 41.58 -8.42
N ILE B 319 11.27 41.01 -8.82
CA ILE B 319 11.45 39.56 -8.82
C ILE B 319 11.27 39.02 -7.41
N ILE B 320 11.89 39.67 -6.43
CA ILE B 320 11.86 39.19 -5.05
C ILE B 320 10.44 39.27 -4.48
N ALA B 321 9.77 40.41 -4.69
CA ALA B 321 8.42 40.58 -4.15
C ALA B 321 7.42 39.63 -4.81
N PHE B 322 7.52 39.47 -6.13
CA PHE B 322 6.57 38.60 -6.80
C PHE B 322 6.84 37.13 -6.53
N THR B 323 8.10 36.75 -6.29
CA THR B 323 8.32 35.35 -5.95
C THR B 323 7.92 35.06 -4.50
N TYR B 324 7.97 36.06 -3.61
CA TYR B 324 7.39 35.86 -2.29
C TYR B 324 5.88 35.69 -2.37
N PHE B 325 5.24 36.50 -3.21
CA PHE B 325 3.80 36.40 -3.40
C PHE B 325 3.40 35.06 -3.98
N TYR B 326 4.10 34.61 -5.03
CA TYR B 326 3.72 33.35 -5.64
C TYR B 326 4.13 32.15 -4.83
N ALA B 327 5.15 32.28 -3.98
CA ALA B 327 5.43 31.21 -3.01
C ALA B 327 4.30 31.10 -2.01
N PHE B 328 3.79 32.22 -1.50
CA PHE B 328 2.73 32.11 -0.51
C PHE B 328 1.36 31.88 -1.13
N VAL B 329 1.22 31.96 -2.45
CA VAL B 329 -0.04 31.57 -3.08
C VAL B 329 0.04 30.19 -3.71
N GLN B 330 1.23 29.64 -3.90
CA GLN B 330 1.36 28.30 -4.47
C GLN B 330 1.28 27.22 -3.39
N VAL B 331 2.05 27.38 -2.32
CA VAL B 331 2.02 26.42 -1.23
C VAL B 331 0.75 26.58 -0.41
N ASN B 332 0.40 27.84 -0.09
CA ASN B 332 -0.77 28.26 0.69
C ASN B 332 -0.73 27.61 2.06
N PRO B 333 0.15 28.08 2.95
CA PRO B 333 0.41 27.35 4.21
C PRO B 333 -0.77 27.26 5.16
N GLU B 334 -1.72 28.19 5.11
CA GLU B 334 -2.92 28.06 5.94
C GLU B 334 -3.77 26.89 5.49
N GLN B 335 -4.03 26.80 4.20
CA GLN B 335 -4.81 25.69 3.67
C GLN B 335 -4.03 24.38 3.74
N MET B 336 -2.70 24.44 3.62
CA MET B 336 -1.87 23.25 3.81
C MET B 336 -1.97 22.75 5.24
N ALA B 337 -1.92 23.65 6.22
CA ALA B 337 -2.02 23.24 7.62
C ALA B 337 -3.39 22.70 7.94
N ASP B 338 -4.45 23.30 7.39
CA ASP B 338 -5.80 22.79 7.63
C ASP B 338 -6.02 21.45 6.95
N ASN B 339 -5.47 21.27 5.74
CA ASN B 339 -5.60 20.00 5.04
C ASN B 339 -4.79 18.91 5.72
N LEU B 340 -3.67 19.27 6.34
CA LEU B 340 -2.86 18.31 7.05
C LEU B 340 -3.47 17.95 8.40
N LYS B 341 -4.15 18.90 9.04
CA LYS B 341 -4.83 18.61 10.29
C LYS B 341 -6.09 17.78 10.06
N LYS B 342 -6.73 17.96 8.89
CA LYS B 342 -8.00 17.29 8.64
C LYS B 342 -7.86 15.78 8.48
N GLN B 343 -6.68 15.28 8.15
CA GLN B 343 -6.47 13.83 8.01
C GLN B 343 -5.25 13.43 8.83
N GLY B 344 -5.43 13.30 10.14
CA GLY B 344 -4.44 12.62 10.93
C GLY B 344 -3.25 13.43 11.40
N GLY B 345 -2.15 13.30 10.67
CA GLY B 345 -0.82 13.56 11.21
C GLY B 345 -0.44 15.01 11.38
N TYR B 346 0.86 15.21 11.60
CA TYR B 346 1.38 16.42 12.21
C TYR B 346 2.89 16.41 12.11
N ILE B 347 3.48 17.58 12.16
CA ILE B 347 4.93 17.71 12.39
C ILE B 347 5.22 17.29 13.82
N PRO B 348 6.28 16.51 14.09
CA PRO B 348 6.56 16.08 15.46
C PRO B 348 6.91 17.25 16.38
N GLY B 349 6.32 17.23 17.58
CA GLY B 349 6.54 18.27 18.56
C GLY B 349 5.75 19.54 18.35
N ILE B 350 4.89 19.60 17.33
CA ILE B 350 4.15 20.80 16.99
C ILE B 350 2.67 20.52 17.11
N ARG B 351 1.92 21.50 17.61
CA ARG B 351 0.46 21.41 17.60
C ARG B 351 -0.04 21.43 16.16
N PRO B 352 -1.15 20.74 15.88
CA PRO B 352 -1.69 20.71 14.51
C PRO B 352 -2.62 21.87 14.16
N GLY B 353 -2.62 22.96 14.92
CA GLY B 353 -3.48 24.09 14.61
C GLY B 353 -2.77 25.26 13.97
N LYS B 354 -2.46 26.27 14.77
CA LYS B 354 -1.81 27.48 14.26
C LYS B 354 -0.30 27.32 14.21
N ASN B 355 0.26 26.51 15.12
CA ASN B 355 1.70 26.43 15.27
C ASN B 355 2.37 25.74 14.09
N THR B 356 1.69 24.77 13.48
CA THR B 356 2.23 24.15 12.26
C THR B 356 2.23 25.13 11.10
N GLN B 357 1.22 26.00 11.03
CA GLN B 357 1.20 27.05 10.02
C GLN B 357 2.35 28.02 10.22
N GLU B 358 2.64 28.39 11.47
CA GLU B 358 3.76 29.28 11.76
C GLU B 358 5.10 28.61 11.41
N TYR B 359 5.22 27.32 11.73
CA TYR B 359 6.45 26.57 11.44
C TYR B 359 6.71 26.51 9.94
N VAL B 360 5.72 26.08 9.18
CA VAL B 360 5.89 25.98 7.74
C VAL B 360 6.01 27.36 7.10
N THR B 361 5.49 28.41 7.74
CA THR B 361 5.68 29.77 7.24
C THR B 361 7.12 30.23 7.39
N ARG B 362 7.75 29.91 8.53
CA ARG B 362 9.15 30.27 8.71
C ARG B 362 10.07 29.51 7.77
N ILE B 363 9.78 28.21 7.58
CA ILE B 363 10.57 27.41 6.64
C ILE B 363 10.41 27.94 5.22
N LEU B 364 9.18 28.32 4.87
CA LEU B 364 8.93 28.86 3.54
C LEU B 364 9.57 30.23 3.36
N TYR B 365 9.65 31.03 4.43
CA TYR B 365 10.35 32.32 4.38
C TYR B 365 11.81 32.14 3.98
N ARG B 366 12.52 31.26 4.68
CA ARG B 366 13.95 31.09 4.40
C ARG B 366 14.17 30.45 3.03
N LEU B 367 13.34 29.45 2.68
CA LEU B 367 13.50 28.78 1.39
C LEU B 367 13.18 29.71 0.23
N THR B 368 12.16 30.54 0.36
CA THR B 368 11.88 31.45 -0.74
C THR B 368 12.84 32.62 -0.77
N LEU B 369 13.55 32.92 0.34
CA LEU B 369 14.61 33.91 0.26
C LEU B 369 15.77 33.43 -0.60
N VAL B 370 16.24 32.20 -0.33
CA VAL B 370 17.38 31.70 -1.12
C VAL B 370 16.94 31.42 -2.57
N GLY B 371 15.71 30.92 -2.77
CA GLY B 371 15.20 30.78 -4.12
C GLY B 371 14.99 32.09 -4.84
N SER B 372 14.65 33.15 -4.10
CA SER B 372 14.49 34.48 -4.67
C SER B 372 15.80 35.00 -5.21
N LEU B 373 16.87 34.86 -4.41
CA LEU B 373 18.18 35.31 -4.86
C LEU B 373 18.66 34.51 -6.05
N PHE B 374 18.38 33.20 -6.06
CA PHE B 374 18.73 32.36 -7.20
C PHE B 374 18.01 32.81 -8.48
N LEU B 375 16.70 33.01 -8.39
CA LEU B 375 15.92 33.38 -9.56
C LEU B 375 16.26 34.78 -10.06
N ALA B 376 16.59 35.69 -9.14
CA ALA B 376 17.01 37.03 -9.54
C ALA B 376 18.35 36.99 -10.27
N PHE B 377 19.29 36.17 -9.79
CA PHE B 377 20.58 36.03 -10.48
C PHE B 377 20.40 35.42 -11.87
N ILE B 378 19.52 34.43 -11.99
CA ILE B 378 19.28 33.80 -13.29
C ILE B 378 18.61 34.78 -14.25
N ALA B 379 17.69 35.62 -13.74
CA ALA B 379 17.04 36.60 -14.59
C ALA B 379 17.99 37.72 -15.00
N VAL B 380 18.94 38.09 -14.15
CA VAL B 380 19.87 39.17 -14.47
C VAL B 380 21.09 38.69 -15.26
N LEU B 381 21.29 37.37 -15.38
CA LEU B 381 22.39 36.81 -16.14
C LEU B 381 22.52 37.24 -17.61
N PRO B 382 21.47 37.20 -18.47
CA PRO B 382 21.75 37.33 -19.92
C PRO B 382 22.19 38.72 -20.36
N VAL B 383 21.76 39.79 -19.68
CA VAL B 383 22.24 41.12 -20.03
C VAL B 383 23.71 41.26 -19.66
N PHE B 384 24.13 40.63 -18.55
CA PHE B 384 25.55 40.61 -18.20
C PHE B 384 26.37 39.82 -19.22
N PHE B 385 25.81 38.71 -19.72
CA PHE B 385 26.50 37.95 -20.76
C PHE B 385 26.62 38.74 -22.05
N VAL B 386 25.55 39.42 -22.47
CA VAL B 386 25.58 40.16 -23.73
C VAL B 386 26.41 41.43 -23.60
N ASN B 387 26.65 41.93 -22.39
CA ASN B 387 27.53 43.08 -22.24
C ASN B 387 28.99 42.69 -22.06
N PHE B 388 29.27 41.53 -21.45
CA PHE B 388 30.63 41.13 -21.13
C PHE B 388 31.12 39.97 -22.00
N ALA B 389 30.42 39.67 -23.10
CA ALA B 389 30.82 38.57 -23.96
C ALA B 389 30.98 38.96 -25.42
N ASN B 390 30.69 40.21 -25.79
CA ASN B 390 30.61 40.70 -27.17
C ASN B 390 29.68 39.81 -27.99
N LEU B 391 28.42 39.82 -27.59
CA LEU B 391 27.42 38.86 -28.02
C LEU B 391 26.35 39.56 -28.86
N PRO B 392 25.74 38.86 -29.82
CA PRO B 392 24.57 39.40 -30.49
C PRO B 392 23.40 39.54 -29.50
N PRO B 393 22.57 40.57 -29.68
CA PRO B 393 21.53 40.85 -28.67
C PRO B 393 20.42 39.81 -28.61
N SER B 394 20.22 39.05 -29.68
CA SER B 394 19.15 38.06 -29.74
C SER B 394 19.59 36.70 -29.19
N ALA B 395 20.67 36.65 -28.42
CA ALA B 395 21.11 35.38 -27.86
C ALA B 395 20.22 34.93 -26.72
N GLN B 396 20.16 35.74 -25.65
CA GLN B 396 19.32 35.52 -24.46
C GLN B 396 19.60 34.17 -23.80
N ILE B 397 20.87 33.81 -23.72
CA ILE B 397 21.26 32.57 -23.06
C ILE B 397 21.17 32.73 -21.56
N GLY B 398 20.76 31.66 -20.88
CA GLY B 398 20.68 31.69 -19.44
C GLY B 398 19.47 32.41 -18.87
N GLY B 399 18.48 32.72 -19.70
CA GLY B 399 17.27 33.35 -19.20
C GLY B 399 16.30 32.37 -18.60
N THR B 400 15.00 32.61 -18.77
CA THR B 400 14.00 31.66 -18.32
C THR B 400 13.97 30.41 -19.19
N SER B 401 14.48 30.53 -20.42
CA SER B 401 14.55 29.40 -21.34
C SER B 401 15.42 28.28 -20.78
N LEU B 402 16.50 28.64 -20.10
CA LEU B 402 17.36 27.64 -19.46
C LEU B 402 16.61 26.89 -18.37
N LEU B 403 15.83 27.61 -17.57
CA LEU B 403 15.07 27.00 -16.48
C LEU B 403 14.02 26.04 -17.01
N ILE B 404 13.26 26.47 -18.04
CA ILE B 404 12.21 25.59 -18.53
C ILE B 404 12.79 24.40 -19.30
N VAL B 405 13.94 24.59 -19.98
CA VAL B 405 14.57 23.49 -20.70
C VAL B 405 15.04 22.41 -19.74
N VAL B 406 15.71 22.82 -18.66
CA VAL B 406 16.21 21.80 -17.73
C VAL B 406 15.07 21.18 -16.94
N GLY B 407 14.00 21.92 -16.66
CA GLY B 407 12.88 21.35 -15.93
C GLY B 407 12.15 20.30 -16.73
N VAL B 408 11.86 20.58 -18.00
CA VAL B 408 11.11 19.61 -18.78
C VAL B 408 12.00 18.43 -19.18
N ALA B 409 13.32 18.66 -19.34
CA ALA B 409 14.22 17.55 -19.64
C ALA B 409 14.31 16.59 -18.46
N LEU B 410 14.45 17.13 -17.25
CA LEU B 410 14.55 16.26 -16.07
C LEU B 410 13.25 15.52 -15.80
N GLU B 411 12.10 16.19 -15.95
CA GLU B 411 10.85 15.47 -15.65
C GLU B 411 10.53 14.43 -16.72
N THR B 412 10.88 14.69 -17.99
CA THR B 412 10.67 13.67 -19.02
C THR B 412 11.59 12.48 -18.83
N MET B 413 12.84 12.73 -18.43
CA MET B 413 13.76 11.62 -18.17
C MET B 413 13.31 10.80 -16.97
N LYS B 414 12.79 11.46 -15.93
CA LYS B 414 12.28 10.74 -14.77
C LYS B 414 11.06 9.89 -15.12
N GLN B 415 10.18 10.42 -15.97
CA GLN B 415 8.99 9.66 -16.39
C GLN B 415 9.37 8.43 -17.21
N LEU B 416 10.32 8.59 -18.14
CA LEU B 416 10.76 7.46 -18.94
C LEU B 416 11.49 6.42 -18.09
N GLU B 417 12.28 6.86 -17.11
CA GLU B 417 12.96 5.88 -16.27
C GLU B 417 11.98 5.20 -15.31
N SER B 418 10.87 5.86 -14.98
CA SER B 418 9.83 5.19 -14.19
C SER B 418 9.16 4.08 -14.98
N GLN B 419 8.90 4.34 -16.27
CA GLN B 419 8.34 3.27 -17.09
C GLN B 419 9.36 2.14 -17.33
N LEU B 420 10.64 2.48 -17.43
CA LEU B 420 11.67 1.45 -17.58
C LEU B 420 11.78 0.56 -16.34
N VAL B 421 11.77 1.16 -15.14
CA VAL B 421 11.84 0.34 -13.94
C VAL B 421 10.51 -0.34 -13.63
N LYS B 422 9.40 0.12 -14.21
CA LYS B 422 8.20 -0.70 -14.22
C LYS B 422 8.42 -1.96 -15.07
N ARG B 423 9.08 -1.81 -16.22
CA ARG B 423 9.36 -2.98 -17.06
C ARG B 423 10.31 -3.96 -16.40
N HIS B 424 11.29 -3.47 -15.63
CA HIS B 424 12.25 -4.35 -14.99
C HIS B 424 11.69 -4.94 -13.70
N TYR B 425 11.65 -6.27 -13.62
CA TYR B 425 11.33 -6.97 -12.38
C TYR B 425 12.12 -8.27 -12.36
N ARG B 426 12.72 -8.60 -11.21
CA ARG B 426 13.69 -9.68 -11.18
C ARG B 426 13.06 -11.02 -10.87
N GLY B 427 12.53 -11.19 -9.66
CA GLY B 427 12.15 -12.51 -9.19
C GLY B 427 13.35 -13.34 -8.75
N PHE B 428 13.21 -14.11 -7.68
CA PHE B 428 14.38 -14.73 -7.06
C PHE B 428 14.68 -16.13 -7.58
N ILE B 429 14.00 -16.58 -8.63
CA ILE B 429 14.41 -17.80 -9.30
C ILE B 429 15.60 -17.53 -10.20
N LYS B 430 15.47 -16.51 -11.06
CA LYS B 430 16.49 -16.04 -12.00
C LYS B 430 17.00 -17.12 -12.95
N GLN C 2 20.60 45.23 15.35
CA GLN C 2 20.99 44.16 14.44
C GLN C 2 20.08 42.95 14.60
N ARG C 3 18.88 43.02 14.03
CA ARG C 3 17.92 41.94 14.10
C ARG C 3 18.06 40.96 12.94
N VAL C 4 19.09 41.11 12.12
CA VAL C 4 19.26 40.29 10.93
C VAL C 4 20.39 39.30 11.06
N THR C 5 21.25 39.42 12.07
CA THR C 5 22.33 38.45 12.26
C THR C 5 21.79 37.08 12.61
N ASN C 6 20.88 37.03 13.60
CA ASN C 6 20.22 35.79 13.96
C ASN C 6 19.34 35.26 12.83
N PHE C 7 18.73 36.17 12.06
CA PHE C 7 17.89 35.78 10.93
C PHE C 7 18.71 35.09 9.85
N PHE C 8 19.86 35.66 9.49
CA PHE C 8 20.69 35.04 8.46
C PHE C 8 21.40 33.81 8.98
N LYS C 9 21.69 33.75 10.29
CA LYS C 9 22.19 32.52 10.90
C LYS C 9 21.16 31.40 10.79
N GLU C 10 19.88 31.73 11.03
CA GLU C 10 18.81 30.75 10.84
C GLU C 10 18.66 30.36 9.38
N VAL C 11 18.91 31.29 8.46
CA VAL C 11 18.85 30.99 7.03
C VAL C 11 19.93 29.98 6.66
N VAL C 12 21.16 30.19 7.14
CA VAL C 12 22.26 29.26 6.87
C VAL C 12 22.00 27.91 7.55
N ARG C 13 21.45 27.95 8.76
CA ARG C 13 21.15 26.74 9.51
C ARG C 13 20.06 25.92 8.83
N GLU C 14 19.08 26.59 8.23
CA GLU C 14 18.07 25.88 7.47
C GLU C 14 18.60 25.39 6.14
N LEU C 15 19.54 26.11 5.54
CA LEU C 15 20.19 25.64 4.33
C LEU C 15 21.05 24.42 4.59
N LYS C 16 21.54 24.22 5.81
CA LYS C 16 22.25 22.99 6.13
C LYS C 16 21.33 21.80 6.33
N LYS C 17 20.01 22.00 6.36
CA LYS C 17 19.07 20.90 6.44
C LYS C 17 18.48 20.54 5.08
N VAL C 18 18.87 21.24 4.02
CA VAL C 18 18.37 20.96 2.68
C VAL C 18 19.02 19.69 2.17
N SER C 19 18.21 18.79 1.62
CA SER C 19 18.73 17.55 1.03
C SER C 19 19.15 17.83 -0.41
N TRP C 20 20.37 18.35 -0.55
CA TRP C 20 20.94 18.56 -1.87
C TRP C 20 21.28 17.22 -2.51
N PRO C 21 21.17 17.12 -3.84
CA PRO C 21 21.64 15.91 -4.52
C PRO C 21 23.16 15.81 -4.48
N ASN C 22 23.65 14.58 -4.53
CA ASN C 22 25.08 14.33 -4.42
C ASN C 22 25.76 14.53 -5.78
N ARG C 23 27.04 14.15 -5.86
CA ARG C 23 27.84 14.47 -7.04
C ARG C 23 27.47 13.61 -8.23
N LYS C 24 27.24 12.31 -8.00
CA LYS C 24 27.07 11.36 -9.10
C LYS C 24 25.75 11.61 -9.85
N GLU C 25 24.67 11.81 -9.11
CA GLU C 25 23.38 12.08 -9.74
C GLU C 25 23.35 13.46 -10.39
N LEU C 26 24.10 14.42 -9.84
CA LEU C 26 24.20 15.74 -10.47
C LEU C 26 24.93 15.66 -11.81
N VAL C 27 26.03 14.89 -11.86
CA VAL C 27 26.76 14.71 -13.10
C VAL C 27 25.91 13.95 -14.11
N ASN C 28 25.15 12.95 -13.65
CA ASN C 28 24.26 12.21 -14.51
C ASN C 28 23.16 13.10 -15.09
N TYR C 29 22.57 13.96 -14.26
CA TYR C 29 21.54 14.89 -14.72
C TYR C 29 22.10 15.89 -15.72
N THR C 30 23.32 16.40 -15.46
CA THR C 30 23.95 17.34 -16.38
C THR C 30 24.22 16.70 -17.74
N ALA C 31 24.68 15.45 -17.72
CA ALA C 31 24.90 14.71 -18.97
C ALA C 31 23.60 14.48 -19.70
N VAL C 32 22.53 14.17 -18.97
CA VAL C 32 21.22 13.91 -19.59
C VAL C 32 20.69 15.17 -20.26
N VAL C 33 20.75 16.30 -19.55
CA VAL C 33 20.16 17.52 -20.10
C VAL C 33 21.00 18.06 -21.26
N LEU C 34 22.33 17.92 -21.20
CA LEU C 34 23.17 18.34 -22.33
C LEU C 34 22.96 17.43 -23.52
N ALA C 35 22.78 16.13 -23.29
CA ALA C 35 22.54 15.19 -24.38
C ALA C 35 21.21 15.47 -25.06
N THR C 36 20.16 15.76 -24.29
CA THR C 36 18.87 15.99 -24.94
C THR C 36 18.81 17.36 -25.61
N VAL C 37 19.50 18.37 -25.08
CA VAL C 37 19.47 19.64 -25.79
C VAL C 37 20.30 19.58 -27.07
N ALA C 38 21.41 18.82 -27.06
CA ALA C 38 22.19 18.64 -28.28
C ALA C 38 21.45 17.82 -29.32
N PHE C 39 20.78 16.75 -28.88
CA PHE C 39 19.99 15.93 -29.79
C PHE C 39 18.84 16.71 -30.41
N PHE C 40 18.15 17.53 -29.59
CA PHE C 40 17.03 18.30 -30.11
C PHE C 40 17.50 19.41 -31.06
N THR C 41 18.64 20.06 -30.77
CA THR C 41 19.07 21.11 -31.67
C THR C 41 19.61 20.54 -32.99
N VAL C 42 20.25 19.37 -32.96
CA VAL C 42 20.72 18.75 -34.20
C VAL C 42 19.54 18.26 -35.02
N PHE C 43 18.55 17.65 -34.37
CA PHE C 43 17.36 17.16 -35.05
C PHE C 43 16.56 18.30 -35.66
N PHE C 44 16.45 19.43 -34.95
CA PHE C 44 15.70 20.54 -35.50
C PHE C 44 16.43 21.25 -36.63
N ALA C 45 17.77 21.34 -36.55
CA ALA C 45 18.53 21.88 -37.68
C ALA C 45 18.36 21.02 -38.92
N VAL C 46 18.39 19.69 -38.74
CA VAL C 46 18.22 18.76 -39.85
C VAL C 46 16.83 18.90 -40.46
N ILE C 47 15.80 18.97 -39.62
CA ILE C 47 14.45 19.01 -40.18
C ILE C 47 14.14 20.38 -40.78
N ASP C 48 14.77 21.45 -40.29
CA ASP C 48 14.56 22.76 -40.88
C ASP C 48 15.25 22.87 -42.23
N LEU C 49 16.46 22.31 -42.36
CA LEU C 49 17.10 22.28 -43.67
C LEU C 49 16.36 21.36 -44.64
N GLY C 50 15.76 20.29 -44.12
CA GLY C 50 14.96 19.42 -44.97
C GLY C 50 13.71 20.09 -45.51
N ILE C 51 12.98 20.82 -44.65
CA ILE C 51 11.79 21.50 -45.15
C ILE C 51 12.17 22.70 -46.02
N SER C 52 13.36 23.28 -45.79
CA SER C 52 13.84 24.34 -46.68
C SER C 52 14.14 23.79 -48.07
N GLN C 53 14.78 22.61 -48.14
CA GLN C 53 15.01 21.95 -49.43
C GLN C 53 13.70 21.58 -50.11
N LEU C 54 12.72 21.12 -49.33
CA LEU C 54 11.42 20.75 -49.89
C LEU C 54 10.71 21.98 -50.46
N ILE C 55 10.70 23.09 -49.72
CA ILE C 55 10.02 24.29 -50.19
C ILE C 55 10.81 24.97 -51.31
N ARG C 56 12.11 24.68 -51.42
CA ARG C 56 12.86 25.15 -52.59
C ARG C 56 12.51 24.34 -53.82
N LEU C 57 12.41 23.01 -53.67
CA LEU C 57 12.17 22.15 -54.83
C LEU C 57 10.73 22.22 -55.31
N VAL C 58 9.76 22.54 -54.44
CA VAL C 58 8.39 22.71 -54.91
C VAL C 58 8.11 24.13 -55.37
N PHE C 59 9.08 25.03 -55.28
CA PHE C 59 9.03 26.43 -55.73
C PHE C 59 7.86 27.22 -55.13
N ALA D 2 -6.69 42.82 2.12
CA ALA D 2 -6.76 43.52 0.85
C ALA D 2 -5.95 42.80 -0.22
N LYS D 3 -5.72 41.50 0.00
CA LYS D 3 -4.96 40.72 -0.97
C LYS D 3 -5.81 40.27 -2.15
N LYS D 4 -7.14 40.30 -2.01
CA LYS D 4 -8.01 40.12 -3.16
C LYS D 4 -7.82 41.24 -4.17
N THR D 5 -7.57 42.46 -3.69
CA THR D 5 -7.29 43.59 -4.56
C THR D 5 -6.00 43.39 -5.33
N ILE D 6 -4.96 42.87 -4.68
CA ILE D 6 -3.70 42.70 -5.41
C ILE D 6 -3.77 41.47 -6.33
N LEU D 7 -4.63 40.49 -6.00
CA LEU D 7 -4.88 39.39 -6.93
C LEU D 7 -5.58 39.89 -8.19
N PHE D 8 -6.60 40.73 -8.02
CA PHE D 8 -7.30 41.31 -9.15
C PHE D 8 -6.38 42.24 -9.95
N LEU D 9 -5.49 42.96 -9.26
CA LEU D 9 -4.53 43.83 -9.91
C LEU D 9 -3.53 43.04 -10.74
N LEU D 10 -3.08 41.89 -10.24
CA LEU D 10 -2.15 41.10 -11.04
C LEU D 10 -2.84 40.43 -12.22
N THR D 11 -4.10 40.04 -12.06
CA THR D 11 -4.81 39.47 -13.21
C THR D 11 -5.08 40.52 -14.29
N VAL D 12 -5.45 41.74 -13.89
CA VAL D 12 -5.61 42.77 -14.92
C VAL D 12 -4.27 43.23 -15.45
N LEU D 13 -3.17 43.02 -14.71
CA LEU D 13 -1.85 43.24 -15.30
C LEU D 13 -1.50 42.17 -16.32
N THR D 14 -1.97 40.93 -16.13
CA THR D 14 -1.80 39.93 -17.18
C THR D 14 -2.62 40.29 -18.42
N THR D 15 -3.81 40.85 -18.21
CA THR D 15 -4.57 41.35 -19.36
C THR D 15 -3.90 42.58 -19.98
N VAL D 16 -3.13 43.35 -19.19
CA VAL D 16 -2.35 44.43 -19.75
C VAL D 16 -1.20 43.90 -20.60
N LEU D 17 -0.56 42.81 -20.14
CA LEU D 17 0.44 42.11 -20.94
C LEU D 17 -0.16 41.58 -22.24
N VAL D 18 -1.42 41.13 -22.18
CA VAL D 18 -2.16 40.78 -23.38
C VAL D 18 -2.35 42.02 -24.27
N SER D 19 -2.75 43.13 -23.67
CA SER D 19 -3.01 44.38 -24.39
C SER D 19 -1.76 45.24 -24.55
N GLY D 20 -0.59 44.74 -24.15
CA GLY D 20 0.65 45.47 -24.33
C GLY D 20 1.05 45.64 -25.78
N TRP D 21 0.54 44.78 -26.66
CA TRP D 21 0.72 44.94 -28.10
C TRP D 21 -0.27 45.98 -28.63
N VAL D 22 -0.05 47.23 -28.22
CA VAL D 22 -0.83 48.37 -28.68
C VAL D 22 0.20 49.46 -28.98
N VAL D 23 1.46 49.03 -29.14
CA VAL D 23 2.60 49.93 -29.17
C VAL D 23 2.56 50.85 -30.39
N LEU D 24 2.86 52.12 -30.16
CA LEU D 24 2.76 53.14 -31.19
C LEU D 24 4.13 53.71 -31.54
N VAL D 36 15.66 48.88 -27.82
CA VAL D 36 15.42 48.76 -29.24
C VAL D 36 14.14 47.91 -29.44
N ILE D 37 13.62 47.93 -30.67
CA ILE D 37 12.39 47.21 -30.99
C ILE D 37 12.57 45.70 -30.86
N LEU D 38 13.76 45.19 -31.19
CA LEU D 38 14.07 43.78 -30.98
C LEU D 38 14.06 43.43 -29.49
N LYS D 39 14.58 44.34 -28.66
CA LYS D 39 14.53 44.15 -27.21
C LYS D 39 13.08 44.17 -26.70
N THR D 40 12.24 45.03 -27.29
CA THR D 40 10.84 45.09 -26.86
C THR D 40 10.09 43.81 -27.25
N LEU D 41 10.30 43.30 -28.46
CA LEU D 41 9.62 42.06 -28.85
C LEU D 41 10.19 40.86 -28.11
N HIS D 42 11.47 40.91 -27.70
CA HIS D 42 12.01 39.89 -26.81
C HIS D 42 11.44 40.02 -25.40
N MET D 43 11.00 41.21 -25.00
CA MET D 43 10.25 41.30 -23.75
C MET D 43 8.82 40.87 -23.91
N PHE D 44 8.31 40.84 -25.14
CA PHE D 44 6.95 40.37 -25.36
C PHE D 44 6.88 38.84 -25.44
N CYS D 45 7.53 38.23 -26.43
CA CYS D 45 7.27 36.82 -26.68
C CYS D 45 8.32 35.88 -26.12
N VAL D 46 9.60 36.26 -26.14
CA VAL D 46 10.76 35.38 -25.89
C VAL D 46 10.69 34.56 -24.59
N PRO D 47 10.40 35.14 -23.34
CA PRO D 47 10.40 34.33 -22.10
C PRO D 47 9.72 32.96 -22.11
N PHE D 48 8.46 32.91 -22.56
CA PHE D 48 7.73 31.68 -22.87
C PHE D 48 7.64 30.75 -21.65
N LEU D 49 6.90 31.21 -20.66
CA LEU D 49 6.90 30.60 -19.34
C LEU D 49 6.24 29.22 -19.35
N LEU D 50 6.47 28.49 -18.26
CA LEU D 50 5.98 27.13 -18.10
C LEU D 50 4.82 27.11 -17.11
N VAL D 51 3.81 26.28 -17.43
CA VAL D 51 2.73 26.04 -16.49
C VAL D 51 3.27 25.30 -15.28
N GLY D 52 2.87 25.74 -14.09
CA GLY D 52 3.48 25.24 -12.86
C GLY D 52 3.09 23.84 -12.45
N ALA D 53 2.11 23.24 -13.14
CA ALA D 53 1.49 21.96 -12.76
C ALA D 53 1.00 22.02 -11.32
N PHE D 54 -0.05 22.84 -11.13
CA PHE D 54 -0.34 23.43 -9.82
C PHE D 54 -0.91 22.40 -8.84
N SER D 55 -2.10 21.88 -9.11
CA SER D 55 -2.87 21.16 -8.11
C SER D 55 -3.11 19.72 -8.55
N ASN D 56 -2.28 18.82 -8.03
CA ASN D 56 -2.55 17.38 -8.11
C ASN D 56 -3.16 16.89 -6.81
N ALA D 57 -4.30 17.50 -6.45
CA ALA D 57 -4.91 17.30 -5.15
C ALA D 57 -5.63 15.97 -5.06
N ASP D 58 -5.76 15.46 -3.83
CA ASP D 58 -6.48 14.22 -3.56
C ASP D 58 -7.33 14.39 -2.31
N GLY D 63 -14.46 4.68 4.88
CA GLY D 63 -13.48 3.71 4.44
C GLY D 63 -12.54 3.27 5.54
N ASP D 64 -12.41 1.96 5.71
CA ASP D 64 -11.58 1.38 6.75
C ASP D 64 -10.96 0.08 6.21
N GLY D 65 -10.13 -0.55 7.04
CA GLY D 65 -9.63 -1.87 6.70
C GLY D 65 -10.56 -2.97 7.14
N ASP D 66 -10.24 -4.19 6.75
CA ASP D 66 -11.05 -5.35 7.08
C ASP D 66 -10.11 -6.51 7.41
N SER D 67 -10.69 -7.70 7.52
CA SER D 67 -10.09 -8.85 8.19
C SER D 67 -10.59 -10.12 7.49
N PRO D 68 -10.19 -11.36 7.88
CA PRO D 68 -10.85 -12.49 7.20
C PRO D 68 -12.31 -12.69 7.57
N VAL E 1 23.93 -27.92 11.50
CA VAL E 1 23.94 -28.26 12.91
C VAL E 1 22.81 -29.23 13.24
N ALA E 2 22.69 -30.28 12.45
CA ALA E 2 21.72 -31.35 12.68
C ALA E 2 22.47 -32.68 12.62
N LEU E 3 22.48 -33.41 13.72
CA LEU E 3 23.25 -34.64 13.80
C LEU E 3 22.49 -35.81 13.19
N VAL E 4 23.15 -36.53 12.28
CA VAL E 4 22.60 -37.71 11.64
C VAL E 4 23.50 -38.89 12.00
N GLU E 5 22.90 -39.97 12.50
CA GLU E 5 23.67 -41.09 13.04
C GLU E 5 23.20 -42.39 12.43
N SER E 6 24.12 -43.36 12.38
CA SER E 6 23.83 -44.67 11.80
C SER E 6 24.71 -45.70 12.50
N GLY E 7 24.73 -46.91 11.95
CA GLY E 7 25.54 -47.99 12.50
C GLY E 7 24.85 -48.87 13.52
N GLY E 8 23.54 -48.70 13.71
CA GLY E 8 22.81 -49.48 14.70
C GLY E 8 22.17 -50.69 14.06
N ALA E 9 22.34 -51.85 14.70
CA ALA E 9 21.80 -53.10 14.20
C ALA E 9 21.58 -54.06 15.36
N LEU E 10 20.84 -55.13 15.07
CA LEU E 10 20.65 -56.21 16.02
C LEU E 10 21.97 -56.97 16.21
N VAL E 11 22.47 -57.01 17.44
CA VAL E 11 23.82 -57.48 17.70
C VAL E 11 23.79 -58.53 18.81
N GLN E 12 24.69 -59.52 18.69
CA GLN E 12 25.03 -60.47 19.73
C GLN E 12 26.00 -59.83 20.71
N PRO E 13 26.01 -60.25 21.98
CA PRO E 13 26.98 -59.70 22.94
C PRO E 13 28.41 -60.19 22.79
N GLY E 14 28.76 -60.89 21.70
CA GLY E 14 30.13 -61.28 21.44
C GLY E 14 30.75 -60.59 20.24
N GLY E 15 30.09 -59.64 19.62
CA GLY E 15 30.62 -58.96 18.46
C GLY E 15 30.82 -57.48 18.72
N SER E 16 31.68 -56.86 17.91
CA SER E 16 32.03 -55.45 18.05
C SER E 16 31.69 -54.72 16.76
N LEU E 17 30.87 -53.68 16.87
CA LEU E 17 30.48 -52.86 15.73
C LEU E 17 30.65 -51.38 16.07
N ARG E 18 30.90 -50.57 15.06
CA ARG E 18 31.04 -49.14 15.24
C ARG E 18 29.70 -48.42 15.09
N LEU E 19 29.53 -47.36 15.89
CA LEU E 19 28.37 -46.50 15.81
C LEU E 19 28.83 -45.13 15.32
N SER E 20 28.28 -44.70 14.20
CA SER E 20 28.66 -43.45 13.57
C SER E 20 27.60 -42.38 13.81
N CYS E 21 28.05 -41.13 13.81
CA CYS E 21 27.13 -39.99 13.92
C CYS E 21 27.75 -38.82 13.15
N ALA E 22 27.14 -38.46 12.04
CA ALA E 22 27.69 -37.43 11.18
C ALA E 22 27.30 -36.05 11.67
N ALA E 23 28.28 -35.14 11.67
CA ALA E 23 28.05 -33.74 11.99
C ALA E 23 27.98 -32.95 10.69
N SER E 24 26.94 -32.13 10.56
CA SER E 24 26.66 -31.42 9.32
C SER E 24 26.43 -29.95 9.64
N GLY E 25 27.29 -29.08 9.12
CA GLY E 25 27.12 -27.64 9.25
C GLY E 25 28.10 -26.96 10.17
N PHE E 26 29.01 -27.69 10.80
CA PHE E 26 29.96 -27.12 11.74
C PHE E 26 31.14 -28.08 11.86
N PRO E 27 32.34 -27.58 12.10
CA PRO E 27 33.51 -28.47 12.15
C PRO E 27 33.53 -29.34 13.40
N VAL E 28 34.07 -30.54 13.22
CA VAL E 28 34.35 -31.46 14.33
C VAL E 28 35.57 -31.03 15.11
N ASN E 29 36.39 -30.13 14.55
CA ASN E 29 37.75 -29.90 15.02
C ASN E 29 37.82 -29.18 16.35
N ARG E 30 36.82 -28.39 16.70
CA ARG E 30 36.97 -27.49 17.84
C ARG E 30 35.78 -27.54 18.78
N TYR E 31 35.13 -28.68 18.91
CA TYR E 31 33.98 -28.81 19.79
C TYR E 31 33.99 -30.17 20.46
N SER E 32 33.38 -30.23 21.65
CA SER E 32 33.29 -31.46 22.42
C SER E 32 32.02 -32.21 22.04
N MET E 33 32.17 -33.40 21.50
CA MET E 33 31.04 -34.23 21.11
C MET E 33 30.88 -35.36 22.12
N ARG E 34 29.65 -35.59 22.55
CA ARG E 34 29.36 -36.59 23.58
C ARG E 34 28.31 -37.57 23.07
N TRP E 35 28.40 -38.80 23.57
CA TRP E 35 27.49 -39.87 23.20
C TRP E 35 26.59 -40.21 24.38
N TYR E 36 25.29 -40.30 24.12
CA TYR E 36 24.29 -40.62 25.12
C TYR E 36 23.53 -41.87 24.69
N ARG E 37 22.82 -42.47 25.64
CA ARG E 37 21.95 -43.59 25.33
C ARG E 37 20.73 -43.52 26.23
N GLN E 38 19.64 -44.13 25.77
CA GLN E 38 18.39 -44.14 26.53
C GLN E 38 17.60 -45.38 26.15
N ALA E 39 17.47 -46.30 27.10
CA ALA E 39 16.64 -47.47 26.94
C ALA E 39 15.16 -47.10 27.07
N PRO E 40 14.25 -47.93 26.51
CA PRO E 40 12.82 -47.73 26.80
C PRO E 40 12.50 -47.96 28.26
N GLY E 41 12.13 -46.89 28.96
CA GLY E 41 11.90 -46.91 30.39
C GLY E 41 13.03 -46.30 31.20
N LYS E 42 14.22 -46.19 30.64
CA LYS E 42 15.35 -45.58 31.31
C LYS E 42 15.42 -44.09 30.99
N GLU E 43 16.02 -43.33 31.89
CA GLU E 43 16.28 -41.92 31.65
C GLU E 43 17.56 -41.76 30.82
N ARG E 44 17.57 -40.75 29.97
CA ARG E 44 18.70 -40.44 29.09
C ARG E 44 19.94 -40.07 29.90
N GLU E 45 20.98 -40.90 29.81
CA GLU E 45 22.19 -40.73 30.58
C GLU E 45 23.39 -40.52 29.67
N TRP E 46 24.42 -39.89 30.23
CA TRP E 46 25.67 -39.69 29.50
C TRP E 46 26.48 -40.99 29.53
N VAL E 47 27.05 -41.34 28.37
CA VAL E 47 27.87 -42.54 28.25
C VAL E 47 29.34 -42.17 28.05
N ALA E 48 29.65 -41.44 26.98
CA ALA E 48 31.03 -41.13 26.66
C ALA E 48 31.10 -39.77 25.97
N GLY E 49 32.31 -39.34 25.68
CA GLY E 49 32.54 -38.07 25.02
C GLY E 49 33.94 -37.55 25.25
N MET E 50 34.53 -36.93 24.23
CA MET E 50 35.89 -36.42 24.30
C MET E 50 35.91 -34.96 23.86
N SER E 51 36.85 -34.20 24.41
CA SER E 51 37.02 -32.79 24.11
C SER E 51 38.45 -32.53 23.72
N SER E 52 38.73 -31.25 23.42
CA SER E 52 40.07 -30.73 23.09
C SER E 52 40.69 -31.44 21.89
N ALA E 53 39.87 -31.62 20.85
CA ALA E 53 40.26 -32.21 19.56
C ALA E 53 40.84 -33.61 19.71
N GLY E 54 40.26 -34.40 20.61
CA GLY E 54 40.56 -35.81 20.74
C GLY E 54 41.95 -36.19 21.18
N ASP E 55 42.48 -35.54 22.22
CA ASP E 55 43.68 -36.01 22.89
C ASP E 55 43.41 -36.50 24.30
N ARG E 56 42.31 -36.07 24.92
CA ARG E 56 41.87 -36.57 26.21
C ARG E 56 40.43 -37.05 26.07
N SER E 57 40.16 -38.26 26.53
CA SER E 57 38.85 -38.86 26.34
C SER E 57 38.37 -39.48 27.64
N SER E 58 37.12 -39.21 28.00
CA SER E 58 36.52 -39.73 29.21
C SER E 58 35.36 -40.65 28.87
N TYR E 59 35.12 -41.62 29.74
CA TYR E 59 34.04 -42.59 29.56
C TYR E 59 33.34 -42.79 30.90
N GLU E 60 32.10 -43.27 30.83
CA GLU E 60 31.43 -43.67 32.05
C GLU E 60 31.98 -45.00 32.54
N ASP E 61 31.70 -45.31 33.81
CA ASP E 61 32.30 -46.46 34.45
C ASP E 61 31.67 -47.78 34.04
N SER E 62 30.55 -47.77 33.33
CA SER E 62 29.94 -49.01 32.87
C SER E 62 30.65 -49.60 31.67
N VAL E 63 31.29 -48.78 30.84
CA VAL E 63 32.00 -49.24 29.66
C VAL E 63 33.42 -48.71 29.67
N LYS E 64 33.93 -48.38 30.86
CA LYS E 64 35.30 -47.89 30.98
C LYS E 64 36.29 -49.01 30.71
N GLY E 65 37.20 -48.78 29.78
CA GLY E 65 38.10 -49.82 29.32
C GLY E 65 37.53 -50.70 28.24
N ARG E 66 36.27 -50.51 27.85
CA ARG E 66 35.62 -51.27 26.80
C ARG E 66 35.33 -50.43 25.57
N PHE E 67 34.65 -49.29 25.75
CA PHE E 67 34.25 -48.44 24.63
C PHE E 67 35.38 -47.49 24.27
N THR E 68 35.31 -46.98 23.05
CA THR E 68 36.28 -46.01 22.55
C THR E 68 35.59 -45.14 21.51
N ILE E 69 35.59 -43.82 21.74
CA ILE E 69 35.02 -42.88 20.78
C ILE E 69 36.16 -42.36 19.90
N SER E 70 35.99 -42.48 18.59
CA SER E 70 36.96 -42.01 17.62
C SER E 70 36.26 -41.08 16.62
N ARG E 71 37.06 -40.36 15.84
CA ARG E 71 36.52 -39.38 14.91
C ARG E 71 37.47 -39.22 13.74
N ASP E 72 36.97 -38.56 12.69
CA ASP E 72 37.77 -38.18 11.54
C ASP E 72 37.39 -36.79 11.10
N ASP E 73 38.41 -35.95 10.87
CA ASP E 73 38.16 -34.57 10.46
C ASP E 73 37.81 -34.47 8.99
N ALA E 74 38.37 -35.33 8.14
CA ALA E 74 38.04 -35.32 6.72
C ALA E 74 36.62 -35.82 6.49
N ARG E 75 36.20 -36.85 7.23
CA ARG E 75 34.85 -37.35 7.09
C ARG E 75 33.84 -36.54 7.88
N ASN E 76 34.31 -35.69 8.81
CA ASN E 76 33.48 -34.79 9.63
C ASN E 76 32.42 -35.56 10.42
N THR E 77 32.86 -36.61 11.10
CA THR E 77 31.97 -37.46 11.86
C THR E 77 32.74 -38.10 13.00
N VAL E 78 32.01 -38.77 13.88
CA VAL E 78 32.59 -39.51 14.99
C VAL E 78 32.23 -40.98 14.84
N TYR E 79 32.99 -41.83 15.54
CA TYR E 79 32.74 -43.25 15.55
C TYR E 79 32.79 -43.77 16.98
N LEU E 80 31.72 -44.44 17.40
CA LEU E 80 31.70 -45.15 18.67
C LEU E 80 32.07 -46.61 18.39
N GLN E 81 31.97 -47.46 19.42
CA GLN E 81 32.32 -48.86 19.27
C GLN E 81 31.48 -49.69 20.23
N MET E 82 31.10 -50.88 19.80
CA MET E 82 30.31 -51.81 20.61
C MET E 82 31.14 -53.02 21.01
N ASN E 83 32.38 -52.79 21.42
CA ASN E 83 33.24 -53.90 21.83
C ASN E 83 32.86 -54.38 23.22
N SER E 84 32.73 -55.71 23.36
CA SER E 84 32.42 -56.41 24.61
C SER E 84 31.12 -55.90 25.25
N LEU E 85 30.08 -55.83 24.43
CA LEU E 85 28.79 -55.33 24.89
C LEU E 85 28.04 -56.41 25.68
N LYS E 86 26.95 -55.99 26.30
CA LYS E 86 26.09 -56.86 27.09
C LYS E 86 24.64 -56.53 26.77
N PRO E 87 23.71 -57.46 27.04
CA PRO E 87 22.28 -57.13 26.91
C PRO E 87 21.78 -56.06 27.87
N GLU E 88 22.53 -55.74 28.93
CA GLU E 88 22.17 -54.63 29.79
C GLU E 88 22.29 -53.28 29.10
N ASP E 89 23.06 -53.18 28.02
CA ASP E 89 23.26 -51.94 27.29
C ASP E 89 22.35 -51.83 26.07
N THR E 90 21.18 -52.47 26.12
CA THR E 90 20.17 -52.27 25.08
C THR E 90 19.53 -50.91 25.26
N ALA E 91 19.71 -50.03 24.28
CA ALA E 91 19.21 -48.65 24.39
C ALA E 91 19.09 -48.05 23.00
N VAL E 92 18.53 -46.85 22.96
CA VAL E 92 18.54 -46.01 21.77
C VAL E 92 19.60 -44.93 22.00
N TYR E 93 20.66 -44.95 21.18
CA TYR E 93 21.84 -44.14 21.44
C TYR E 93 21.74 -42.77 20.77
N TYR E 94 22.26 -41.76 21.45
CA TYR E 94 22.22 -40.38 20.98
C TYR E 94 23.61 -39.78 20.98
N CYS E 95 23.86 -38.91 20.02
CA CYS E 95 25.06 -38.08 19.98
C CYS E 95 24.68 -36.64 20.32
N ASN E 96 25.51 -35.98 21.11
CA ASN E 96 25.17 -34.66 21.63
C ASN E 96 26.38 -33.74 21.56
N VAL E 97 26.23 -32.61 20.86
CA VAL E 97 27.21 -31.55 20.81
C VAL E 97 26.51 -30.26 21.22
N ASN E 98 27.30 -29.30 21.71
CA ASN E 98 26.77 -28.01 22.13
C ASN E 98 27.56 -26.90 21.42
N VAL E 99 26.99 -26.36 20.35
CA VAL E 99 27.53 -25.20 19.66
C VAL E 99 26.46 -24.13 19.73
N GLY E 100 26.55 -23.24 20.72
CA GLY E 100 25.54 -22.23 20.91
C GLY E 100 24.30 -22.81 21.57
N PHE E 101 23.53 -23.57 20.80
CA PHE E 101 22.42 -24.34 21.35
C PHE E 101 22.95 -25.73 21.70
N GLU E 102 22.03 -26.65 22.01
CA GLU E 102 22.37 -28.06 22.20
C GLU E 102 21.54 -28.87 21.23
N TYR E 103 22.21 -29.56 20.32
CA TYR E 103 21.53 -30.33 19.28
C TYR E 103 21.70 -31.81 19.54
N TRP E 104 20.62 -32.56 19.42
CA TRP E 104 20.60 -34.00 19.64
C TRP E 104 20.40 -34.73 18.32
N GLY E 105 20.93 -35.94 18.26
CA GLY E 105 20.63 -36.82 17.15
C GLY E 105 19.24 -37.40 17.27
N GLN E 106 18.77 -38.01 16.18
CA GLN E 106 17.44 -38.60 16.16
C GLN E 106 17.37 -39.89 16.97
N GLY E 107 18.50 -40.55 17.20
CA GLY E 107 18.51 -41.75 18.01
C GLY E 107 18.64 -43.03 17.22
N THR E 108 19.68 -43.81 17.48
CA THR E 108 19.88 -45.11 16.85
C THR E 108 19.57 -46.20 17.86
N GLN E 109 18.59 -47.04 17.54
CA GLN E 109 18.15 -48.11 18.43
C GLN E 109 18.96 -49.36 18.18
N VAL E 110 19.58 -49.89 19.23
CA VAL E 110 20.25 -51.18 19.19
C VAL E 110 19.60 -52.08 20.23
N THR E 111 19.25 -53.30 19.81
CA THR E 111 18.66 -54.29 20.70
C THR E 111 19.56 -55.51 20.77
N VAL E 112 19.72 -56.05 21.97
CA VAL E 112 20.57 -57.20 22.22
C VAL E 112 19.71 -58.34 22.73
N SER E 113 19.82 -59.50 22.09
CA SER E 113 19.06 -60.66 22.51
C SER E 113 19.79 -61.96 22.16
N LYS F 1 -4.83 -10.40 37.04
CA LYS F 1 -3.75 -9.73 36.32
C LYS F 1 -2.41 -9.75 37.09
N GLY F 2 -1.82 -8.59 37.31
CA GLY F 2 -0.57 -8.45 38.00
C GLY F 2 0.60 -8.44 37.05
N GLU F 3 0.97 -9.61 36.54
CA GLU F 3 2.07 -9.63 35.57
C GLU F 3 1.53 -9.62 34.15
N GLU F 4 0.24 -9.91 34.01
CA GLU F 4 -0.49 -9.61 32.78
C GLU F 4 -0.54 -8.10 32.51
N LEU F 5 -0.32 -7.28 33.55
CA LEU F 5 -0.07 -5.86 33.42
C LEU F 5 1.31 -5.55 32.86
N PHE F 6 2.31 -6.41 33.11
CA PHE F 6 3.68 -6.17 32.70
C PHE F 6 4.05 -6.91 31.42
N THR F 7 3.14 -6.95 30.45
CA THR F 7 3.43 -7.56 29.15
C THR F 7 4.57 -6.84 28.42
N GLY F 8 4.70 -5.53 28.62
CA GLY F 8 5.83 -4.80 28.11
C GLY F 8 7.12 -5.13 28.84
N VAL F 9 8.21 -4.50 28.37
CA VAL F 9 9.54 -4.87 28.81
C VAL F 9 9.79 -4.38 30.23
N VAL F 10 10.51 -5.18 31.01
CA VAL F 10 10.61 -5.02 32.47
C VAL F 10 12.07 -4.82 32.82
N PRO F 11 12.41 -3.82 33.65
CA PRO F 11 13.78 -3.69 34.14
C PRO F 11 14.12 -4.74 35.18
N ILE F 12 15.32 -5.31 35.07
CA ILE F 12 15.76 -6.41 35.92
C ILE F 12 17.06 -6.00 36.59
N LEU F 13 16.99 -5.69 37.90
CA LEU F 13 18.15 -5.56 38.76
C LEU F 13 18.47 -6.89 39.40
N VAL F 14 19.75 -7.26 39.37
CA VAL F 14 20.23 -8.42 40.11
C VAL F 14 21.36 -7.98 41.02
N GLU F 15 21.24 -8.34 42.30
CA GLU F 15 22.22 -8.04 43.33
C GLU F 15 22.57 -9.37 43.98
N LEU F 16 23.85 -9.71 44.03
CA LEU F 16 24.22 -10.95 44.68
C LEU F 16 25.45 -10.75 45.55
N ASP F 17 25.34 -11.17 46.80
CA ASP F 17 26.47 -11.31 47.68
C ASP F 17 26.51 -12.75 48.17
N GLY F 18 27.70 -13.22 48.52
CA GLY F 18 27.81 -14.59 48.95
C GLY F 18 29.20 -14.94 49.42
N ASP F 19 29.26 -16.07 50.10
CA ASP F 19 30.51 -16.56 50.69
C ASP F 19 30.68 -18.04 50.38
N VAL F 20 31.87 -18.42 49.91
CA VAL F 20 32.26 -19.81 49.80
C VAL F 20 33.66 -19.97 50.41
N ASN F 21 33.75 -20.84 51.43
CA ASN F 21 35.00 -21.16 52.14
C ASN F 21 35.66 -19.92 52.73
N GLY F 22 34.84 -19.01 53.25
CA GLY F 22 35.37 -17.78 53.77
C GLY F 22 35.88 -16.82 52.73
N HIS F 23 35.50 -17.01 51.46
CA HIS F 23 35.96 -16.17 50.37
C HIS F 23 34.76 -15.44 49.80
N LYS F 24 34.93 -14.14 49.59
CA LYS F 24 33.87 -13.17 49.35
C LYS F 24 33.54 -13.06 47.86
N PHE F 25 32.25 -12.89 47.55
CA PHE F 25 31.91 -12.48 46.20
C PHE F 25 30.65 -11.61 46.18
N SER F 26 30.61 -10.72 45.18
CA SER F 26 29.58 -9.70 45.04
C SER F 26 29.47 -9.35 43.56
N VAL F 27 28.37 -9.74 42.92
CA VAL F 27 28.15 -9.52 41.50
C VAL F 27 26.80 -8.82 41.31
N SER F 28 26.77 -7.78 40.49
CA SER F 28 25.52 -7.08 40.20
C SER F 28 25.22 -7.14 38.70
N GLY F 29 24.10 -6.55 38.32
CA GLY F 29 23.80 -6.49 36.90
C GLY F 29 22.40 -5.98 36.63
N GLU F 30 22.17 -5.68 35.35
CA GLU F 30 20.93 -5.05 34.91
C GLU F 30 20.57 -5.52 33.51
N GLY F 31 19.29 -5.66 33.26
CA GLY F 31 18.84 -5.95 31.91
C GLY F 31 17.35 -5.86 31.76
N GLU F 32 16.84 -6.57 30.77
CA GLU F 32 15.42 -6.48 30.43
C GLU F 32 14.80 -7.87 30.35
N GLY F 33 13.51 -7.93 30.70
CA GLY F 33 12.75 -9.15 30.58
C GLY F 33 11.46 -8.93 29.83
N ASP F 34 11.05 -9.95 29.08
CA ASP F 34 9.84 -9.89 28.26
C ASP F 34 9.04 -11.17 28.47
N ALA F 35 7.72 -11.01 28.55
CA ALA F 35 6.83 -12.13 28.82
C ALA F 35 6.05 -12.61 27.61
N THR F 36 5.63 -11.73 26.71
CA THR F 36 4.87 -12.18 25.55
C THR F 36 5.75 -12.92 24.56
N TYR F 37 7.04 -12.60 24.50
CA TYR F 37 7.98 -13.49 23.83
C TYR F 37 8.70 -14.36 24.85
N GLY F 38 8.83 -13.89 26.09
CA GLY F 38 9.46 -14.68 27.11
C GLY F 38 10.95 -14.84 26.93
N LYS F 39 11.70 -13.76 27.12
CA LYS F 39 13.15 -13.84 27.04
C LYS F 39 13.75 -12.90 28.05
N LEU F 40 15.04 -13.08 28.32
CA LEU F 40 15.78 -12.25 29.25
C LEU F 40 17.08 -11.86 28.59
N THR F 41 17.32 -10.56 28.47
CA THR F 41 18.54 -10.03 27.87
C THR F 41 19.23 -9.22 28.96
N LEU F 42 20.29 -9.77 29.55
CA LEU F 42 20.79 -9.29 30.82
C LEU F 42 22.28 -9.05 30.71
N LYS F 43 22.73 -7.87 31.12
CA LYS F 43 24.16 -7.55 31.15
C LYS F 43 24.59 -7.57 32.62
N PHE F 44 25.44 -8.54 32.96
CA PHE F 44 25.84 -8.75 34.33
C PHE F 44 27.32 -8.46 34.49
N ILE F 45 27.68 -7.85 35.62
CA ILE F 45 29.01 -7.33 35.87
C ILE F 45 29.46 -7.78 37.26
N CYS F 46 30.63 -8.41 37.32
CA CYS F 46 31.25 -8.78 38.60
C CYS F 46 31.89 -7.54 39.19
N THR F 47 31.24 -6.96 40.21
CA THR F 47 31.70 -5.73 40.83
C THR F 47 32.49 -5.95 42.13
N THR F 48 33.13 -7.11 42.28
CA THR F 48 34.01 -7.33 43.42
C THR F 48 35.42 -7.73 43.02
N GLY F 49 35.66 -8.13 41.78
CA GLY F 49 36.93 -8.70 41.42
C GLY F 49 36.80 -10.00 40.63
N LYS F 50 37.28 -11.10 41.20
CA LYS F 50 37.31 -12.37 40.51
C LYS F 50 36.31 -13.35 41.11
N LEU F 51 35.91 -14.31 40.29
CA LEU F 51 34.86 -15.24 40.65
C LEU F 51 35.44 -16.40 41.46
N PRO F 52 34.98 -16.63 42.68
CA PRO F 52 35.37 -17.84 43.40
C PRO F 52 34.80 -19.08 42.74
N VAL F 53 33.48 -19.11 42.59
CA VAL F 53 32.84 -20.16 41.82
C VAL F 53 32.49 -19.55 40.47
N PRO F 54 32.56 -20.29 39.38
CA PRO F 54 32.43 -19.67 38.07
C PRO F 54 30.99 -19.42 37.73
N TRP F 55 30.80 -18.47 36.82
CA TRP F 55 29.56 -18.06 36.18
C TRP F 55 28.57 -19.18 35.81
N PRO F 56 28.98 -20.34 35.27
CA PRO F 56 27.96 -21.39 35.06
C PRO F 56 27.39 -21.93 36.36
N THR F 57 28.19 -22.05 37.41
CA THR F 57 27.63 -22.36 38.72
C THR F 57 26.84 -21.20 39.34
N LEU F 58 26.74 -20.08 38.64
CA LEU F 58 26.04 -18.90 39.09
C LEU F 58 24.69 -18.69 38.41
N VAL F 59 24.49 -19.28 37.23
CA VAL F 59 23.39 -18.83 36.37
C VAL F 59 22.04 -19.33 36.87
N THR F 60 21.98 -20.51 37.49
CA THR F 60 20.71 -20.94 38.04
C THR F 60 20.35 -20.18 39.32
N THR F 61 21.39 -19.43 40.03
CA THR F 61 21.27 -18.52 41.17
C THR F 61 20.87 -17.10 40.73
N PHE F 62 21.06 -16.88 39.17
CA PHE F 62 20.85 -15.48 38.77
C PHE F 62 19.35 -15.18 38.74
N1 GYS F 63 19.00 -16.07 37.45
OG1 GYS F 63 16.58 -17.11 35.10
CB1 GYS F 63 17.68 -16.29 35.50
CA1 GYS F 63 17.65 -16.20 36.98
C1 GYS F 63 17.11 -17.49 37.45
N2 GYS F 63 17.33 -18.68 36.80
N3 GYS F 63 16.34 -17.65 38.54
C2 GYS F 63 16.06 -18.95 38.61
O2 GYS F 63 15.36 -19.54 39.50
CA2 GYS F 63 16.68 -19.64 37.48
CA3 GYS F 63 15.91 -16.61 39.47
CB2 GYS F 63 16.66 -21.09 37.13
CG2 GYS F 63 17.33 -21.76 35.97
CD1 GYS F 63 17.74 -23.08 36.12
CD2 GYS F 63 17.55 -21.11 34.77
CE1 GYS F 63 18.36 -23.78 35.10
CE2 GYS F 63 18.18 -21.80 33.76
CZ GYS F 63 18.58 -23.13 33.92
OH GYS F 63 19.19 -23.82 32.90
C3 GYS F 63 14.44 -16.26 39.23
O3 GYS F 63 13.57 -17.06 39.67
N VAL F 64 13.93 -15.09 38.96
CA VAL F 64 13.60 -14.20 37.87
C VAL F 64 12.94 -15.13 36.85
N GLN F 65 12.08 -16.30 37.43
CA GLN F 65 11.38 -17.30 36.63
C GLN F 65 10.01 -16.86 36.20
N CYS F 66 9.59 -15.71 36.29
CA CYS F 66 8.28 -15.17 35.95
C CYS F 66 8.20 -14.70 34.50
N PHE F 67 9.31 -14.68 33.79
CA PHE F 67 9.35 -14.15 32.43
C PHE F 67 9.20 -15.22 31.39
N SER F 68 8.37 -16.22 31.68
CA SER F 68 8.11 -17.29 30.73
C SER F 68 7.25 -16.78 29.57
N ARG F 69 7.20 -17.58 28.51
CA ARG F 69 6.24 -17.36 27.43
C ARG F 69 5.13 -18.39 27.54
N TYR F 70 3.89 -17.92 27.64
CA TYR F 70 2.78 -18.85 27.75
C TYR F 70 1.89 -18.81 26.54
N PRO F 71 1.65 -19.95 25.90
CA PRO F 71 0.54 -20.04 24.95
C PRO F 71 -0.81 -20.03 25.65
N ASP F 72 -1.89 -20.14 24.86
CA ASP F 72 -3.21 -19.76 25.33
C ASP F 72 -3.79 -20.68 26.41
N HIS F 73 -3.30 -21.91 26.52
CA HIS F 73 -4.00 -22.88 27.36
C HIS F 73 -3.46 -22.96 28.77
N MET F 74 -2.16 -22.68 28.97
CA MET F 74 -1.55 -22.75 30.28
C MET F 74 -1.62 -21.43 31.03
N LYS F 75 -2.53 -20.54 30.61
CA LYS F 75 -2.68 -19.24 31.27
C LYS F 75 -3.25 -19.39 32.67
N ARG F 76 -4.06 -20.43 32.89
CA ARG F 76 -4.59 -20.69 34.22
C ARG F 76 -3.54 -21.32 35.13
N HIS F 77 -2.56 -22.01 34.55
CA HIS F 77 -1.71 -22.93 35.30
C HIS F 77 -0.37 -22.33 35.66
N ASP F 78 -0.32 -21.06 36.04
CA ASP F 78 0.91 -20.43 36.50
C ASP F 78 0.78 -20.04 37.95
N PHE F 79 1.84 -20.31 38.70
CA PHE F 79 1.98 -19.70 40.01
C PHE F 79 2.65 -18.33 39.96
N PHE F 80 3.58 -18.14 39.03
CA PHE F 80 4.47 -16.99 39.05
C PHE F 80 3.82 -15.70 38.55
N LYS F 81 2.52 -15.72 38.28
CA LYS F 81 1.74 -14.51 38.05
C LYS F 81 0.69 -14.32 39.14
N SER F 82 0.79 -15.08 40.23
CA SER F 82 -0.11 -14.93 41.37
C SER F 82 0.52 -14.22 42.53
N ALA F 83 1.79 -14.50 42.83
CA ALA F 83 2.54 -13.78 43.84
C ALA F 83 3.14 -12.48 43.33
N MET F 84 2.94 -12.17 42.09
CA MET F 84 3.44 -10.91 41.59
C MET F 84 2.26 -10.01 41.26
N PRO F 85 2.34 -8.70 41.53
CA PRO F 85 3.48 -7.89 41.96
C PRO F 85 3.76 -7.89 43.47
N GLU F 86 3.12 -8.80 44.21
CA GLU F 86 3.22 -8.80 45.66
C GLU F 86 4.63 -9.17 46.14
N GLY F 87 5.35 -9.97 45.39
CA GLY F 87 6.68 -10.35 45.80
C GLY F 87 6.85 -11.85 45.89
N TYR F 88 8.11 -12.27 45.90
CA TYR F 88 8.46 -13.67 45.73
C TYR F 88 9.74 -13.98 46.48
N VAL F 89 9.82 -15.19 47.04
CA VAL F 89 10.97 -15.61 47.83
C VAL F 89 11.35 -17.01 47.38
N GLN F 90 12.63 -17.23 47.08
CA GLN F 90 13.02 -18.58 46.72
C GLN F 90 14.37 -18.94 47.33
N GLU F 91 14.42 -20.15 47.87
CA GLU F 91 15.65 -20.70 48.42
C GLU F 91 15.90 -22.06 47.81
N ARG F 92 17.17 -22.37 47.59
CA ARG F 92 17.49 -23.64 46.95
C ARG F 92 18.56 -24.39 47.73
N THR F 93 18.39 -25.71 47.77
CA THR F 93 19.44 -26.63 48.14
C THR F 93 20.01 -27.18 46.84
N ILE F 94 21.28 -26.89 46.57
CA ILE F 94 21.92 -27.27 45.33
C ILE F 94 23.01 -28.25 45.69
N SER F 95 22.81 -29.51 45.37
CA SER F 95 23.80 -30.52 45.70
C SER F 95 24.64 -30.80 44.46
N PHE F 96 25.91 -30.41 44.55
CA PHE F 96 26.94 -30.90 43.64
C PHE F 96 27.23 -32.34 44.01
N LYS F 97 27.13 -33.25 43.04
CA LYS F 97 27.72 -34.56 43.25
C LYS F 97 29.23 -34.42 43.19
N ASP F 98 29.92 -35.23 44.01
CA ASP F 98 31.37 -35.22 44.22
C ASP F 98 31.91 -33.91 44.80
N ASP F 99 31.04 -33.06 45.33
CA ASP F 99 31.45 -31.80 45.95
C ASP F 99 30.36 -31.43 46.96
N GLY F 100 30.41 -30.22 47.49
CA GLY F 100 29.53 -29.84 48.57
C GLY F 100 28.20 -29.27 48.15
N ASN F 101 27.73 -28.26 48.89
CA ASN F 101 26.34 -27.84 48.77
C ASN F 101 26.20 -26.33 48.80
N TYR F 102 25.38 -25.81 47.88
CA TYR F 102 24.90 -24.45 47.96
C TYR F 102 23.60 -24.41 48.75
N LYS F 103 23.51 -23.44 49.66
CA LYS F 103 22.22 -23.00 50.17
C LYS F 103 22.07 -21.57 49.70
N THR F 104 21.16 -21.35 48.75
CA THR F 104 20.99 -20.01 48.23
C THR F 104 19.68 -19.44 48.76
N ARG F 105 19.69 -18.12 48.91
CA ARG F 105 18.82 -17.37 49.80
C ARG F 105 18.43 -16.11 49.05
N ALA F 106 17.29 -16.11 48.37
CA ALA F 106 17.01 -14.99 47.52
C ALA F 106 15.58 -14.55 47.65
N GLU F 107 15.36 -13.24 47.57
CA GLU F 107 14.02 -12.72 47.40
C GLU F 107 13.95 -12.02 46.06
N VAL F 108 12.99 -12.42 45.25
CA VAL F 108 12.77 -11.93 43.91
C VAL F 108 11.47 -11.15 43.97
N LYS F 109 11.54 -9.82 43.89
CA LYS F 109 10.31 -9.06 44.01
C LYS F 109 10.39 -7.77 43.20
N PHE F 110 9.21 -7.27 42.87
CA PHE F 110 9.05 -5.96 42.25
C PHE F 110 9.28 -4.88 43.30
N GLU F 111 10.52 -4.41 43.41
CA GLU F 111 10.83 -3.28 44.26
C GLU F 111 10.59 -2.02 43.46
N GLY F 112 9.72 -1.16 43.96
CA GLY F 112 9.17 -0.08 43.17
C GLY F 112 8.46 -0.66 41.97
N ASP F 113 9.06 -0.50 40.80
CA ASP F 113 8.64 -1.17 39.58
C ASP F 113 9.51 -2.37 39.27
N THR F 114 10.81 -2.24 39.45
CA THR F 114 11.75 -3.13 38.79
C THR F 114 11.86 -4.47 39.52
N LEU F 115 12.16 -5.51 38.74
CA LEU F 115 12.35 -6.84 39.30
C LEU F 115 13.73 -6.88 39.90
N VAL F 116 13.82 -6.89 41.22
CA VAL F 116 15.08 -7.05 41.91
C VAL F 116 15.18 -8.49 42.39
N ASN F 117 16.29 -9.13 42.09
CA ASN F 117 16.63 -10.40 42.70
C ASN F 117 17.76 -10.13 43.69
N ARG F 118 17.44 -10.15 44.98
CA ARG F 118 18.40 -10.04 46.05
C ARG F 118 18.84 -11.44 46.44
N ILE F 119 20.10 -11.79 46.16
CA ILE F 119 20.59 -13.13 46.45
C ILE F 119 21.72 -13.00 47.46
N GLU F 120 21.63 -13.79 48.52
CA GLU F 120 22.78 -14.12 49.34
C GLU F 120 22.97 -15.63 49.18
N LEU F 121 24.17 -16.01 48.80
CA LEU F 121 24.49 -17.41 48.59
C LEU F 121 25.51 -17.84 49.63
N LYS F 122 25.27 -18.97 50.27
CA LYS F 122 26.26 -19.52 51.18
C LYS F 122 26.61 -20.93 50.73
N GLY F 123 27.86 -21.13 50.35
CA GLY F 123 28.29 -22.42 49.86
C GLY F 123 29.16 -23.14 50.87
N ILE F 124 28.61 -24.21 51.45
CA ILE F 124 29.30 -24.94 52.49
C ILE F 124 29.63 -26.33 51.97
N ASP F 125 30.35 -27.10 52.80
CA ASP F 125 30.75 -28.48 52.57
C ASP F 125 31.75 -28.62 51.43
N PHE F 126 32.54 -27.59 51.16
CA PHE F 126 33.40 -27.57 49.99
C PHE F 126 34.83 -27.99 50.29
N LYS F 127 35.43 -28.71 49.34
CA LYS F 127 36.87 -28.86 49.24
C LYS F 127 37.31 -28.08 48.00
N GLU F 128 38.38 -27.30 48.15
CA GLU F 128 38.79 -26.38 47.10
C GLU F 128 39.40 -27.10 45.91
N ASP F 129 39.95 -28.29 46.11
CA ASP F 129 40.64 -29.02 45.06
C ASP F 129 39.71 -29.95 44.26
N GLY F 130 38.43 -29.58 44.13
CA GLY F 130 37.55 -30.27 43.22
C GLY F 130 37.59 -29.68 41.83
N ASN F 131 36.43 -29.42 41.24
CA ASN F 131 36.34 -28.82 39.91
C ASN F 131 35.82 -27.39 39.92
N ILE F 132 34.94 -27.05 40.87
CA ILE F 132 34.26 -25.76 40.82
C ILE F 132 35.20 -24.65 41.28
N LEU F 133 35.85 -24.83 42.43
CA LEU F 133 36.88 -23.88 42.83
C LEU F 133 38.18 -24.06 42.06
N GLY F 134 38.34 -25.16 41.33
CA GLY F 134 39.40 -25.25 40.36
C GLY F 134 39.09 -24.60 39.04
N HIS F 135 37.85 -24.11 38.88
CA HIS F 135 37.39 -23.38 37.70
C HIS F 135 37.51 -24.21 36.43
N LYS F 136 36.96 -25.43 36.49
CA LYS F 136 37.01 -26.37 35.38
C LYS F 136 35.81 -26.26 34.45
N LEU F 137 35.13 -25.13 34.41
CA LEU F 137 33.89 -25.01 33.66
C LEU F 137 34.14 -24.36 32.31
N GLU F 138 33.56 -24.95 31.27
CA GLU F 138 33.51 -24.27 29.98
C GLU F 138 32.54 -23.11 30.06
N TYR F 139 32.78 -22.11 29.22
CA TYR F 139 31.96 -20.89 29.24
C TYR F 139 30.71 -21.14 28.41
N ASN F 140 29.76 -21.84 29.02
CA ASN F 140 28.55 -22.27 28.33
C ASN F 140 27.48 -22.66 29.34
N TYR F 141 26.25 -22.75 28.87
CA TYR F 141 25.20 -23.32 29.69
C TYR F 141 24.21 -24.07 28.80
N ASN F 142 23.73 -25.20 29.28
CA ASN F 142 22.97 -26.14 28.49
C ASN F 142 21.48 -25.79 28.48
N SER F 143 20.68 -26.66 27.88
CA SER F 143 19.23 -26.52 27.82
C SER F 143 18.61 -27.51 28.80
N HIS F 144 17.49 -27.13 29.42
CA HIS F 144 16.98 -27.95 30.52
C HIS F 144 15.48 -27.94 30.57
N ASN F 145 14.95 -28.74 31.49
CA ASN F 145 13.53 -28.84 31.77
C ASN F 145 13.33 -28.80 33.28
N VAL F 146 12.74 -27.71 33.76
CA VAL F 146 12.49 -27.51 35.19
C VAL F 146 11.13 -28.13 35.51
N TYR F 147 11.10 -29.10 36.44
CA TYR F 147 9.84 -29.71 36.83
C TYR F 147 9.24 -28.96 38.02
N ILE F 148 7.98 -28.56 37.87
CA ILE F 148 7.28 -27.71 38.82
C ILE F 148 6.12 -28.49 39.41
N THR F 149 6.05 -28.56 40.74
CA THR F 149 4.87 -29.03 41.44
C THR F 149 4.58 -28.12 42.62
N ALA F 150 3.42 -28.30 43.22
CA ALA F 150 2.93 -27.45 44.30
C ALA F 150 2.77 -28.25 45.57
N ASP F 151 2.94 -27.58 46.71
CA ASP F 151 2.58 -28.15 48.00
C ASP F 151 1.58 -27.24 48.70
N LYS F 152 0.65 -27.85 49.43
CA LYS F 152 -0.45 -27.12 50.03
C LYS F 152 -0.34 -27.01 51.55
N GLN F 153 0.57 -27.76 52.17
CA GLN F 153 0.89 -27.50 53.57
C GLN F 153 1.66 -26.20 53.72
N LYS F 154 2.44 -25.82 52.71
CA LYS F 154 3.16 -24.57 52.70
C LYS F 154 2.57 -23.61 51.67
N ASN F 155 1.55 -24.08 50.93
CA ASN F 155 0.90 -23.52 49.74
C ASN F 155 1.86 -22.79 48.81
N GLY F 156 2.99 -23.43 48.50
CA GLY F 156 3.98 -22.85 47.63
C GLY F 156 4.37 -23.80 46.51
N ILE F 157 5.50 -23.55 45.88
CA ILE F 157 5.96 -24.33 44.74
C ILE F 157 7.28 -25.01 45.09
N LYS F 158 7.32 -26.33 44.92
CA LYS F 158 8.54 -27.09 45.01
C LYS F 158 8.95 -27.48 43.59
N ALA F 159 10.19 -27.15 43.24
CA ALA F 159 10.71 -27.42 41.91
C ALA F 159 11.87 -28.39 42.03
N ASN F 160 11.85 -29.40 41.17
CA ASN F 160 12.93 -30.36 41.08
C ASN F 160 13.54 -30.25 39.70
N PHE F 161 14.88 -30.14 39.64
CA PHE F 161 15.56 -30.38 38.37
C PHE F 161 17.02 -30.76 38.61
N LYS F 162 17.60 -31.36 37.58
CA LYS F 162 19.02 -31.65 37.52
C LYS F 162 19.61 -30.82 36.39
N ILE F 163 20.82 -30.30 36.59
CA ILE F 163 21.50 -29.54 35.56
C ILE F 163 22.88 -30.11 35.30
N ARG F 164 23.40 -29.78 34.13
CA ARG F 164 24.54 -30.48 33.53
C ARG F 164 25.56 -29.44 33.10
N HIS F 165 26.68 -29.37 33.81
CA HIS F 165 27.73 -28.42 33.47
C HIS F 165 28.84 -29.09 32.68
N ASN F 166 29.15 -28.51 31.54
CA ASN F 166 30.21 -29.00 30.68
C ASN F 166 31.55 -28.69 31.35
N ILE F 167 32.23 -29.73 31.82
CA ILE F 167 33.52 -29.55 32.48
C ILE F 167 34.59 -29.51 31.42
N GLU F 168 35.63 -28.68 31.63
CA GLU F 168 36.63 -28.49 30.58
C GLU F 168 37.51 -29.71 30.39
N ASP F 169 37.48 -30.68 31.31
CA ASP F 169 38.19 -31.93 31.04
C ASP F 169 37.46 -32.83 30.05
N GLY F 170 36.22 -32.51 29.71
CA GLY F 170 35.40 -33.36 28.88
C GLY F 170 34.32 -34.11 29.62
N SER F 171 34.09 -33.79 30.89
CA SER F 171 33.07 -34.43 31.68
C SER F 171 31.92 -33.48 31.94
N VAL F 172 30.99 -33.92 32.76
CA VAL F 172 29.84 -33.10 33.13
C VAL F 172 29.69 -33.17 34.64
N GLN F 173 29.32 -32.04 35.23
CA GLN F 173 28.88 -32.00 36.61
C GLN F 173 27.37 -32.07 36.59
N LEU F 174 26.82 -33.20 37.00
CA LEU F 174 25.39 -33.29 37.24
C LEU F 174 25.15 -32.77 38.65
N ALA F 175 24.34 -31.74 38.76
CA ALA F 175 24.04 -31.14 40.05
C ALA F 175 22.55 -30.96 40.17
N ASP F 176 21.98 -31.33 41.30
CA ASP F 176 20.53 -31.27 41.43
C ASP F 176 20.10 -30.09 42.29
N HIS F 177 19.10 -29.38 41.77
CA HIS F 177 18.43 -28.28 42.45
C HIS F 177 17.12 -28.76 43.05
N TYR F 178 16.98 -28.51 44.35
CA TYR F 178 15.70 -28.58 45.07
C TYR F 178 15.32 -27.16 45.44
N GLN F 179 14.17 -26.70 44.96
CA GLN F 179 13.82 -25.29 44.96
C GLN F 179 12.52 -25.07 45.72
N GLN F 180 12.53 -24.10 46.64
CA GLN F 180 11.35 -23.74 47.40
C GLN F 180 10.94 -22.31 47.05
N ASN F 181 9.65 -22.14 46.77
CA ASN F 181 9.12 -20.94 46.14
C ASN F 181 7.90 -20.46 46.92
N THR F 182 7.97 -19.23 47.42
CA THR F 182 7.12 -18.70 48.45
C THR F 182 6.56 -17.36 48.02
N PRO F 183 5.27 -17.10 48.24
CA PRO F 183 4.74 -15.76 48.04
C PRO F 183 5.17 -14.83 49.17
N ILE F 184 5.03 -13.54 48.94
CA ILE F 184 5.11 -12.55 50.01
C ILE F 184 3.73 -12.01 50.37
N GLY F 185 2.99 -11.51 49.39
CA GLY F 185 1.57 -11.26 49.58
C GLY F 185 0.78 -12.56 49.63
N ASP F 186 -0.47 -12.45 50.04
CA ASP F 186 -1.28 -13.63 50.31
C ASP F 186 -2.62 -13.54 49.60
N GLY F 187 -2.61 -13.03 48.37
CA GLY F 187 -3.83 -12.86 47.62
C GLY F 187 -4.26 -14.14 46.93
N PRO F 188 -4.67 -14.03 45.64
CA PRO F 188 -5.10 -15.22 44.91
C PRO F 188 -3.92 -16.11 44.56
N VAL F 189 -3.74 -17.20 45.26
CA VAL F 189 -2.64 -18.11 44.93
C VAL F 189 -3.14 -19.09 43.87
N LEU F 190 -2.25 -19.47 42.97
CA LEU F 190 -2.57 -20.41 41.91
C LEU F 190 -1.56 -21.54 41.98
N LEU F 191 -2.03 -22.72 42.38
CA LEU F 191 -1.16 -23.88 42.56
C LEU F 191 -1.54 -24.93 41.52
N PRO F 192 -0.87 -24.95 40.35
CA PRO F 192 -1.22 -25.92 39.32
C PRO F 192 -0.57 -27.28 39.56
N ASP F 193 -0.74 -28.18 38.60
CA ASP F 193 -0.18 -29.52 38.66
C ASP F 193 1.29 -29.54 38.24
N ASN F 194 1.79 -30.72 37.92
CA ASN F 194 3.11 -30.86 37.34
C ASN F 194 3.19 -30.19 35.98
N HIS F 195 4.21 -29.35 35.79
CA HIS F 195 4.54 -28.91 34.44
C HIS F 195 6.03 -28.67 34.36
N TYR F 196 6.50 -28.14 33.24
CA TYR F 196 7.94 -28.03 33.07
C TYR F 196 8.29 -26.84 32.20
N LEU F 197 9.30 -26.09 32.67
CA LEU F 197 9.89 -25.00 31.89
C LEU F 197 10.98 -25.59 31.02
N SER F 198 10.76 -25.61 29.72
CA SER F 198 11.81 -25.91 28.76
C SER F 198 12.60 -24.63 28.53
N THR F 199 13.84 -24.61 28.97
CA THR F 199 14.64 -23.41 28.98
C THR F 199 15.93 -23.61 28.20
N GLN F 200 16.43 -22.53 27.63
CA GLN F 200 17.74 -22.58 27.00
C GLN F 200 18.43 -21.23 27.19
N SER F 201 19.74 -21.21 27.06
CA SER F 201 20.51 -20.05 27.45
C SER F 201 21.57 -19.75 26.40
N ALA F 202 22.37 -18.72 26.69
CA ALA F 202 23.52 -18.34 25.88
C ALA F 202 24.38 -17.41 26.72
N LEU F 203 25.66 -17.73 26.83
CA LEU F 203 26.63 -16.92 27.53
C LEU F 203 27.66 -16.39 26.54
N SER F 204 27.92 -15.09 26.58
CA SER F 204 28.78 -14.43 25.61
C SER F 204 29.42 -13.23 26.29
N LYS F 205 30.15 -12.41 25.52
CA LYS F 205 30.82 -11.24 26.09
C LYS F 205 30.71 -10.06 25.14
N ASP F 206 31.15 -8.90 25.66
CA ASP F 206 31.16 -7.64 24.94
C ASP F 206 32.58 -7.30 24.54
N PRO F 207 32.85 -7.09 23.25
CA PRO F 207 34.23 -6.79 22.85
C PRO F 207 34.72 -5.41 23.24
N ASN F 208 33.82 -4.49 23.58
CA ASN F 208 34.18 -3.14 23.98
C ASN F 208 33.92 -2.91 25.46
N GLU F 209 34.16 -3.92 26.28
CA GLU F 209 34.03 -3.79 27.72
C GLU F 209 35.28 -4.38 28.33
N LYS F 210 35.69 -3.82 29.47
CA LYS F 210 37.04 -4.04 29.97
C LYS F 210 37.11 -5.19 30.97
N ARG F 211 36.23 -5.21 31.97
CA ARG F 211 36.40 -6.11 33.10
C ARG F 211 35.75 -7.47 32.84
N ASP F 212 35.81 -8.34 33.84
CA ASP F 212 35.35 -9.72 33.74
C ASP F 212 33.84 -9.73 33.95
N HIS F 213 33.09 -9.77 32.85
CA HIS F 213 31.64 -9.59 32.89
C HIS F 213 30.96 -10.74 32.14
N MET F 214 29.80 -11.14 32.64
CA MET F 214 28.99 -12.20 32.03
C MET F 214 27.79 -11.59 31.35
N VAL F 215 27.63 -11.86 30.06
CA VAL F 215 26.45 -11.42 29.32
C VAL F 215 25.55 -12.62 29.17
N LEU F 216 24.29 -12.46 29.56
CA LEU F 216 23.33 -13.56 29.62
C LEU F 216 22.22 -13.26 28.63
N LEU F 217 21.90 -14.25 27.80
CA LEU F 217 20.67 -14.17 27.02
C LEU F 217 19.97 -15.50 27.22
N GLU F 218 18.64 -15.46 27.36
CA GLU F 218 18.01 -16.67 27.84
C GLU F 218 16.56 -16.73 27.38
N PHE F 219 16.12 -17.92 26.99
CA PHE F 219 14.75 -18.17 26.57
C PHE F 219 14.10 -19.15 27.53
N VAL F 220 12.85 -18.85 27.91
CA VAL F 220 12.04 -19.73 28.73
C VAL F 220 10.75 -20.03 27.96
N THR F 221 10.32 -21.29 27.99
CA THR F 221 8.99 -21.67 27.55
C THR F 221 8.48 -22.63 28.62
N ALA F 222 7.17 -22.77 28.75
CA ALA F 222 6.62 -23.83 29.58
C ALA F 222 5.78 -24.78 28.73
N ALA F 223 5.54 -25.97 29.27
CA ALA F 223 4.67 -26.95 28.65
C ALA F 223 4.25 -27.98 29.70
N GLY F 224 3.37 -28.88 29.29
CA GLY F 224 2.84 -29.91 30.17
C GLY F 224 1.34 -29.77 30.42
N ILE F 225 0.87 -28.55 30.57
CA ILE F 225 -0.49 -28.29 31.03
C ILE F 225 -0.98 -26.93 30.55
MG MG G . -31.22 -11.08 -10.13
BE BEF H . -33.38 -10.73 -10.43
F1 BEF H . -34.98 -10.08 -10.05
F2 BEF H . -32.20 -9.64 -11.14
F3 BEF H . -32.78 -12.08 -9.45
PB ADP I . -33.91 -11.28 -11.96
O1B ADP I . -34.53 -11.41 -13.33
O2B ADP I . -32.59 -11.97 -11.79
O3B ADP I . -33.95 -9.88 -11.39
PA ADP I . -34.94 -13.71 -11.08
O1A ADP I . -34.44 -14.15 -12.43
O2A ADP I . -34.27 -14.22 -9.84
O3A ADP I . -34.88 -12.11 -10.99
O5' ADP I . -36.50 -14.04 -10.97
C5' ADP I . -37.41 -13.63 -11.98
C4' ADP I . -38.70 -14.40 -11.76
O4' ADP I . -39.43 -14.47 -12.99
C3' ADP I . -38.40 -15.82 -11.34
O3' ADP I . -38.78 -16.00 -9.97
C2' ADP I . -39.27 -16.71 -12.21
O2' ADP I . -40.24 -17.37 -11.41
C1' ADP I . -39.96 -15.77 -13.19
N9 ADP I . -39.63 -16.22 -14.55
C8 ADP I . -38.47 -16.00 -15.19
N7 ADP I . -38.48 -16.53 -16.43
C5 ADP I . -39.68 -17.11 -16.60
C6 ADP I . -40.35 -17.85 -17.69
N6 ADP I . -39.71 -18.07 -18.85
N1 ADP I . -41.61 -18.28 -17.47
C2 ADP I . -42.24 -18.05 -16.31
N3 ADP I . -41.69 -17.39 -15.28
C4 ADP I . -40.44 -16.90 -15.36
#